data_6OQK
#
_entry.id   6OQK
#
loop_
_entity.id
_entity.type
_entity.pdbx_description
1 polymer 'Plasminogen Kringle 2'
2 polymer 'Plasminogen-binding group A streptococcal M-like protein PAM'
#
loop_
_entity_poly.entity_id
_entity_poly.type
_entity_poly.pdbx_seq_one_letter_code
_entity_poly.pdbx_strand_id
1 'polypeptide(L)'
;YVEFSEECMHGSGENYDGKISKTMSGLECQAWDSQSPHAHGYIPSKFPNKNLKKNYCRNPDRDLRPWCFTTDPNKRWEYC
DIPRCAA
;
A
2 'polypeptide(L)' GSVEKLTADAELQRLKNERHEEAELERLKSEAADHDKKEAERKALEDKLADY B
#
# COMPACT_ATOMS: atom_id res chain seq x y z
N TYR A 1 3.57 -5.16 -19.93
CA TYR A 1 3.75 -3.72 -19.64
C TYR A 1 3.04 -2.87 -20.70
N VAL A 2 3.41 -3.08 -21.97
CA VAL A 2 2.82 -2.35 -23.06
C VAL A 2 1.64 -3.13 -23.65
N GLU A 3 1.21 -2.75 -24.84
CA GLU A 3 0.09 -3.43 -25.50
C GLU A 3 0.47 -4.87 -25.84
N PHE A 4 1.69 -5.05 -26.30
CA PHE A 4 2.18 -6.38 -26.66
C PHE A 4 3.42 -6.73 -25.85
N SER A 5 3.23 -7.41 -24.73
CA SER A 5 4.34 -7.80 -23.87
C SER A 5 3.94 -8.91 -22.91
N GLU A 6 4.60 -10.05 -23.02
CA GLU A 6 4.30 -11.20 -22.16
C GLU A 6 5.51 -11.53 -21.28
N GLU A 7 5.92 -10.58 -20.47
CA GLU A 7 7.06 -10.74 -19.57
C GLU A 7 6.72 -11.73 -18.45
N CYS A 8 7.73 -12.42 -17.95
CA CYS A 8 7.53 -13.39 -16.89
C CYS A 8 8.13 -12.90 -15.57
N MET A 9 7.30 -12.92 -14.54
CA MET A 9 7.72 -12.50 -13.20
C MET A 9 8.03 -13.72 -12.34
N HIS A 10 8.63 -13.50 -11.18
CA HIS A 10 8.97 -14.60 -10.29
C HIS A 10 7.72 -15.21 -9.68
N GLY A 11 6.87 -14.40 -9.06
CA GLY A 11 5.66 -14.94 -8.47
C GLY A 11 4.90 -13.99 -7.58
N SER A 12 5.53 -13.46 -6.54
CA SER A 12 4.84 -12.59 -5.59
C SER A 12 5.17 -11.11 -5.82
N GLY A 13 6.05 -10.80 -6.76
CA GLY A 13 6.43 -9.41 -7.01
C GLY A 13 7.24 -8.81 -5.87
N GLU A 14 7.52 -9.62 -4.86
CA GLU A 14 8.28 -9.19 -3.69
C GLU A 14 9.72 -8.83 -4.03
N ASN A 15 10.28 -9.47 -5.05
CA ASN A 15 11.65 -9.22 -5.45
C ASN A 15 11.70 -8.52 -6.81
N TYR A 16 10.60 -7.89 -7.19
CA TYR A 16 10.50 -7.23 -8.48
C TYR A 16 10.70 -5.72 -8.32
N ASP A 17 11.48 -5.12 -9.23
CA ASP A 17 11.76 -3.69 -9.19
C ASP A 17 11.47 -3.06 -10.55
N GLY A 18 10.21 -2.85 -10.85
CA GLY A 18 9.83 -2.26 -12.13
C GLY A 18 9.67 -0.75 -12.05
N LYS A 19 9.60 -0.11 -13.21
CA LYS A 19 9.44 1.34 -13.29
C LYS A 19 7.97 1.70 -13.44
N ILE A 20 7.17 1.18 -12.54
CA ILE A 20 5.74 1.41 -12.54
C ILE A 20 5.39 2.47 -11.49
N SER A 21 4.81 3.58 -11.93
CA SER A 21 4.45 4.66 -11.02
C SER A 21 2.95 4.96 -11.07
N LYS A 22 2.20 4.06 -11.68
CA LYS A 22 0.76 4.23 -11.81
C LYS A 22 0.04 2.99 -11.32
N THR A 23 -1.22 3.17 -10.95
CA THR A 23 -2.04 2.07 -10.49
C THR A 23 -2.94 1.60 -11.63
N MET A 24 -3.61 0.48 -11.45
CA MET A 24 -4.52 -0.04 -12.47
C MET A 24 -5.71 0.90 -12.65
N SER A 25 -6.03 1.65 -11.60
CA SER A 25 -7.14 2.58 -11.60
C SER A 25 -6.76 3.99 -12.04
N GLY A 26 -5.68 4.14 -12.83
CA GLY A 26 -5.29 5.48 -13.29
C GLY A 26 -4.72 6.41 -12.22
N LEU A 27 -4.73 5.98 -10.97
CA LEU A 27 -4.23 6.83 -9.89
C LEU A 27 -2.70 6.86 -9.84
N GLU A 28 -2.16 8.08 -9.75
CA GLU A 28 -0.72 8.30 -9.71
C GLU A 28 -0.12 7.94 -8.34
N CYS A 29 0.99 7.24 -8.35
CA CYS A 29 1.67 6.85 -7.13
C CYS A 29 2.47 8.01 -6.54
N GLN A 30 2.39 8.13 -5.22
CA GLN A 30 3.11 9.15 -4.48
C GLN A 30 4.60 8.80 -4.39
N ALA A 31 5.44 9.82 -4.33
CA ALA A 31 6.88 9.62 -4.22
C ALA A 31 7.24 9.17 -2.80
N TRP A 32 8.14 8.20 -2.72
CA TRP A 32 8.55 7.64 -1.42
C TRP A 32 9.22 8.67 -0.51
N ASP A 33 10.25 9.34 -1.00
CA ASP A 33 10.97 10.33 -0.17
C ASP A 33 10.28 11.69 -0.15
N SER A 34 9.12 11.81 -0.77
CA SER A 34 8.38 13.06 -0.78
C SER A 34 7.29 13.05 0.30
N GLN A 35 7.30 14.07 1.16
CA GLN A 35 6.31 14.16 2.23
C GLN A 35 5.01 14.76 1.70
N SER A 36 4.12 13.88 1.28
CA SER A 36 2.83 14.26 0.76
C SER A 36 1.79 14.28 1.89
N PRO A 37 0.67 15.02 1.70
CA PRO A 37 -0.41 15.09 2.69
C PRO A 37 -0.67 13.73 3.35
N HIS A 38 -0.50 12.67 2.58
CA HIS A 38 -0.67 11.31 3.08
C HIS A 38 0.62 10.89 3.79
N ALA A 39 0.61 10.97 5.11
CA ALA A 39 1.77 10.62 5.92
C ALA A 39 2.12 9.15 5.74
N HIS A 40 3.42 8.85 5.73
CA HIS A 40 3.88 7.49 5.55
C HIS A 40 5.00 7.19 6.54
N GLY A 41 4.92 6.02 7.17
CA GLY A 41 5.92 5.63 8.14
C GLY A 41 7.07 4.84 7.52
N TYR A 42 7.00 4.61 6.21
CA TYR A 42 8.04 3.85 5.53
C TYR A 42 9.15 4.76 5.03
N ILE A 43 9.99 5.22 5.96
CA ILE A 43 11.10 6.09 5.62
C ILE A 43 12.22 5.33 4.92
N PRO A 44 12.64 5.80 3.71
CA PRO A 44 13.71 5.14 2.92
C PRO A 44 15.04 5.06 3.66
N SER A 45 15.24 5.96 4.60
CA SER A 45 16.48 5.99 5.39
C SER A 45 16.58 4.73 6.27
N LYS A 46 15.45 4.10 6.49
CA LYS A 46 15.35 2.89 7.29
C LYS A 46 15.21 1.68 6.39
N PHE A 47 15.21 1.94 5.09
CA PHE A 47 15.00 0.88 4.09
C PHE A 47 15.80 1.17 2.81
N PRO A 48 17.13 1.34 2.91
CA PRO A 48 17.98 1.63 1.75
C PRO A 48 18.23 0.41 0.89
N ASN A 49 17.95 -0.76 1.45
CA ASN A 49 18.16 -2.02 0.75
C ASN A 49 16.87 -2.51 0.11
N LYS A 50 15.86 -1.64 0.07
CA LYS A 50 14.58 -2.01 -0.53
C LYS A 50 14.37 -1.30 -1.86
N ASN A 51 15.38 -0.54 -2.29
CA ASN A 51 15.34 0.19 -3.56
C ASN A 51 14.15 1.15 -3.59
N LEU A 52 13.98 1.90 -2.52
CA LEU A 52 12.90 2.88 -2.43
C LEU A 52 13.30 4.14 -3.18
N LYS A 53 13.01 4.18 -4.47
CA LYS A 53 13.39 5.33 -5.29
C LYS A 53 12.21 5.91 -6.05
N LYS A 54 12.27 7.21 -6.30
CA LYS A 54 11.27 7.95 -7.05
C LYS A 54 9.85 7.74 -6.50
N ASN A 55 9.01 7.12 -7.30
CA ASN A 55 7.61 6.85 -6.93
C ASN A 55 7.15 5.56 -7.57
N TYR A 56 8.06 4.61 -7.68
CA TYR A 56 7.76 3.31 -8.26
C TYR A 56 7.05 2.40 -7.25
N CYS A 57 6.18 1.54 -7.77
CA CYS A 57 5.44 0.61 -6.95
C CYS A 57 6.32 -0.59 -6.62
N ARG A 58 6.53 -0.85 -5.34
CA ARG A 58 7.38 -1.96 -4.92
C ARG A 58 6.76 -2.72 -3.76
N ASN A 59 7.45 -3.75 -3.31
CA ASN A 59 6.99 -4.54 -2.17
C ASN A 59 8.01 -4.42 -1.06
N PRO A 60 7.88 -3.39 -0.21
CA PRO A 60 8.82 -3.11 0.86
C PRO A 60 8.62 -3.94 2.12
N ASP A 61 7.41 -4.46 2.34
CA ASP A 61 7.14 -5.22 3.56
C ASP A 61 7.07 -6.72 3.29
N ARG A 62 7.32 -7.13 2.04
CA ARG A 62 7.27 -8.54 1.66
C ARG A 62 5.83 -9.06 1.71
N ASP A 63 4.92 -8.14 1.44
CA ASP A 63 3.48 -8.41 1.43
C ASP A 63 3.10 -9.39 0.33
N LEU A 64 1.84 -9.78 0.34
CA LEU A 64 1.28 -10.71 -0.65
C LEU A 64 1.64 -10.24 -2.06
N ARG A 65 1.49 -8.94 -2.29
CA ARG A 65 1.81 -8.33 -3.57
C ARG A 65 2.24 -6.89 -3.36
N PRO A 66 3.02 -6.33 -4.32
CA PRO A 66 3.50 -4.94 -4.25
C PRO A 66 2.35 -3.93 -4.09
N TRP A 67 2.67 -2.79 -3.49
CA TRP A 67 1.68 -1.74 -3.26
C TRP A 67 2.38 -0.40 -3.24
N CYS A 68 1.62 0.67 -3.38
CA CYS A 68 2.20 2.01 -3.36
C CYS A 68 1.19 3.03 -2.85
N PHE A 69 1.69 4.14 -2.34
CA PHE A 69 0.85 5.23 -1.86
C PHE A 69 0.31 6.02 -3.04
N THR A 70 -0.82 6.67 -2.85
CA THR A 70 -1.44 7.41 -3.94
C THR A 70 -1.63 8.88 -3.58
N THR A 71 -1.39 9.75 -4.55
CA THR A 71 -1.56 11.19 -4.36
C THR A 71 -3.02 11.60 -4.54
N ASP A 72 -3.93 10.71 -4.18
CA ASP A 72 -5.35 10.97 -4.30
C ASP A 72 -6.00 10.98 -2.93
N PRO A 73 -6.58 12.13 -2.54
CA PRO A 73 -7.23 12.33 -1.22
C PRO A 73 -8.20 11.23 -0.79
N ASN A 74 -8.70 10.42 -1.73
CA ASN A 74 -9.65 9.38 -1.39
C ASN A 74 -8.97 8.01 -1.21
N LYS A 75 -7.81 7.83 -1.82
CA LYS A 75 -7.09 6.57 -1.74
C LYS A 75 -5.68 6.77 -1.20
N ARG A 76 -5.47 6.46 0.08
CA ARG A 76 -4.14 6.60 0.69
C ARG A 76 -3.12 5.74 -0.03
N TRP A 77 -3.48 4.49 -0.31
CA TRP A 77 -2.59 3.56 -0.99
C TRP A 77 -3.39 2.43 -1.61
N GLU A 78 -2.77 1.70 -2.53
CA GLU A 78 -3.45 0.61 -3.24
C GLU A 78 -2.46 -0.48 -3.65
N TYR A 79 -3.01 -1.65 -3.95
CA TYR A 79 -2.21 -2.80 -4.38
C TYR A 79 -1.97 -2.75 -5.88
N CYS A 80 -0.94 -3.43 -6.35
CA CYS A 80 -0.63 -3.47 -7.77
C CYS A 80 -0.65 -4.89 -8.29
N ASP A 81 -1.44 -5.13 -9.33
CA ASP A 81 -1.53 -6.46 -9.92
C ASP A 81 -0.48 -6.63 -11.02
N ILE A 82 0.44 -7.55 -10.78
CA ILE A 82 1.51 -7.83 -11.72
C ILE A 82 1.46 -9.31 -12.09
N PRO A 83 1.60 -9.64 -13.40
CA PRO A 83 1.56 -11.03 -13.88
C PRO A 83 2.41 -11.96 -13.02
N ARG A 84 1.84 -13.11 -12.68
CA ARG A 84 2.52 -14.09 -11.85
C ARG A 84 2.98 -15.27 -12.69
N CYS A 85 4.01 -15.97 -12.21
CA CYS A 85 4.56 -17.10 -12.94
C CYS A 85 3.70 -18.33 -12.72
N ALA A 86 3.31 -18.98 -13.82
CA ALA A 86 2.49 -20.18 -13.75
C ALA A 86 3.31 -21.40 -14.18
N ALA A 87 4.62 -21.21 -14.26
CA ALA A 87 5.52 -22.28 -14.66
C ALA A 87 6.72 -22.33 -13.73
N GLY B 1 17.72 5.07 11.64
CA GLY B 1 16.76 6.19 11.56
C GLY B 1 16.99 7.06 10.34
N SER B 2 18.18 7.63 10.23
CA SER B 2 18.50 8.50 9.11
C SER B 2 19.61 7.93 8.25
N VAL B 3 20.66 7.41 8.88
CA VAL B 3 21.78 6.86 8.14
C VAL B 3 22.01 5.39 8.47
N GLU B 4 21.30 4.90 9.47
CA GLU B 4 21.42 3.52 9.90
C GLU B 4 20.10 2.78 9.70
N LYS B 5 20.20 1.52 9.29
CA LYS B 5 19.02 0.69 9.06
C LYS B 5 18.91 -0.38 10.16
N LEU B 6 19.38 -0.04 11.35
CA LEU B 6 19.36 -0.97 12.48
C LEU B 6 17.93 -1.14 12.98
N THR B 7 17.57 -2.37 13.31
CA THR B 7 16.24 -2.68 13.84
C THR B 7 15.15 -2.31 12.83
N ALA B 8 15.48 -2.46 11.55
CA ALA B 8 14.55 -2.15 10.47
C ALA B 8 13.39 -3.15 10.45
N ASP B 9 13.72 -4.43 10.62
CA ASP B 9 12.72 -5.49 10.62
C ASP B 9 11.60 -5.25 11.63
N ALA B 10 11.98 -4.87 12.84
CA ALA B 10 10.99 -4.60 13.89
C ALA B 10 10.13 -3.40 13.54
N GLU B 11 10.77 -2.35 13.03
CA GLU B 11 10.07 -1.14 12.66
C GLU B 11 9.13 -1.43 11.49
N LEU B 12 9.59 -2.27 10.57
CA LEU B 12 8.82 -2.66 9.40
C LEU B 12 7.59 -3.44 9.84
N GLN B 13 7.80 -4.36 10.78
CA GLN B 13 6.71 -5.19 11.29
C GLN B 13 5.64 -4.32 11.92
N ARG B 14 6.08 -3.32 12.69
CA ARG B 14 5.15 -2.40 13.34
C ARG B 14 4.41 -1.56 12.31
N LEU B 15 5.12 -1.19 11.24
CA LEU B 15 4.53 -0.41 10.17
C LEU B 15 3.42 -1.19 9.49
N LYS B 16 3.59 -2.51 9.42
CA LYS B 16 2.59 -3.38 8.83
C LYS B 16 1.30 -3.30 9.64
N ASN B 17 1.46 -3.28 10.97
CA ASN B 17 0.34 -3.17 11.90
C ASN B 17 -0.32 -1.80 11.75
N GLU B 18 0.49 -0.81 11.40
CA GLU B 18 0.02 0.55 11.25
C GLU B 18 -0.85 0.65 9.99
N ARG B 19 -0.39 -0.01 8.92
CA ARG B 19 -1.13 -0.02 7.66
C ARG B 19 -2.43 -0.77 7.83
N HIS B 20 -2.38 -1.84 8.63
CA HIS B 20 -3.55 -2.66 8.89
C HIS B 20 -4.62 -1.84 9.61
N GLU B 21 -4.20 -1.10 10.63
CA GLU B 21 -5.12 -0.27 11.41
C GLU B 21 -5.60 0.93 10.59
N GLU B 22 -4.81 1.34 9.62
CA GLU B 22 -5.14 2.49 8.78
C GLU B 22 -6.09 2.09 7.65
N ALA B 23 -5.72 1.05 6.90
CA ALA B 23 -6.51 0.59 5.78
C ALA B 23 -7.89 0.11 6.24
N GLU B 24 -7.93 -0.52 7.40
CA GLU B 24 -9.18 -1.02 7.94
C GLU B 24 -9.98 0.12 8.56
N LEU B 25 -9.29 1.21 8.92
CA LEU B 25 -9.96 2.37 9.48
C LEU B 25 -10.66 3.11 8.35
N GLU B 26 -10.03 3.06 7.17
CA GLU B 26 -10.57 3.66 5.97
C GLU B 26 -11.94 3.06 5.65
N ARG B 27 -12.13 1.79 6.00
CA ARG B 27 -13.42 1.15 5.79
C ARG B 27 -14.47 1.90 6.59
N LEU B 28 -14.16 2.10 7.87
CA LEU B 28 -15.05 2.83 8.78
C LEU B 28 -15.24 4.26 8.29
N LYS B 29 -14.16 4.86 7.78
CA LYS B 29 -14.20 6.21 7.24
C LYS B 29 -15.28 6.32 6.17
N SER B 30 -15.24 5.39 5.23
CA SER B 30 -16.20 5.35 4.15
C SER B 30 -17.61 5.15 4.73
N GLU B 31 -17.71 4.27 5.72
CA GLU B 31 -18.97 3.98 6.38
C GLU B 31 -19.54 5.21 7.10
N ALA B 32 -18.67 6.15 7.43
CA ALA B 32 -19.09 7.37 8.12
C ALA B 32 -19.95 8.22 7.19
N ALA B 33 -19.57 8.26 5.92
CA ALA B 33 -20.29 9.01 4.90
C ALA B 33 -21.76 8.57 4.84
N ASP B 34 -21.97 7.27 4.67
CA ASP B 34 -23.31 6.72 4.62
C ASP B 34 -23.38 5.45 5.48
N HIS B 35 -24.11 5.53 6.57
CA HIS B 35 -24.23 4.41 7.50
C HIS B 35 -25.21 3.36 6.98
N ASP B 36 -26.18 3.79 6.19
CA ASP B 36 -27.18 2.87 5.62
C ASP B 36 -26.47 1.77 4.84
N LYS B 37 -25.54 2.19 4.00
CA LYS B 37 -24.75 1.26 3.20
C LYS B 37 -23.96 0.33 4.11
N LYS B 38 -23.22 0.93 5.02
CA LYS B 38 -22.38 0.24 5.98
C LYS B 38 -23.05 -0.90 6.74
N GLU B 39 -24.04 -0.58 7.55
CA GLU B 39 -24.64 -1.57 8.44
C GLU B 39 -25.93 -2.24 7.98
N ALA B 40 -26.67 -1.70 7.02
CA ALA B 40 -27.99 -2.28 6.78
C ALA B 40 -28.16 -3.48 5.82
N GLU B 41 -28.06 -3.33 4.50
CA GLU B 41 -28.38 -4.50 3.69
C GLU B 41 -27.27 -5.29 2.96
N ARG B 42 -26.87 -4.78 1.79
CA ARG B 42 -25.92 -5.49 0.93
C ARG B 42 -24.46 -5.03 0.90
N LYS B 43 -24.26 -3.76 0.57
CA LYS B 43 -22.92 -3.19 0.32
C LYS B 43 -21.78 -3.75 1.16
N ALA B 44 -21.94 -3.83 2.48
CA ALA B 44 -20.87 -4.37 3.34
C ALA B 44 -20.39 -5.73 2.82
N LEU B 45 -21.32 -6.67 2.77
CA LEU B 45 -21.06 -8.03 2.30
C LEU B 45 -20.34 -8.03 0.94
N GLU B 46 -20.80 -7.18 0.03
CA GLU B 46 -20.21 -7.09 -1.30
C GLU B 46 -18.79 -6.53 -1.27
N ASP B 47 -18.67 -5.30 -0.78
CA ASP B 47 -17.38 -4.61 -0.69
C ASP B 47 -16.32 -5.47 -0.03
N LYS B 48 -16.64 -5.99 1.15
CA LYS B 48 -15.73 -6.85 1.90
C LYS B 48 -15.42 -8.13 1.13
N LEU B 49 -16.46 -8.94 0.90
CA LEU B 49 -16.32 -10.22 0.21
C LEU B 49 -15.33 -11.13 0.95
N ALA B 50 -14.20 -11.43 0.32
CA ALA B 50 -13.19 -12.28 0.94
C ALA B 50 -11.81 -11.99 0.38
N ASP B 51 -10.83 -11.83 1.25
CA ASP B 51 -9.46 -11.56 0.85
C ASP B 51 -8.56 -12.70 1.28
N TYR B 52 -8.62 -13.04 2.55
CA TYR B 52 -7.83 -14.13 3.11
C TYR B 52 -8.74 -15.27 3.52
N TYR A 1 5.94 3.13 -30.34
CA TYR A 1 4.57 3.55 -29.96
C TYR A 1 3.70 2.34 -29.61
N VAL A 2 3.83 1.27 -30.37
CA VAL A 2 3.03 0.06 -30.14
C VAL A 2 3.92 -1.14 -29.82
N GLU A 3 4.86 -0.93 -28.91
CA GLU A 3 5.77 -2.01 -28.50
C GLU A 3 5.09 -2.94 -27.51
N PHE A 4 5.42 -4.22 -27.58
CA PHE A 4 4.84 -5.21 -26.69
C PHE A 4 5.84 -5.58 -25.61
N SER A 5 5.46 -5.32 -24.37
CA SER A 5 6.30 -5.61 -23.23
C SER A 5 5.83 -6.86 -22.52
N GLU A 6 6.37 -8.00 -22.92
CA GLU A 6 6.02 -9.28 -22.34
C GLU A 6 7.26 -9.97 -21.78
N GLU A 7 7.44 -9.89 -20.47
CA GLU A 7 8.58 -10.51 -19.82
C GLU A 7 8.13 -11.44 -18.69
N CYS A 8 9.09 -12.10 -18.06
CA CYS A 8 8.78 -13.02 -16.98
C CYS A 8 9.21 -12.43 -15.63
N MET A 9 8.29 -12.42 -14.69
CA MET A 9 8.56 -11.90 -13.36
C MET A 9 8.97 -13.04 -12.42
N HIS A 10 9.45 -12.68 -11.22
CA HIS A 10 9.88 -13.67 -10.24
C HIS A 10 8.70 -14.51 -9.77
N GLY A 11 7.64 -13.87 -9.31
CA GLY A 11 6.49 -14.62 -8.86
C GLY A 11 5.62 -13.89 -7.86
N SER A 12 6.21 -13.38 -6.79
CA SER A 12 5.45 -12.70 -5.75
C SER A 12 5.54 -11.18 -5.86
N GLY A 13 6.33 -10.68 -6.80
CA GLY A 13 6.47 -9.24 -6.95
C GLY A 13 7.43 -8.63 -5.95
N GLU A 14 7.76 -9.39 -4.90
CA GLU A 14 8.66 -8.92 -3.86
C GLU A 14 10.03 -8.56 -4.43
N ASN A 15 10.44 -9.28 -5.47
CA ASN A 15 11.73 -9.03 -6.11
C ASN A 15 11.55 -8.26 -7.42
N TYR A 16 10.39 -7.63 -7.58
CA TYR A 16 10.10 -6.87 -8.79
C TYR A 16 10.54 -5.41 -8.62
N ASP A 17 11.39 -4.94 -9.52
CA ASP A 17 11.87 -3.57 -9.48
C ASP A 17 11.62 -2.90 -10.82
N GLY A 18 10.37 -2.52 -11.06
CA GLY A 18 10.01 -1.90 -12.33
C GLY A 18 9.73 -0.41 -12.21
N LYS A 19 9.77 0.28 -13.34
CA LYS A 19 9.54 1.73 -13.38
C LYS A 19 8.06 2.06 -13.50
N ILE A 20 7.25 1.44 -12.66
CA ILE A 20 5.82 1.68 -12.68
C ILE A 20 5.45 2.71 -11.61
N SER A 21 4.94 3.85 -12.05
CA SER A 21 4.58 4.93 -11.13
C SER A 21 3.06 5.08 -11.00
N LYS A 22 2.32 4.15 -11.55
CA LYS A 22 0.86 4.20 -11.49
C LYS A 22 0.31 2.87 -11.00
N THR A 23 -0.92 2.89 -10.53
CA THR A 23 -1.58 1.69 -10.05
C THR A 23 -2.55 1.17 -11.12
N MET A 24 -3.42 0.23 -10.76
CA MET A 24 -4.36 -0.35 -11.71
C MET A 24 -5.51 0.62 -12.05
N SER A 25 -5.85 1.51 -11.13
CA SER A 25 -6.94 2.45 -11.34
C SER A 25 -6.47 3.82 -11.86
N GLY A 26 -5.32 3.86 -12.55
CA GLY A 26 -4.82 5.13 -13.07
C GLY A 26 -4.32 6.13 -12.04
N LEU A 27 -4.45 5.84 -10.76
CA LEU A 27 -4.00 6.78 -9.73
C LEU A 27 -2.49 6.94 -9.71
N GLU A 28 -2.04 8.19 -9.59
CA GLU A 28 -0.62 8.51 -9.53
C GLU A 28 -0.04 8.16 -8.18
N CYS A 29 1.06 7.42 -8.18
CA CYS A 29 1.73 7.01 -6.96
C CYS A 29 2.51 8.16 -6.32
N GLN A 30 2.37 8.27 -5.01
CA GLN A 30 3.06 9.28 -4.21
C GLN A 30 4.53 8.88 -4.03
N ALA A 31 5.43 9.85 -4.14
CA ALA A 31 6.86 9.57 -3.97
C ALA A 31 7.15 9.14 -2.54
N TRP A 32 7.95 8.10 -2.41
CA TRP A 32 8.30 7.56 -1.09
C TRP A 32 9.03 8.57 -0.22
N ASP A 33 10.09 9.16 -0.73
CA ASP A 33 10.86 10.14 0.05
C ASP A 33 10.18 11.52 0.10
N SER A 34 9.01 11.63 -0.49
CA SER A 34 8.28 12.90 -0.50
C SER A 34 7.21 12.93 0.60
N GLN A 35 7.14 14.05 1.31
CA GLN A 35 6.16 14.21 2.37
C GLN A 35 4.89 14.86 1.81
N SER A 36 3.98 14.02 1.36
CA SER A 36 2.71 14.46 0.81
C SER A 36 1.64 14.41 1.89
N PRO A 37 0.54 15.17 1.74
CA PRO A 37 -0.58 15.21 2.71
C PRO A 37 -0.84 13.84 3.35
N HIS A 38 -0.67 12.78 2.59
CA HIS A 38 -0.84 11.43 3.11
C HIS A 38 0.46 11.00 3.79
N ALA A 39 0.45 11.04 5.13
CA ALA A 39 1.61 10.68 5.91
C ALA A 39 1.90 9.20 5.79
N HIS A 40 3.15 8.81 5.94
CA HIS A 40 3.54 7.41 5.82
C HIS A 40 4.74 7.07 6.70
N GLY A 41 4.73 5.85 7.21
CA GLY A 41 5.81 5.39 8.06
C GLY A 41 6.85 4.58 7.32
N TYR A 42 6.60 4.33 6.03
CA TYR A 42 7.52 3.54 5.22
C TYR A 42 8.61 4.43 4.60
N ILE A 43 9.41 5.03 5.46
CA ILE A 43 10.49 5.91 5.03
C ILE A 43 11.65 5.11 4.41
N PRO A 44 12.05 5.47 3.18
CA PRO A 44 13.15 4.80 2.46
C PRO A 44 14.47 4.81 3.20
N SER A 45 14.63 5.76 4.11
CA SER A 45 15.83 5.89 4.90
C SER A 45 15.98 4.74 5.89
N LYS A 46 14.91 3.97 6.07
CA LYS A 46 14.92 2.83 6.97
C LYS A 46 15.41 1.57 6.26
N PHE A 47 14.78 1.27 5.13
CA PHE A 47 15.16 0.09 4.34
C PHE A 47 15.60 0.50 2.94
N PRO A 48 16.86 0.93 2.78
CA PRO A 48 17.38 1.35 1.48
C PRO A 48 17.78 0.16 0.61
N ASN A 49 17.67 -1.03 1.19
CA ASN A 49 18.03 -2.26 0.50
C ASN A 49 16.87 -2.75 -0.37
N LYS A 50 15.82 -1.96 -0.45
CA LYS A 50 14.66 -2.32 -1.25
C LYS A 50 14.54 -1.41 -2.46
N ASN A 51 15.54 -0.55 -2.64
CA ASN A 51 15.59 0.40 -3.77
C ASN A 51 14.35 1.30 -3.78
N LEU A 52 14.06 1.91 -2.63
CA LEU A 52 12.90 2.81 -2.52
C LEU A 52 13.24 4.18 -3.09
N LYS A 53 13.30 4.27 -4.41
CA LYS A 53 13.64 5.52 -5.07
C LYS A 53 12.47 6.07 -5.88
N LYS A 54 12.49 7.38 -6.10
CA LYS A 54 11.47 8.09 -6.86
C LYS A 54 10.05 7.83 -6.33
N ASN A 55 9.23 7.16 -7.14
CA ASN A 55 7.85 6.86 -6.76
C ASN A 55 7.38 5.58 -7.44
N TYR A 56 8.30 4.64 -7.61
CA TYR A 56 7.98 3.38 -8.24
C TYR A 56 7.27 2.45 -7.27
N CYS A 57 6.54 1.49 -7.80
CA CYS A 57 5.81 0.54 -6.98
C CYS A 57 6.71 -0.65 -6.63
N ARG A 58 6.79 -0.97 -5.35
CA ARG A 58 7.62 -2.09 -4.90
C ARG A 58 7.07 -2.65 -3.59
N ASN A 59 7.59 -3.78 -3.18
CA ASN A 59 7.16 -4.43 -1.94
C ASN A 59 8.27 -4.35 -0.90
N PRO A 60 8.17 -3.38 0.04
CA PRO A 60 9.18 -3.20 1.07
C PRO A 60 8.89 -3.96 2.37
N ASP A 61 7.66 -4.43 2.55
CA ASP A 61 7.27 -5.12 3.77
C ASP A 61 7.38 -6.64 3.62
N ARG A 62 7.53 -7.11 2.38
CA ARG A 62 7.59 -8.55 2.07
C ARG A 62 6.19 -9.14 2.20
N ASP A 63 5.21 -8.27 2.04
CA ASP A 63 3.79 -8.65 2.14
C ASP A 63 3.31 -9.36 0.88
N LEU A 64 1.99 -9.48 0.75
CA LEU A 64 1.35 -10.18 -0.38
C LEU A 64 1.78 -9.68 -1.75
N ARG A 65 1.79 -8.36 -1.97
CA ARG A 65 2.18 -7.82 -3.26
C ARG A 65 2.54 -6.34 -3.18
N PRO A 66 3.42 -5.89 -4.10
CA PRO A 66 3.86 -4.48 -4.16
C PRO A 66 2.69 -3.50 -4.13
N TRP A 67 2.92 -2.36 -3.51
CA TRP A 67 1.91 -1.34 -3.39
C TRP A 67 2.57 0.02 -3.24
N CYS A 68 1.77 1.06 -3.29
CA CYS A 68 2.28 2.41 -3.14
C CYS A 68 1.17 3.36 -2.72
N PHE A 69 1.57 4.49 -2.18
CA PHE A 69 0.64 5.51 -1.73
C PHE A 69 0.10 6.27 -2.93
N THR A 70 -1.07 6.86 -2.80
CA THR A 70 -1.69 7.56 -3.91
C THR A 70 -1.99 9.01 -3.56
N THR A 71 -1.77 9.90 -4.53
CA THR A 71 -2.02 11.32 -4.33
C THR A 71 -3.50 11.68 -4.52
N ASP A 72 -4.38 10.79 -4.08
CA ASP A 72 -5.81 11.01 -4.19
C ASP A 72 -6.41 11.11 -2.79
N PRO A 73 -7.02 12.26 -2.45
CA PRO A 73 -7.62 12.50 -1.12
C PRO A 73 -8.64 11.45 -0.67
N ASN A 74 -9.06 10.56 -1.57
CA ASN A 74 -10.03 9.53 -1.21
C ASN A 74 -9.34 8.19 -0.99
N LYS A 75 -8.20 7.99 -1.64
CA LYS A 75 -7.46 6.75 -1.51
C LYS A 75 -6.04 7.03 -1.03
N ARG A 76 -5.76 6.65 0.22
CA ARG A 76 -4.44 6.88 0.80
C ARG A 76 -3.37 6.03 0.12
N TRP A 77 -3.71 4.79 -0.19
CA TRP A 77 -2.77 3.87 -0.84
C TRP A 77 -3.53 2.83 -1.64
N GLU A 78 -2.84 2.19 -2.58
CA GLU A 78 -3.45 1.17 -3.42
C GLU A 78 -2.42 0.13 -3.86
N TYR A 79 -2.90 -1.07 -4.16
CA TYR A 79 -2.05 -2.17 -4.61
C TYR A 79 -2.02 -2.22 -6.12
N CYS A 80 -0.89 -2.64 -6.68
CA CYS A 80 -0.76 -2.74 -8.12
C CYS A 80 -0.60 -4.21 -8.53
N ASP A 81 -1.17 -4.57 -9.68
CA ASP A 81 -1.09 -5.94 -10.16
C ASP A 81 0.17 -6.17 -10.99
N ILE A 82 0.93 -7.17 -10.62
CA ILE A 82 2.15 -7.54 -11.32
C ILE A 82 2.04 -8.99 -11.78
N PRO A 83 2.31 -9.26 -13.07
CA PRO A 83 2.26 -10.62 -13.64
C PRO A 83 2.99 -11.65 -12.77
N ARG A 84 2.32 -12.77 -12.50
CA ARG A 84 2.91 -13.82 -11.68
C ARG A 84 3.55 -14.90 -12.55
N CYS A 85 4.56 -15.54 -12.00
CA CYS A 85 5.27 -16.60 -12.71
C CYS A 85 4.61 -17.94 -12.37
N ALA A 86 4.38 -18.75 -13.39
CA ALA A 86 3.75 -20.05 -13.21
C ALA A 86 4.81 -21.12 -12.91
N ALA A 87 5.66 -20.85 -11.93
CA ALA A 87 6.72 -21.78 -11.55
C ALA A 87 6.17 -22.83 -10.61
N GLY B 1 13.50 8.09 16.54
CA GLY B 1 14.69 8.92 16.27
C GLY B 1 14.47 9.86 15.09
N SER B 2 15.43 10.74 14.85
CA SER B 2 15.33 11.70 13.78
C SER B 2 15.95 11.16 12.48
N VAL B 3 17.23 10.83 12.54
CA VAL B 3 17.94 10.32 11.36
C VAL B 3 18.51 8.93 11.61
N GLU B 4 17.73 8.07 12.24
CA GLU B 4 18.18 6.71 12.51
C GLU B 4 17.25 5.70 11.84
N LYS B 5 17.74 4.49 11.66
CA LYS B 5 16.96 3.44 11.03
C LYS B 5 17.05 2.16 11.85
N LEU B 6 17.27 2.33 13.14
CA LEU B 6 17.38 1.20 14.06
C LEU B 6 16.00 0.60 14.32
N THR B 7 15.97 -0.69 14.66
CA THR B 7 14.71 -1.39 14.94
C THR B 7 13.85 -1.46 13.68
N ALA B 8 14.52 -1.65 12.55
CA ALA B 8 13.86 -1.70 11.24
C ALA B 8 12.73 -2.73 11.16
N ASP B 9 13.04 -4.01 11.36
CA ASP B 9 12.03 -5.07 11.27
C ASP B 9 10.86 -4.86 12.24
N ALA B 10 11.18 -4.51 13.48
CA ALA B 10 10.14 -4.29 14.48
C ALA B 10 9.28 -3.10 14.11
N GLU B 11 9.92 -2.06 13.58
CA GLU B 11 9.23 -0.86 13.17
C GLU B 11 8.33 -1.17 11.97
N LEU B 12 8.83 -2.04 11.09
CA LEU B 12 8.10 -2.43 9.89
C LEU B 12 6.85 -3.20 10.30
N GLN B 13 7.00 -4.09 11.28
CA GLN B 13 5.90 -4.88 11.79
C GLN B 13 4.81 -3.97 12.35
N ARG B 14 5.25 -2.94 13.06
CA ARG B 14 4.32 -1.97 13.64
C ARG B 14 3.67 -1.12 12.56
N LEU B 15 4.43 -0.85 11.49
CA LEU B 15 3.89 -0.07 10.37
C LEU B 15 2.68 -0.79 9.79
N LYS B 16 2.76 -2.11 9.75
CA LYS B 16 1.65 -2.93 9.26
C LYS B 16 0.48 -2.81 10.22
N ASN B 17 0.79 -2.78 11.51
CA ASN B 17 -0.22 -2.64 12.55
C ASN B 17 -0.97 -1.32 12.39
N GLU B 18 -0.26 -0.33 11.89
CA GLU B 18 -0.82 1.00 11.69
C GLU B 18 -1.63 1.07 10.41
N ARG B 19 -1.11 0.48 9.34
CA ARG B 19 -1.79 0.51 8.04
C ARG B 19 -3.05 -0.34 8.05
N HIS B 20 -3.03 -1.47 8.76
CA HIS B 20 -4.22 -2.33 8.82
C HIS B 20 -5.33 -1.62 9.58
N GLU B 21 -4.98 -0.98 10.69
CA GLU B 21 -5.96 -0.25 11.49
C GLU B 21 -6.48 0.95 10.72
N GLU B 22 -5.69 1.40 9.76
CA GLU B 22 -6.04 2.53 8.92
C GLU B 22 -7.07 2.10 7.88
N ALA B 23 -6.79 0.97 7.22
CA ALA B 23 -7.67 0.43 6.20
C ALA B 23 -9.05 0.12 6.80
N GLU B 24 -9.04 -0.43 8.00
CA GLU B 24 -10.29 -0.78 8.68
C GLU B 24 -11.01 0.49 9.15
N LEU B 25 -10.25 1.53 9.47
CA LEU B 25 -10.85 2.79 9.89
C LEU B 25 -11.59 3.42 8.73
N GLU B 26 -11.02 3.29 7.54
CA GLU B 26 -11.62 3.80 6.31
C GLU B 26 -13.04 3.23 6.13
N ARG B 27 -13.24 1.98 6.56
CA ARG B 27 -14.57 1.37 6.47
C ARG B 27 -15.54 2.10 7.40
N LEU B 28 -15.06 2.41 8.59
CA LEU B 28 -15.84 3.14 9.59
C LEU B 28 -16.15 4.53 9.05
N LYS B 29 -15.15 5.12 8.39
CA LYS B 29 -15.29 6.43 7.76
C LYS B 29 -16.42 6.40 6.74
N SER B 30 -16.52 5.28 6.02
CA SER B 30 -17.56 5.11 5.02
C SER B 30 -18.92 5.14 5.70
N GLU B 31 -19.02 4.50 6.85
CA GLU B 31 -20.24 4.48 7.65
C GLU B 31 -20.61 5.89 8.09
N ALA B 32 -19.59 6.69 8.39
CA ALA B 32 -19.80 8.06 8.81
C ALA B 32 -20.29 8.91 7.64
N ALA B 33 -19.72 8.65 6.46
CA ALA B 33 -20.12 9.36 5.25
C ALA B 33 -21.62 9.18 4.99
N ASP B 34 -22.06 7.93 4.97
CA ASP B 34 -23.45 7.61 4.75
C ASP B 34 -24.00 6.84 5.94
N HIS B 35 -24.70 7.53 6.83
CA HIS B 35 -25.25 6.92 8.04
C HIS B 35 -26.26 5.82 7.71
N ASP B 36 -26.88 5.93 6.54
CA ASP B 36 -27.85 4.93 6.11
C ASP B 36 -27.16 3.57 6.05
N LYS B 37 -25.96 3.57 5.48
CA LYS B 37 -25.15 2.36 5.38
C LYS B 37 -24.79 1.85 6.78
N LYS B 38 -24.35 2.77 7.63
CA LYS B 38 -23.95 2.44 9.00
C LYS B 38 -25.05 1.71 9.78
N GLU B 39 -26.31 1.97 9.46
CA GLU B 39 -27.41 1.33 10.17
C GLU B 39 -27.46 -0.16 9.91
N ALA B 40 -26.80 -0.62 8.85
CA ALA B 40 -26.77 -2.04 8.52
C ALA B 40 -26.12 -2.84 9.65
N GLU B 41 -25.20 -2.20 10.38
CA GLU B 41 -24.52 -2.83 11.50
C GLU B 41 -25.49 -3.28 12.58
N ARG B 42 -26.73 -2.80 12.54
CA ARG B 42 -27.74 -3.18 13.52
C ARG B 42 -28.04 -4.67 13.47
N LYS B 43 -27.57 -5.32 12.42
CA LYS B 43 -27.78 -6.76 12.25
C LYS B 43 -26.96 -7.50 13.29
N ALA B 44 -25.97 -6.80 13.85
CA ALA B 44 -25.10 -7.36 14.86
C ALA B 44 -25.87 -7.59 16.16
N LEU B 45 -27.00 -6.92 16.30
CA LEU B 45 -27.84 -7.07 17.49
C LEU B 45 -28.48 -8.45 17.48
N GLU B 46 -28.89 -8.88 16.29
CA GLU B 46 -29.51 -10.18 16.11
C GLU B 46 -28.45 -11.28 16.18
N ASP B 47 -27.22 -10.91 15.85
CA ASP B 47 -26.10 -11.85 15.88
C ASP B 47 -25.63 -12.02 17.32
N LYS B 48 -25.75 -10.94 18.08
CA LYS B 48 -25.31 -10.91 19.47
C LYS B 48 -26.31 -11.60 20.40
N LEU B 49 -27.60 -11.29 20.24
CA LEU B 49 -28.61 -11.89 21.10
C LEU B 49 -28.88 -13.33 20.69
N ALA B 50 -29.18 -14.17 21.66
CA ALA B 50 -29.44 -15.58 21.40
C ALA B 50 -30.66 -16.05 22.19
N ASP B 51 -31.13 -17.24 21.87
CA ASP B 51 -32.28 -17.81 22.55
C ASP B 51 -31.91 -18.22 23.97
N TYR B 52 -32.63 -17.69 24.94
CA TYR B 52 -32.37 -17.99 26.34
C TYR B 52 -33.18 -19.20 26.78
N TYR A 1 3.57 4.50 -24.35
CA TYR A 1 5.03 4.37 -24.16
C TYR A 1 5.41 2.91 -23.94
N VAL A 2 4.98 2.35 -22.81
CA VAL A 2 5.27 0.96 -22.49
C VAL A 2 3.98 0.18 -22.28
N GLU A 3 3.32 -0.14 -23.38
CA GLU A 3 2.05 -0.87 -23.34
C GLU A 3 2.25 -2.35 -23.66
N PHE A 4 3.29 -2.66 -24.42
CA PHE A 4 3.56 -4.05 -24.78
C PHE A 4 4.40 -4.72 -23.70
N SER A 5 3.71 -5.34 -22.75
CA SER A 5 4.37 -6.03 -21.64
C SER A 5 4.38 -7.53 -21.88
N GLU A 6 5.57 -8.11 -21.93
CA GLU A 6 5.73 -9.55 -22.16
C GLU A 6 6.91 -10.09 -21.36
N GLU A 7 7.12 -9.55 -20.17
CA GLU A 7 8.21 -9.98 -19.31
C GLU A 7 7.71 -10.91 -18.21
N CYS A 8 8.59 -11.75 -17.70
CA CYS A 8 8.25 -12.70 -16.65
C CYS A 8 8.86 -12.26 -15.33
N MET A 9 8.02 -12.18 -14.31
CA MET A 9 8.44 -11.75 -12.98
C MET A 9 8.69 -12.96 -12.07
N HIS A 10 9.30 -12.71 -10.92
CA HIS A 10 9.60 -13.76 -9.95
C HIS A 10 8.32 -14.49 -9.55
N GLY A 11 7.28 -13.75 -9.26
CA GLY A 11 6.02 -14.36 -8.87
C GLY A 11 5.26 -13.55 -7.86
N SER A 12 5.95 -13.05 -6.83
CA SER A 12 5.30 -12.28 -5.79
C SER A 12 5.48 -10.77 -6.00
N GLY A 13 6.24 -10.39 -7.02
CA GLY A 13 6.46 -8.98 -7.31
C GLY A 13 7.50 -8.33 -6.40
N GLU A 14 7.76 -8.93 -5.24
CA GLU A 14 8.71 -8.39 -4.28
C GLU A 14 10.11 -8.24 -4.90
N ASN A 15 10.53 -9.25 -5.63
CA ASN A 15 11.86 -9.24 -6.25
C ASN A 15 11.84 -8.55 -7.62
N TYR A 16 10.79 -7.79 -7.88
CA TYR A 16 10.68 -7.07 -9.14
C TYR A 16 11.04 -5.61 -8.94
N ASP A 17 11.87 -5.07 -9.82
CA ASP A 17 12.29 -3.69 -9.76
C ASP A 17 11.89 -3.00 -11.06
N GLY A 18 10.64 -2.57 -11.13
CA GLY A 18 10.15 -1.92 -12.33
C GLY A 18 10.00 -0.43 -12.18
N LYS A 19 9.98 0.26 -13.31
CA LYS A 19 9.83 1.71 -13.33
C LYS A 19 8.37 2.10 -13.50
N ILE A 20 7.52 1.46 -12.71
CA ILE A 20 6.08 1.70 -12.77
C ILE A 20 5.65 2.60 -11.61
N SER A 21 5.09 3.75 -11.94
CA SER A 21 4.63 4.70 -10.93
C SER A 21 3.12 4.90 -11.02
N LYS A 22 2.43 3.93 -11.60
CA LYS A 22 0.99 4.00 -11.74
C LYS A 22 0.31 2.80 -11.13
N THR A 23 -0.91 3.00 -10.70
CA THR A 23 -1.71 1.93 -10.11
C THR A 23 -2.68 1.39 -11.14
N MET A 24 -3.53 0.47 -10.72
CA MET A 24 -4.51 -0.13 -11.64
C MET A 24 -5.59 0.87 -12.02
N SER A 25 -5.91 1.79 -11.10
CA SER A 25 -6.95 2.78 -11.31
C SER A 25 -6.44 4.11 -11.86
N GLY A 26 -5.32 4.11 -12.59
CA GLY A 26 -4.80 5.37 -13.14
C GLY A 26 -4.25 6.35 -12.11
N LEU A 27 -4.32 6.02 -10.84
CA LEU A 27 -3.84 6.90 -9.78
C LEU A 27 -2.31 7.00 -9.80
N GLU A 28 -1.81 8.23 -9.77
CA GLU A 28 -0.36 8.48 -9.77
C GLU A 28 0.22 8.19 -8.40
N CYS A 29 1.28 7.39 -8.37
CA CYS A 29 1.94 7.01 -7.13
C CYS A 29 2.73 8.17 -6.51
N GLN A 30 2.62 8.27 -5.18
CA GLN A 30 3.31 9.30 -4.40
C GLN A 30 4.74 8.85 -4.12
N ALA A 31 5.68 9.80 -4.16
CA ALA A 31 7.10 9.48 -3.91
C ALA A 31 7.33 9.10 -2.45
N TRP A 32 8.13 8.05 -2.24
CA TRP A 32 8.44 7.55 -0.90
C TRP A 32 9.13 8.61 -0.03
N ASP A 33 10.20 9.19 -0.54
CA ASP A 33 10.96 10.20 0.19
C ASP A 33 10.30 11.58 0.17
N SER A 34 9.13 11.68 -0.44
CA SER A 34 8.44 12.96 -0.52
C SER A 34 7.36 13.05 0.56
N GLN A 35 7.42 14.13 1.34
CA GLN A 35 6.46 14.36 2.41
C GLN A 35 5.19 15.00 1.84
N SER A 36 4.22 14.16 1.54
CA SER A 36 2.95 14.58 0.99
C SER A 36 1.93 14.73 2.12
N PRO A 37 0.87 15.55 1.92
CA PRO A 37 -0.20 15.76 2.90
C PRO A 37 -0.53 14.49 3.68
N HIS A 38 -0.60 13.37 2.98
CA HIS A 38 -0.87 12.08 3.62
C HIS A 38 0.40 11.57 4.27
N ALA A 39 0.38 11.43 5.59
CA ALA A 39 1.55 10.96 6.32
C ALA A 39 1.81 9.49 6.04
N HIS A 40 3.07 9.09 6.04
CA HIS A 40 3.44 7.71 5.78
C HIS A 40 4.65 7.31 6.63
N GLY A 41 4.55 6.14 7.24
CA GLY A 41 5.62 5.66 8.09
C GLY A 41 6.69 4.87 7.35
N TYR A 42 6.51 4.69 6.04
CA TYR A 42 7.46 3.92 5.25
C TYR A 42 8.60 4.79 4.74
N ILE A 43 9.43 5.26 5.66
CA ILE A 43 10.56 6.10 5.32
C ILE A 43 11.65 5.28 4.61
N PRO A 44 12.07 5.70 3.41
CA PRO A 44 13.08 5.00 2.61
C PRO A 44 14.47 5.07 3.22
N SER A 45 14.65 5.94 4.19
CA SER A 45 15.92 6.10 4.88
C SER A 45 16.16 4.93 5.84
N LYS A 46 15.12 4.15 6.09
CA LYS A 46 15.24 3.02 7.00
C LYS A 46 15.64 1.74 6.25
N PHE A 47 14.98 1.46 5.14
CA PHE A 47 15.28 0.27 4.36
C PHE A 47 15.78 0.62 2.95
N PRO A 48 17.07 0.94 2.81
CA PRO A 48 17.67 1.29 1.52
C PRO A 48 17.99 0.08 0.67
N ASN A 49 17.82 -1.10 1.24
CA ASN A 49 18.12 -2.35 0.55
C ASN A 49 16.95 -2.82 -0.31
N LYS A 50 15.91 -2.00 -0.41
CA LYS A 50 14.74 -2.36 -1.22
C LYS A 50 14.57 -1.40 -2.39
N ASN A 51 15.59 -0.55 -2.59
CA ASN A 51 15.61 0.43 -3.68
C ASN A 51 14.36 1.30 -3.68
N LEU A 52 14.08 1.92 -2.54
CA LEU A 52 12.93 2.79 -2.40
C LEU A 52 13.26 4.17 -2.98
N LYS A 53 13.22 4.30 -4.30
CA LYS A 53 13.54 5.57 -4.94
C LYS A 53 12.40 6.07 -5.82
N LYS A 54 12.44 7.37 -6.12
CA LYS A 54 11.45 8.03 -6.96
C LYS A 54 10.03 7.86 -6.43
N ASN A 55 9.17 7.24 -7.23
CA ASN A 55 7.78 7.03 -6.86
C ASN A 55 7.26 5.75 -7.49
N TYR A 56 8.14 4.77 -7.60
CA TYR A 56 7.79 3.49 -8.20
C TYR A 56 7.10 2.57 -7.17
N CYS A 57 6.30 1.65 -7.69
CA CYS A 57 5.59 0.71 -6.85
C CYS A 57 6.51 -0.43 -6.44
N ARG A 58 6.71 -0.61 -5.14
CA ARG A 58 7.60 -1.66 -4.65
C ARG A 58 6.96 -2.40 -3.47
N ASN A 59 7.67 -3.38 -2.93
CA ASN A 59 7.19 -4.15 -1.79
C ASN A 59 8.34 -4.45 -0.85
N PRO A 60 8.66 -3.54 0.07
CA PRO A 60 9.77 -3.73 1.01
C PRO A 60 9.41 -4.53 2.27
N ASP A 61 8.17 -4.98 2.41
CA ASP A 61 7.79 -5.73 3.61
C ASP A 61 7.58 -7.23 3.32
N ARG A 62 7.54 -7.59 2.04
CA ARG A 62 7.34 -8.99 1.61
C ARG A 62 5.90 -9.46 1.85
N ASP A 63 4.98 -8.51 1.86
CA ASP A 63 3.56 -8.84 2.06
C ASP A 63 2.96 -9.54 0.84
N LEU A 64 1.62 -9.55 0.76
CA LEU A 64 0.90 -10.23 -0.31
C LEU A 64 1.38 -9.83 -1.71
N ARG A 65 1.48 -8.53 -1.98
CA ARG A 65 1.93 -8.06 -3.29
C ARG A 65 2.23 -6.57 -3.27
N PRO A 66 3.11 -6.12 -4.21
CA PRO A 66 3.52 -4.71 -4.32
C PRO A 66 2.36 -3.73 -4.30
N TRP A 67 2.62 -2.58 -3.69
CA TRP A 67 1.66 -1.51 -3.55
C TRP A 67 2.41 -0.23 -3.24
N CYS A 68 1.70 0.88 -3.28
CA CYS A 68 2.31 2.16 -2.99
C CYS A 68 1.24 3.20 -2.68
N PHE A 69 1.69 4.33 -2.18
CA PHE A 69 0.79 5.43 -1.84
C PHE A 69 0.36 6.15 -3.10
N THR A 70 -0.79 6.80 -3.04
CA THR A 70 -1.32 7.46 -4.22
C THR A 70 -1.61 8.92 -3.95
N THR A 71 -1.39 9.75 -4.97
CA THR A 71 -1.61 11.19 -4.87
C THR A 71 -3.10 11.55 -4.98
N ASP A 72 -3.96 10.61 -4.60
CA ASP A 72 -5.40 10.82 -4.65
C ASP A 72 -5.93 11.06 -3.25
N PRO A 73 -6.53 12.23 -3.00
CA PRO A 73 -7.08 12.59 -1.68
C PRO A 73 -8.13 11.60 -1.17
N ASN A 74 -8.69 10.79 -2.07
CA ASN A 74 -9.71 9.83 -1.70
C ASN A 74 -9.11 8.43 -1.50
N LYS A 75 -7.94 8.20 -2.07
CA LYS A 75 -7.28 6.91 -1.96
C LYS A 75 -5.87 7.06 -1.41
N ARG A 76 -5.67 6.73 -0.14
CA ARG A 76 -4.35 6.82 0.49
C ARG A 76 -3.32 5.99 -0.28
N TRP A 77 -3.72 4.77 -0.65
CA TRP A 77 -2.84 3.86 -1.38
C TRP A 77 -3.68 2.87 -2.19
N GLU A 78 -3.04 2.21 -3.15
CA GLU A 78 -3.71 1.23 -4.00
C GLU A 78 -2.74 0.13 -4.42
N TYR A 79 -3.28 -1.04 -4.73
CA TYR A 79 -2.48 -2.18 -5.15
C TYR A 79 -2.18 -2.12 -6.66
N CYS A 80 -1.14 -2.81 -7.07
CA CYS A 80 -0.76 -2.88 -8.47
C CYS A 80 -0.67 -4.34 -8.92
N ASP A 81 -1.31 -4.68 -10.02
CA ASP A 81 -1.29 -6.04 -10.53
C ASP A 81 -0.09 -6.27 -11.46
N ILE A 82 0.80 -7.15 -11.04
CA ILE A 82 1.98 -7.46 -11.84
C ILE A 82 1.95 -8.94 -12.23
N PRO A 83 2.26 -9.27 -13.50
CA PRO A 83 2.26 -10.65 -14.01
C PRO A 83 3.05 -11.61 -13.13
N ARG A 84 2.45 -12.75 -12.83
CA ARG A 84 3.08 -13.76 -12.01
C ARG A 84 3.59 -14.91 -12.86
N CYS A 85 4.62 -15.58 -12.35
CA CYS A 85 5.21 -16.70 -13.04
C CYS A 85 5.26 -17.90 -12.10
N ALA A 86 4.66 -19.00 -12.51
CA ALA A 86 4.64 -20.20 -11.70
C ALA A 86 6.03 -20.78 -11.50
N ALA A 87 6.82 -20.80 -12.57
CA ALA A 87 8.18 -21.31 -12.51
C ALA A 87 9.14 -20.31 -13.13
N GLY B 1 14.42 2.73 15.39
CA GLY B 1 15.64 3.51 15.08
C GLY B 1 15.37 5.01 15.06
N SER B 2 15.93 5.73 16.02
CA SER B 2 15.75 7.17 16.12
C SER B 2 16.49 7.90 15.00
N VAL B 3 17.80 7.71 14.95
CA VAL B 3 18.63 8.35 13.93
C VAL B 3 19.15 7.29 12.98
N GLU B 4 19.27 6.09 13.50
CA GLU B 4 19.76 4.96 12.73
C GLU B 4 18.60 4.12 12.22
N LYS B 5 18.91 2.99 11.61
CA LYS B 5 17.88 2.10 11.08
C LYS B 5 17.78 0.84 11.95
N LEU B 6 18.11 0.99 13.22
CA LEU B 6 18.04 -0.11 14.16
C LEU B 6 16.58 -0.48 14.41
N THR B 7 16.34 -1.77 14.68
CA THR B 7 14.99 -2.25 14.93
C THR B 7 14.16 -2.13 13.66
N ALA B 8 14.82 -2.34 12.52
CA ALA B 8 14.19 -2.24 11.20
C ALA B 8 12.99 -3.16 11.04
N ASP B 9 13.22 -4.46 11.16
CA ASP B 9 12.15 -5.45 11.01
C ASP B 9 10.98 -5.18 11.95
N ALA B 10 11.26 -4.90 13.21
CA ALA B 10 10.21 -4.63 14.19
C ALA B 10 9.49 -3.33 13.86
N GLU B 11 10.25 -2.35 13.38
CA GLU B 11 9.69 -1.06 13.00
C GLU B 11 8.66 -1.25 11.89
N LEU B 12 9.06 -2.02 10.87
CA LEU B 12 8.20 -2.30 9.74
C LEU B 12 6.94 -3.06 10.18
N GLN B 13 7.11 -3.99 11.12
CA GLN B 13 5.99 -4.76 11.63
C GLN B 13 4.98 -3.84 12.29
N ARG B 14 5.49 -2.87 13.07
CA ARG B 14 4.63 -1.90 13.74
C ARG B 14 3.93 -1.01 12.73
N LEU B 15 4.65 -0.65 11.68
CA LEU B 15 4.08 0.18 10.62
C LEU B 15 2.84 -0.48 10.03
N LYS B 16 2.89 -1.80 9.89
CA LYS B 16 1.75 -2.56 9.36
C LYS B 16 0.62 -2.53 10.37
N ASN B 17 0.97 -2.59 11.65
CA ASN B 17 -0.01 -2.54 12.74
C ASN B 17 -0.78 -1.22 12.70
N GLU B 18 -0.11 -0.17 12.26
CA GLU B 18 -0.74 1.14 12.17
C GLU B 18 -1.51 1.27 10.86
N ARG B 19 -1.04 0.54 9.84
CA ARG B 19 -1.67 0.56 8.53
C ARG B 19 -2.99 -0.21 8.53
N HIS B 20 -3.06 -1.28 9.33
CA HIS B 20 -4.30 -2.05 9.40
C HIS B 20 -5.37 -1.17 10.06
N GLU B 21 -4.95 -0.36 11.01
CA GLU B 21 -5.83 0.55 11.70
C GLU B 21 -6.24 1.68 10.76
N GLU B 22 -5.42 1.92 9.75
CA GLU B 22 -5.67 2.95 8.77
C GLU B 22 -6.72 2.47 7.76
N ALA B 23 -6.48 1.30 7.21
CA ALA B 23 -7.38 0.71 6.22
C ALA B 23 -8.77 0.48 6.82
N GLU B 24 -8.82 0.01 8.06
CA GLU B 24 -10.08 -0.24 8.73
C GLU B 24 -10.76 1.06 9.14
N LEU B 25 -9.96 2.10 9.39
CA LEU B 25 -10.50 3.40 9.76
C LEU B 25 -11.14 4.04 8.55
N GLU B 26 -10.52 3.83 7.39
CA GLU B 26 -11.04 4.35 6.12
C GLU B 26 -12.47 3.88 5.90
N ARG B 27 -12.77 2.67 6.38
CA ARG B 27 -14.12 2.13 6.26
C ARG B 27 -15.10 3.04 7.00
N LEU B 28 -14.71 3.42 8.22
CA LEU B 28 -15.54 4.32 9.03
C LEU B 28 -15.68 5.67 8.33
N LYS B 29 -14.60 6.11 7.70
CA LYS B 29 -14.60 7.38 6.98
C LYS B 29 -15.65 7.34 5.88
N SER B 30 -15.76 6.21 5.20
CA SER B 30 -16.74 6.04 4.15
C SER B 30 -18.15 6.09 4.72
N GLU B 31 -18.34 5.40 5.84
CA GLU B 31 -19.63 5.38 6.52
C GLU B 31 -20.00 6.75 7.07
N ALA B 32 -19.00 7.61 7.27
CA ALA B 32 -19.24 8.95 7.78
C ALA B 32 -20.08 9.73 6.76
N ALA B 33 -19.76 9.54 5.49
CA ALA B 33 -20.49 10.19 4.40
C ALA B 33 -21.98 9.84 4.46
N ASP B 34 -22.30 8.56 4.42
CA ASP B 34 -23.69 8.11 4.48
C ASP B 34 -24.03 7.57 5.86
N HIS B 35 -24.82 8.34 6.59
CA HIS B 35 -25.22 7.98 7.95
C HIS B 35 -26.02 6.67 7.96
N ASP B 36 -26.76 6.42 6.89
CA ASP B 36 -27.57 5.21 6.78
C ASP B 36 -26.69 3.96 6.78
N LYS B 37 -25.45 4.11 6.33
CA LYS B 37 -24.51 3.00 6.29
C LYS B 37 -23.80 2.88 7.63
N LYS B 38 -23.64 4.00 8.30
CA LYS B 38 -22.95 4.06 9.58
C LYS B 38 -23.80 3.46 10.71
N GLU B 39 -25.09 3.29 10.48
CA GLU B 39 -25.99 2.72 11.48
C GLU B 39 -25.50 1.36 11.96
N ALA B 40 -25.17 0.49 11.00
CA ALA B 40 -24.65 -0.84 11.32
C ALA B 40 -23.42 -0.77 12.24
N GLU B 41 -22.65 0.30 12.12
CA GLU B 41 -21.46 0.48 12.93
C GLU B 41 -21.78 1.21 14.24
N ARG B 42 -22.83 2.02 14.18
CA ARG B 42 -23.32 2.78 15.34
C ARG B 42 -23.41 1.92 16.59
N LYS B 43 -23.80 0.64 16.41
CA LYS B 43 -23.91 -0.32 17.52
C LYS B 43 -22.62 -0.39 18.36
N ALA B 44 -21.53 0.17 17.84
CA ALA B 44 -20.26 0.17 18.56
C ALA B 44 -20.42 0.89 19.89
N LEU B 45 -21.18 2.00 19.85
CA LEU B 45 -21.47 2.78 21.04
C LEU B 45 -22.09 1.90 22.11
N GLU B 46 -23.03 1.07 21.69
CA GLU B 46 -23.73 0.15 22.57
C GLU B 46 -22.77 -0.92 23.08
N ASP B 47 -22.08 -1.56 22.13
CA ASP B 47 -21.07 -2.59 22.43
C ASP B 47 -20.08 -2.11 23.47
N LYS B 48 -19.59 -0.89 23.30
CA LYS B 48 -18.63 -0.29 24.21
C LYS B 48 -19.29 0.12 25.52
N LEU B 49 -20.51 0.64 25.42
CA LEU B 49 -21.27 1.09 26.58
C LEU B 49 -21.51 -0.06 27.58
N ALA B 50 -20.65 -0.13 28.58
CA ALA B 50 -20.75 -1.15 29.62
C ALA B 50 -19.91 -0.76 30.82
N ASP B 51 -20.56 -0.22 31.85
CA ASP B 51 -19.86 0.20 33.05
C ASP B 51 -19.45 -1.00 33.90
N TYR B 52 -18.39 -0.85 34.66
CA TYR B 52 -17.88 -1.92 35.50
C TYR B 52 -18.43 -1.79 36.92
N TYR A 1 2.30 -1.15 -33.88
CA TYR A 1 3.65 -1.47 -34.42
C TYR A 1 4.02 -2.90 -34.06
N VAL A 2 4.52 -3.11 -32.85
CA VAL A 2 4.89 -4.44 -32.41
C VAL A 2 4.22 -4.75 -31.08
N GLU A 3 3.22 -5.62 -31.14
CA GLU A 3 2.48 -6.01 -29.95
C GLU A 3 3.08 -7.25 -29.32
N PHE A 4 4.32 -7.55 -29.68
CA PHE A 4 5.02 -8.71 -29.15
C PHE A 4 5.96 -8.26 -28.03
N SER A 5 5.42 -8.13 -26.83
CA SER A 5 6.21 -7.69 -25.69
C SER A 5 5.77 -8.40 -24.41
N GLU A 6 6.10 -9.68 -24.32
CA GLU A 6 5.76 -10.49 -23.17
C GLU A 6 7.01 -10.84 -22.37
N GLU A 7 7.12 -10.26 -21.19
CA GLU A 7 8.27 -10.48 -20.32
C GLU A 7 7.92 -11.48 -19.21
N CYS A 8 8.92 -11.96 -18.49
CA CYS A 8 8.70 -12.89 -17.40
C CYS A 8 9.13 -12.27 -16.08
N MET A 9 8.21 -12.28 -15.11
CA MET A 9 8.50 -11.72 -13.80
C MET A 9 9.00 -12.78 -12.83
N HIS A 10 9.55 -12.34 -11.71
CA HIS A 10 10.07 -13.24 -10.69
C HIS A 10 8.96 -14.13 -10.14
N GLY A 11 7.94 -13.51 -9.56
CA GLY A 11 6.85 -14.29 -9.01
C GLY A 11 6.05 -13.56 -7.95
N SER A 12 6.70 -13.02 -6.94
CA SER A 12 6.01 -12.33 -5.86
C SER A 12 6.05 -10.80 -6.01
N GLY A 13 6.73 -10.31 -7.04
CA GLY A 13 6.81 -8.87 -7.24
C GLY A 13 7.81 -8.16 -6.33
N GLU A 14 8.14 -8.79 -5.21
CA GLU A 14 9.09 -8.21 -4.26
C GLU A 14 10.44 -7.94 -4.90
N ASN A 15 10.83 -8.80 -5.84
CA ASN A 15 12.11 -8.65 -6.53
C ASN A 15 11.97 -7.85 -7.81
N TYR A 16 10.85 -7.16 -7.96
CA TYR A 16 10.61 -6.35 -9.16
C TYR A 16 10.93 -4.88 -8.88
N ASP A 17 11.80 -4.31 -9.71
CA ASP A 17 12.20 -2.92 -9.56
C ASP A 17 11.87 -2.13 -10.82
N GLY A 18 10.70 -2.39 -11.38
CA GLY A 18 10.28 -1.71 -12.59
C GLY A 18 9.99 -0.24 -12.37
N LYS A 19 10.00 0.52 -13.46
CA LYS A 19 9.72 1.94 -13.41
C LYS A 19 8.22 2.22 -13.53
N ILE A 20 7.46 1.58 -12.67
CA ILE A 20 6.01 1.75 -12.66
C ILE A 20 5.59 2.69 -11.54
N SER A 21 5.04 3.82 -11.90
CA SER A 21 4.60 4.83 -10.94
C SER A 21 3.10 5.08 -11.04
N LYS A 22 2.43 4.29 -11.87
CA LYS A 22 1.00 4.43 -12.07
C LYS A 22 0.26 3.23 -11.51
N THR A 23 -0.96 3.45 -11.06
CA THR A 23 -1.78 2.39 -10.53
C THR A 23 -2.80 1.97 -11.57
N MET A 24 -3.49 0.86 -11.32
CA MET A 24 -4.49 0.36 -12.24
C MET A 24 -5.62 1.37 -12.44
N SER A 25 -5.94 2.12 -11.39
CA SER A 25 -7.01 3.10 -11.44
C SER A 25 -6.53 4.50 -11.86
N GLY A 26 -5.42 4.59 -12.59
CA GLY A 26 -4.93 5.89 -13.02
C GLY A 26 -4.37 6.78 -11.92
N LEU A 27 -4.45 6.34 -10.67
CA LEU A 27 -3.98 7.14 -9.56
C LEU A 27 -2.45 7.27 -9.55
N GLU A 28 -1.97 8.50 -9.45
CA GLU A 28 -0.54 8.77 -9.42
C GLU A 28 0.04 8.44 -8.06
N CYS A 29 1.13 7.69 -8.05
CA CYS A 29 1.80 7.30 -6.81
C CYS A 29 2.70 8.42 -6.29
N GLN A 30 2.48 8.80 -5.04
CA GLN A 30 3.28 9.85 -4.40
C GLN A 30 4.64 9.31 -4.00
N ALA A 31 5.68 10.13 -4.14
CA ALA A 31 7.05 9.74 -3.81
C ALA A 31 7.20 9.35 -2.33
N TRP A 32 7.93 8.26 -2.10
CA TRP A 32 8.15 7.74 -0.75
C TRP A 32 8.92 8.73 0.12
N ASP A 33 10.06 9.20 -0.38
CA ASP A 33 10.90 10.14 0.36
C ASP A 33 10.26 11.53 0.48
N SER A 34 9.17 11.76 -0.23
CA SER A 34 8.51 13.06 -0.19
C SER A 34 7.44 13.12 0.89
N GLN A 35 7.40 14.23 1.62
CA GLN A 35 6.41 14.43 2.67
C GLN A 35 5.13 14.95 2.04
N SER A 36 4.34 14.03 1.52
CA SER A 36 3.10 14.33 0.84
C SER A 36 1.93 14.31 1.82
N PRO A 37 0.83 15.04 1.50
CA PRO A 37 -0.39 15.12 2.33
C PRO A 37 -0.68 13.84 3.12
N HIS A 38 -0.57 12.70 2.45
CA HIS A 38 -0.78 11.42 3.09
C HIS A 38 0.52 10.97 3.73
N ALA A 39 0.55 10.93 5.05
CA ALA A 39 1.74 10.54 5.78
C ALA A 39 1.94 9.03 5.72
N HIS A 40 3.19 8.59 5.72
CA HIS A 40 3.50 7.18 5.66
C HIS A 40 4.73 6.88 6.50
N GLY A 41 4.71 5.72 7.15
CA GLY A 41 5.82 5.31 7.99
C GLY A 41 6.89 4.53 7.25
N TYR A 42 6.70 4.36 5.95
CA TYR A 42 7.65 3.60 5.14
C TYR A 42 8.69 4.52 4.51
N ILE A 43 9.46 5.17 5.35
CA ILE A 43 10.51 6.07 4.88
C ILE A 43 11.70 5.28 4.32
N PRO A 44 12.11 5.59 3.07
CA PRO A 44 13.22 4.91 2.38
C PRO A 44 14.54 4.92 3.17
N SER A 45 14.68 5.87 4.09
CA SER A 45 15.88 5.99 4.90
C SER A 45 16.01 4.82 5.87
N LYS A 46 14.90 4.10 6.09
CA LYS A 46 14.91 2.96 7.00
C LYS A 46 15.41 1.71 6.30
N PHE A 47 14.83 1.39 5.15
CA PHE A 47 15.23 0.21 4.39
C PHE A 47 15.73 0.60 3.00
N PRO A 48 16.98 1.07 2.89
CA PRO A 48 17.56 1.49 1.61
C PRO A 48 17.95 0.30 0.73
N ASN A 49 17.87 -0.89 1.31
CA ASN A 49 18.22 -2.11 0.58
C ASN A 49 17.04 -2.64 -0.23
N LYS A 50 15.90 -1.95 -0.14
CA LYS A 50 14.71 -2.38 -0.88
C LYS A 50 14.55 -1.53 -2.14
N ASN A 51 15.53 -0.67 -2.39
CA ASN A 51 15.55 0.20 -3.58
C ASN A 51 14.32 1.12 -3.66
N LEU A 52 14.07 1.87 -2.59
CA LEU A 52 12.95 2.80 -2.56
C LEU A 52 13.37 4.07 -3.30
N LYS A 53 13.00 4.19 -4.57
CA LYS A 53 13.40 5.36 -5.36
C LYS A 53 12.21 6.03 -6.05
N LYS A 54 12.37 7.33 -6.27
CA LYS A 54 11.38 8.17 -6.94
C LYS A 54 9.97 7.98 -6.41
N ASN A 55 9.11 7.41 -7.25
CA ASN A 55 7.72 7.18 -6.87
C ASN A 55 7.23 5.87 -7.47
N TYR A 56 8.15 4.91 -7.59
CA TYR A 56 7.82 3.62 -8.16
C TYR A 56 7.21 2.69 -7.12
N CYS A 57 6.46 1.71 -7.61
CA CYS A 57 5.78 0.74 -6.76
C CYS A 57 6.71 -0.44 -6.45
N ARG A 58 6.91 -0.71 -5.16
CA ARG A 58 7.78 -1.82 -4.73
C ARG A 58 7.16 -2.53 -3.53
N ASN A 59 7.81 -3.57 -3.06
CA ASN A 59 7.33 -4.33 -1.91
C ASN A 59 8.39 -4.28 -0.81
N PRO A 60 8.23 -3.40 0.16
CA PRO A 60 9.20 -3.25 1.25
C PRO A 60 8.95 -4.14 2.47
N ASP A 61 7.77 -4.74 2.59
CA ASP A 61 7.48 -5.57 3.75
C ASP A 61 7.41 -7.06 3.38
N ARG A 62 7.37 -7.37 2.09
CA ARG A 62 7.27 -8.75 1.60
C ARG A 62 5.87 -9.30 1.85
N ASP A 63 4.90 -8.39 1.89
CA ASP A 63 3.50 -8.78 2.09
C ASP A 63 2.93 -9.47 0.84
N LEU A 64 1.61 -9.56 0.76
CA LEU A 64 0.94 -10.26 -0.36
C LEU A 64 1.49 -9.82 -1.72
N ARG A 65 1.61 -8.52 -1.93
CA ARG A 65 2.13 -8.01 -3.20
C ARG A 65 2.46 -6.52 -3.10
N PRO A 66 3.36 -6.04 -3.98
CA PRO A 66 3.80 -4.63 -4.01
C PRO A 66 2.63 -3.64 -4.02
N TRP A 67 2.88 -2.48 -3.45
CA TRP A 67 1.88 -1.43 -3.36
C TRP A 67 2.56 -0.08 -3.27
N CYS A 68 1.78 0.97 -3.39
CA CYS A 68 2.31 2.31 -3.31
C CYS A 68 1.24 3.29 -2.84
N PHE A 69 1.68 4.36 -2.22
CA PHE A 69 0.80 5.39 -1.74
C PHE A 69 0.33 6.23 -2.92
N THR A 70 -0.82 6.86 -2.79
CA THR A 70 -1.37 7.61 -3.90
C THR A 70 -1.71 9.03 -3.50
N THR A 71 -1.51 9.96 -4.43
CA THR A 71 -1.79 11.37 -4.19
C THR A 71 -3.28 11.68 -4.36
N ASP A 72 -4.13 10.71 -4.03
CA ASP A 72 -5.57 10.86 -4.15
C ASP A 72 -6.18 10.95 -2.75
N PRO A 73 -6.79 12.10 -2.40
CA PRO A 73 -7.38 12.34 -1.08
C PRO A 73 -8.43 11.31 -0.64
N ASN A 74 -8.84 10.44 -1.55
CA ASN A 74 -9.84 9.42 -1.23
C ASN A 74 -9.20 8.05 -1.09
N LYS A 75 -8.06 7.85 -1.74
CA LYS A 75 -7.35 6.58 -1.69
C LYS A 75 -5.92 6.80 -1.21
N ARG A 76 -5.65 6.44 0.05
CA ARG A 76 -4.32 6.60 0.63
C ARG A 76 -3.27 5.80 -0.13
N TRP A 77 -3.61 4.58 -0.49
CA TRP A 77 -2.70 3.70 -1.22
C TRP A 77 -3.48 2.66 -2.01
N GLU A 78 -2.79 2.00 -2.93
CA GLU A 78 -3.42 0.97 -3.76
C GLU A 78 -2.43 -0.13 -4.10
N TYR A 79 -2.96 -1.34 -4.30
CA TYR A 79 -2.15 -2.49 -4.62
C TYR A 79 -1.90 -2.58 -6.12
N CYS A 80 -0.75 -3.14 -6.48
CA CYS A 80 -0.39 -3.29 -7.88
C CYS A 80 -0.34 -4.76 -8.27
N ASP A 81 -0.98 -5.09 -9.40
CA ASP A 81 -0.98 -6.47 -9.89
C ASP A 81 0.19 -6.68 -10.85
N ILE A 82 1.06 -7.62 -10.52
CA ILE A 82 2.21 -7.93 -11.34
C ILE A 82 2.18 -9.41 -11.75
N PRO A 83 2.41 -9.70 -13.04
CA PRO A 83 2.43 -11.07 -13.55
C PRO A 83 3.26 -12.01 -12.67
N ARG A 84 2.66 -13.13 -12.31
CA ARG A 84 3.32 -14.11 -11.45
C ARG A 84 3.79 -15.32 -12.24
N CYS A 85 4.80 -16.00 -11.73
CA CYS A 85 5.36 -17.16 -12.39
C CYS A 85 4.47 -18.38 -12.14
N ALA A 86 4.21 -19.14 -13.20
CA ALA A 86 3.38 -20.32 -13.10
C ALA A 86 4.14 -21.49 -12.49
N ALA A 87 5.45 -21.46 -12.61
CA ALA A 87 6.31 -22.50 -12.07
C ALA A 87 7.42 -21.89 -11.24
N GLY B 1 21.53 8.01 13.73
CA GLY B 1 21.03 8.94 12.69
C GLY B 1 20.31 8.21 11.58
N SER B 2 20.47 8.68 10.36
CA SER B 2 19.82 8.07 9.21
C SER B 2 20.79 7.13 8.48
N VAL B 3 21.95 6.92 9.07
CA VAL B 3 22.96 6.04 8.48
C VAL B 3 22.62 4.58 8.81
N GLU B 4 22.21 4.37 10.04
CA GLU B 4 21.83 3.05 10.51
C GLU B 4 20.31 2.90 10.50
N LYS B 5 19.82 1.71 10.84
CA LYS B 5 18.39 1.46 10.90
C LYS B 5 18.01 0.90 12.26
N LEU B 6 17.73 1.81 13.19
CA LEU B 6 17.37 1.44 14.56
C LEU B 6 16.10 0.58 14.62
N THR B 7 16.29 -0.68 14.99
CA THR B 7 15.19 -1.65 15.12
C THR B 7 14.25 -1.61 13.91
N ALA B 8 14.79 -1.99 12.75
CA ALA B 8 14.03 -2.00 11.50
C ALA B 8 12.86 -2.99 11.54
N ASP B 9 13.15 -4.25 11.82
CA ASP B 9 12.11 -5.29 11.85
C ASP B 9 10.96 -4.93 12.79
N ALA B 10 11.28 -4.52 14.01
CA ALA B 10 10.26 -4.17 14.99
C ALA B 10 9.45 -2.97 14.52
N GLU B 11 10.13 -1.98 13.93
CA GLU B 11 9.46 -0.79 13.44
C GLU B 11 8.52 -1.16 12.30
N LEU B 12 8.98 -2.04 11.42
CA LEU B 12 8.18 -2.47 10.27
C LEU B 12 6.91 -3.17 10.75
N GLN B 13 7.05 -3.98 11.79
CA GLN B 13 5.91 -4.69 12.36
C GLN B 13 4.87 -3.70 12.86
N ARG B 14 5.33 -2.69 13.59
CA ARG B 14 4.44 -1.68 14.13
C ARG B 14 3.78 -0.89 13.00
N LEU B 15 4.55 -0.66 11.94
CA LEU B 15 4.03 0.06 10.77
C LEU B 15 2.84 -0.68 10.18
N LYS B 16 2.93 -2.00 10.15
CA LYS B 16 1.86 -2.84 9.64
C LYS B 16 0.66 -2.77 10.59
N ASN B 17 0.96 -2.79 11.89
CA ASN B 17 -0.09 -2.72 12.92
C ASN B 17 -0.85 -1.40 12.80
N GLU B 18 -0.16 -0.38 12.32
CA GLU B 18 -0.75 0.93 12.15
C GLU B 18 -1.51 1.04 10.84
N ARG B 19 -0.99 0.40 9.80
CA ARG B 19 -1.62 0.43 8.49
C ARG B 19 -2.90 -0.41 8.49
N HIS B 20 -2.92 -1.48 9.27
CA HIS B 20 -4.10 -2.32 9.36
C HIS B 20 -5.23 -1.55 10.05
N GLU B 21 -4.88 -0.83 11.11
CA GLU B 21 -5.85 -0.04 11.85
C GLU B 21 -6.32 1.15 11.01
N GLU B 22 -5.48 1.53 10.05
CA GLU B 22 -5.78 2.66 9.17
C GLU B 22 -6.82 2.24 8.14
N ALA B 23 -6.54 1.15 7.45
CA ALA B 23 -7.42 0.63 6.42
C ALA B 23 -8.81 0.31 6.99
N GLU B 24 -8.83 -0.26 8.18
CA GLU B 24 -10.08 -0.63 8.82
C GLU B 24 -10.81 0.61 9.36
N LEU B 25 -10.05 1.66 9.71
CA LEU B 25 -10.66 2.89 10.19
C LEU B 25 -11.42 3.56 9.06
N GLU B 26 -10.88 3.44 7.85
CA GLU B 26 -11.53 3.98 6.66
C GLU B 26 -12.96 3.46 6.54
N ARG B 27 -13.22 2.27 7.07
CA ARG B 27 -14.56 1.70 7.05
C ARG B 27 -15.46 2.58 7.93
N LEU B 28 -14.96 2.90 9.12
CA LEU B 28 -15.68 3.75 10.06
C LEU B 28 -15.95 5.11 9.41
N LYS B 29 -14.94 5.64 8.73
CA LYS B 29 -15.07 6.91 8.02
C LYS B 29 -16.23 6.86 7.03
N SER B 30 -16.37 5.72 6.35
CA SER B 30 -17.44 5.53 5.40
C SER B 30 -18.78 5.56 6.11
N GLU B 31 -18.84 4.91 7.28
CA GLU B 31 -20.04 4.89 8.10
C GLU B 31 -20.38 6.30 8.58
N ALA B 32 -19.35 7.08 8.89
CA ALA B 32 -19.53 8.46 9.34
C ALA B 32 -20.09 9.31 8.20
N ALA B 33 -19.54 9.10 6.99
CA ALA B 33 -19.98 9.81 5.80
C ALA B 33 -21.49 9.65 5.61
N ASP B 34 -21.95 8.40 5.56
CA ASP B 34 -23.36 8.11 5.40
C ASP B 34 -23.92 7.49 6.67
N HIS B 35 -24.49 8.33 7.53
CA HIS B 35 -25.06 7.88 8.79
C HIS B 35 -26.16 6.86 8.59
N ASP B 36 -26.91 6.99 7.51
CA ASP B 36 -28.01 6.07 7.20
C ASP B 36 -27.50 4.64 7.21
N LYS B 37 -26.34 4.43 6.57
CA LYS B 37 -25.72 3.11 6.52
C LYS B 37 -25.26 2.68 7.91
N LYS B 38 -24.64 3.60 8.64
CA LYS B 38 -24.13 3.29 9.97
C LYS B 38 -25.24 2.93 10.96
N GLU B 39 -26.46 3.40 10.74
CA GLU B 39 -27.55 3.11 11.66
C GLU B 39 -28.22 1.79 11.32
N ALA B 40 -27.96 1.27 10.13
CA ALA B 40 -28.61 0.05 9.67
C ALA B 40 -28.64 -1.11 10.66
N GLU B 41 -27.52 -1.75 11.02
CA GLU B 41 -27.68 -2.86 11.94
C GLU B 41 -27.45 -2.58 13.44
N ARG B 42 -26.20 -2.60 13.93
CA ARG B 42 -25.96 -2.37 15.36
C ARG B 42 -25.11 -1.12 15.64
N LYS B 43 -24.45 -0.66 14.58
CA LYS B 43 -23.45 0.41 14.68
C LYS B 43 -23.93 1.68 15.39
N ALA B 44 -24.76 2.46 14.71
CA ALA B 44 -25.26 3.72 15.28
C ALA B 44 -25.74 3.56 16.72
N LEU B 45 -26.56 2.54 16.97
CA LEU B 45 -27.10 2.30 18.31
C LEU B 45 -25.99 2.18 19.36
N GLU B 46 -24.83 1.67 18.94
CA GLU B 46 -23.70 1.49 19.85
C GLU B 46 -22.94 2.80 20.04
N ASP B 47 -22.69 3.51 18.95
CA ASP B 47 -21.95 4.78 19.00
C ASP B 47 -22.81 5.90 19.58
N LYS B 48 -24.07 5.94 19.16
CA LYS B 48 -25.01 6.96 19.62
C LYS B 48 -25.38 6.74 21.08
N LEU B 49 -26.12 5.67 21.36
CA LEU B 49 -26.53 5.36 22.73
C LEU B 49 -25.40 4.75 23.52
N ALA B 50 -24.86 5.52 24.45
CA ALA B 50 -23.77 5.07 25.28
C ALA B 50 -23.94 5.63 26.69
N ASP B 51 -24.98 5.18 27.37
CA ASP B 51 -25.27 5.64 28.72
C ASP B 51 -24.45 4.86 29.73
N TYR B 52 -23.72 5.57 30.57
CA TYR B 52 -22.89 4.95 31.58
C TYR B 52 -23.45 5.21 32.97
N TYR A 1 3.72 -1.64 -27.95
CA TYR A 1 4.38 -1.05 -29.15
C TYR A 1 4.47 -2.08 -30.26
N VAL A 2 5.08 -3.23 -29.95
CA VAL A 2 5.20 -4.29 -30.94
C VAL A 2 4.10 -5.33 -30.67
N GLU A 3 3.70 -6.05 -31.71
CA GLU A 3 2.65 -7.05 -31.57
C GLU A 3 3.12 -8.23 -30.73
N PHE A 4 4.39 -8.55 -30.83
CA PHE A 4 4.95 -9.65 -30.06
C PHE A 4 5.93 -9.13 -29.02
N SER A 5 5.53 -9.20 -27.76
CA SER A 5 6.37 -8.74 -26.67
C SER A 5 5.97 -9.42 -25.36
N GLU A 6 6.24 -10.72 -25.28
CA GLU A 6 5.92 -11.48 -24.09
C GLU A 6 7.12 -11.54 -23.15
N GLU A 7 6.86 -11.52 -21.87
CA GLU A 7 7.92 -11.58 -20.86
C GLU A 7 7.47 -12.41 -19.68
N CYS A 8 8.39 -12.71 -18.78
CA CYS A 8 8.07 -13.50 -17.61
C CYS A 8 8.59 -12.83 -16.33
N MET A 9 7.73 -12.77 -15.34
CA MET A 9 8.07 -12.17 -14.07
C MET A 9 8.61 -13.21 -13.09
N HIS A 10 9.18 -12.74 -11.99
CA HIS A 10 9.77 -13.62 -10.99
C HIS A 10 8.70 -14.36 -10.21
N GLY A 11 7.68 -13.66 -9.73
CA GLY A 11 6.64 -14.32 -8.99
C GLY A 11 5.81 -13.39 -8.12
N SER A 12 6.43 -12.78 -7.11
CA SER A 12 5.70 -11.90 -6.21
C SER A 12 5.90 -10.42 -6.52
N GLY A 13 6.71 -10.10 -7.53
CA GLY A 13 6.94 -8.69 -7.88
C GLY A 13 7.87 -7.96 -6.94
N GLU A 14 8.19 -8.59 -5.81
CA GLU A 14 9.06 -7.98 -4.80
C GLU A 14 10.43 -7.62 -5.38
N ASN A 15 10.92 -8.42 -6.31
CA ASN A 15 12.23 -8.18 -6.92
C ASN A 15 12.12 -7.46 -8.26
N TYR A 16 10.94 -6.91 -8.52
CA TYR A 16 10.70 -6.20 -9.77
C TYR A 16 11.06 -4.73 -9.59
N ASP A 17 11.92 -4.20 -10.45
CA ASP A 17 12.35 -2.82 -10.34
C ASP A 17 11.83 -2.01 -11.52
N GLY A 18 10.57 -2.20 -11.85
CA GLY A 18 9.98 -1.49 -12.97
C GLY A 18 9.76 -0.02 -12.69
N LYS A 19 9.94 0.80 -13.72
CA LYS A 19 9.76 2.24 -13.58
C LYS A 19 8.29 2.62 -13.73
N ILE A 20 7.47 2.06 -12.85
CA ILE A 20 6.04 2.32 -12.87
C ILE A 20 5.66 3.31 -11.77
N SER A 21 5.10 4.44 -12.16
CA SER A 21 4.70 5.48 -11.22
C SER A 21 3.18 5.62 -11.15
N LYS A 22 2.47 4.80 -11.91
CA LYS A 22 1.01 4.87 -11.92
C LYS A 22 0.41 3.54 -11.52
N THR A 23 -0.82 3.58 -11.04
CA THR A 23 -1.52 2.38 -10.62
C THR A 23 -2.50 1.94 -11.70
N MET A 24 -3.28 0.91 -11.44
CA MET A 24 -4.24 0.42 -12.42
C MET A 24 -5.40 1.41 -12.57
N SER A 25 -5.74 2.08 -11.48
CA SER A 25 -6.85 3.05 -11.48
C SER A 25 -6.42 4.44 -11.94
N GLY A 26 -5.34 4.56 -12.73
CA GLY A 26 -4.90 5.86 -13.19
C GLY A 26 -4.32 6.77 -12.12
N LEU A 27 -4.33 6.31 -10.88
CA LEU A 27 -3.83 7.12 -9.77
C LEU A 27 -2.30 7.13 -9.73
N GLU A 28 -1.73 8.32 -9.72
CA GLU A 28 -0.28 8.49 -9.67
C GLU A 28 0.25 8.24 -8.26
N CYS A 29 1.37 7.53 -8.18
CA CYS A 29 1.98 7.23 -6.90
C CYS A 29 2.82 8.40 -6.38
N GLN A 30 2.60 8.76 -5.13
CA GLN A 30 3.36 9.84 -4.50
C GLN A 30 4.79 9.37 -4.22
N ALA A 31 5.73 10.30 -4.22
CA ALA A 31 7.13 9.99 -3.98
C ALA A 31 7.34 9.51 -2.56
N TRP A 32 8.14 8.46 -2.40
CA TRP A 32 8.41 7.88 -1.10
C TRP A 32 9.16 8.84 -0.17
N ASP A 33 10.27 9.38 -0.65
CA ASP A 33 11.07 10.31 0.16
C ASP A 33 10.44 11.70 0.25
N SER A 34 9.36 11.92 -0.48
CA SER A 34 8.69 13.22 -0.46
C SER A 34 7.57 13.25 0.59
N GLN A 35 7.52 14.34 1.35
CA GLN A 35 6.50 14.51 2.37
C GLN A 35 5.19 14.93 1.71
N SER A 36 4.36 13.94 1.41
CA SER A 36 3.09 14.16 0.77
C SER A 36 1.99 14.30 1.83
N PRO A 37 0.87 14.99 1.49
CA PRO A 37 -0.27 15.19 2.39
C PRO A 37 -0.62 13.92 3.16
N HIS A 38 -0.49 12.78 2.49
CA HIS A 38 -0.76 11.50 3.11
C HIS A 38 0.50 11.04 3.84
N ALA A 39 0.44 10.99 5.16
CA ALA A 39 1.59 10.59 5.97
C ALA A 39 1.88 9.11 5.77
N HIS A 40 3.16 8.75 5.77
CA HIS A 40 3.57 7.37 5.59
C HIS A 40 4.80 7.07 6.42
N GLY A 41 4.81 5.90 7.02
CA GLY A 41 5.92 5.47 7.86
C GLY A 41 6.99 4.70 7.12
N TYR A 42 6.79 4.51 5.83
CA TYR A 42 7.74 3.75 5.01
C TYR A 42 8.77 4.65 4.35
N ILE A 43 9.56 5.32 5.18
CA ILE A 43 10.61 6.20 4.69
C ILE A 43 11.77 5.37 4.12
N PRO A 44 12.21 5.68 2.88
CA PRO A 44 13.30 4.97 2.20
C PRO A 44 14.59 4.93 3.03
N SER A 45 14.78 5.93 3.86
CA SER A 45 15.96 6.03 4.70
C SER A 45 16.06 4.86 5.69
N LYS A 46 14.93 4.24 6.00
CA LYS A 46 14.90 3.13 6.94
C LYS A 46 15.36 1.84 6.28
N PHE A 47 14.77 1.49 5.13
CA PHE A 47 15.13 0.27 4.42
C PHE A 47 15.59 0.61 3.01
N PRO A 48 16.85 1.06 2.84
CA PRO A 48 17.41 1.42 1.54
C PRO A 48 17.78 0.19 0.71
N ASN A 49 17.71 -0.97 1.35
CA ASN A 49 18.06 -2.23 0.70
C ASN A 49 16.93 -2.72 -0.20
N LYS A 50 15.83 -1.98 -0.23
CA LYS A 50 14.69 -2.35 -1.07
C LYS A 50 14.59 -1.43 -2.28
N ASN A 51 15.59 -0.56 -2.43
CA ASN A 51 15.67 0.40 -3.53
C ASN A 51 14.42 1.27 -3.61
N LEU A 52 14.11 1.95 -2.52
CA LEU A 52 12.96 2.84 -2.46
C LEU A 52 13.34 4.18 -3.08
N LYS A 53 13.08 4.33 -4.37
CA LYS A 53 13.44 5.56 -5.07
C LYS A 53 12.25 6.13 -5.83
N LYS A 54 12.28 7.45 -6.00
CA LYS A 54 11.25 8.19 -6.73
C LYS A 54 9.84 7.90 -6.20
N ASN A 55 9.05 7.22 -7.02
CA ASN A 55 7.67 6.90 -6.68
C ASN A 55 7.25 5.60 -7.34
N TYR A 56 8.19 4.67 -7.41
CA TYR A 56 7.92 3.37 -8.02
C TYR A 56 7.21 2.46 -7.02
N CYS A 57 6.47 1.50 -7.54
CA CYS A 57 5.73 0.56 -6.70
C CYS A 57 6.69 -0.47 -6.11
N ARG A 58 6.77 -0.54 -4.79
CA ARG A 58 7.69 -1.49 -4.15
C ARG A 58 6.96 -2.39 -3.15
N ASN A 59 7.72 -3.31 -2.59
CA ASN A 59 7.22 -4.23 -1.56
C ASN A 59 8.35 -4.46 -0.57
N PRO A 60 8.45 -3.61 0.46
CA PRO A 60 9.52 -3.69 1.45
C PRO A 60 9.26 -4.64 2.62
N ASP A 61 8.05 -5.18 2.73
CA ASP A 61 7.74 -6.07 3.86
C ASP A 61 7.59 -7.52 3.41
N ARG A 62 7.50 -7.74 2.09
CA ARG A 62 7.31 -9.07 1.51
C ARG A 62 5.87 -9.54 1.70
N ASP A 63 4.95 -8.58 1.71
CA ASP A 63 3.53 -8.89 1.87
C ASP A 63 2.96 -9.57 0.61
N LEU A 64 1.63 -9.61 0.50
CA LEU A 64 0.97 -10.29 -0.62
C LEU A 64 1.45 -9.80 -1.98
N ARG A 65 1.51 -8.49 -2.18
CA ARG A 65 1.97 -7.94 -3.45
C ARG A 65 2.32 -6.46 -3.32
N PRO A 66 3.25 -5.98 -4.18
CA PRO A 66 3.69 -4.57 -4.17
C PRO A 66 2.54 -3.58 -4.18
N TRP A 67 2.78 -2.42 -3.59
CA TRP A 67 1.77 -1.39 -3.49
C TRP A 67 2.44 -0.05 -3.24
N CYS A 68 1.68 1.02 -3.29
CA CYS A 68 2.22 2.35 -3.07
C CYS A 68 1.13 3.34 -2.70
N PHE A 69 1.55 4.49 -2.19
CA PHE A 69 0.65 5.56 -1.81
C PHE A 69 0.26 6.35 -3.05
N THR A 70 -0.89 7.01 -3.01
CA THR A 70 -1.37 7.74 -4.17
C THR A 70 -1.60 9.21 -3.86
N THR A 71 -1.30 10.06 -4.84
CA THR A 71 -1.46 11.51 -4.69
C THR A 71 -2.92 11.94 -4.84
N ASP A 72 -3.85 11.09 -4.43
CA ASP A 72 -5.25 11.41 -4.53
C ASP A 72 -5.88 11.47 -3.15
N PRO A 73 -6.46 12.63 -2.79
CA PRO A 73 -7.10 12.85 -1.48
C PRO A 73 -8.20 11.84 -1.13
N ASN A 74 -8.65 11.07 -2.11
CA ASN A 74 -9.69 10.08 -1.86
C ASN A 74 -9.10 8.70 -1.60
N LYS A 75 -7.91 8.46 -2.13
CA LYS A 75 -7.23 7.18 -1.97
C LYS A 75 -5.83 7.37 -1.37
N ARG A 76 -5.68 7.03 -0.10
CA ARG A 76 -4.38 7.15 0.57
C ARG A 76 -3.35 6.27 -0.12
N TRP A 77 -3.77 5.06 -0.50
CA TRP A 77 -2.90 4.11 -1.17
C TRP A 77 -3.73 3.11 -1.97
N GLU A 78 -3.07 2.34 -2.82
CA GLU A 78 -3.73 1.33 -3.64
C GLU A 78 -2.76 0.22 -4.01
N TYR A 79 -3.29 -0.96 -4.31
CA TYR A 79 -2.47 -2.10 -4.68
C TYR A 79 -2.29 -2.11 -6.20
N CYS A 80 -1.09 -2.46 -6.65
CA CYS A 80 -0.82 -2.50 -8.08
C CYS A 80 -0.74 -3.95 -8.55
N ASP A 81 -1.42 -4.24 -9.65
CA ASP A 81 -1.44 -5.60 -10.20
C ASP A 81 -0.27 -5.84 -11.14
N ILE A 82 0.58 -6.79 -10.75
CA ILE A 82 1.74 -7.15 -11.53
C ILE A 82 1.69 -8.64 -11.86
N PRO A 83 1.95 -9.02 -13.14
CA PRO A 83 1.94 -10.42 -13.59
C PRO A 83 2.72 -11.35 -12.68
N ARG A 84 2.13 -12.49 -12.37
CA ARG A 84 2.75 -13.48 -11.51
C ARG A 84 3.33 -14.63 -12.35
N CYS A 85 4.33 -15.29 -11.79
CA CYS A 85 4.98 -16.40 -12.48
C CYS A 85 4.12 -17.67 -12.42
N ALA A 86 4.64 -18.77 -12.91
CA ALA A 86 3.92 -20.03 -12.91
C ALA A 86 3.70 -20.54 -11.50
N ALA A 87 4.79 -20.79 -10.79
CA ALA A 87 4.72 -21.28 -9.42
C ALA A 87 5.55 -20.41 -8.49
N GLY B 1 19.89 1.22 13.92
CA GLY B 1 20.73 2.33 14.44
C GLY B 1 21.63 2.91 13.37
N SER B 2 22.73 3.53 13.79
CA SER B 2 23.67 4.13 12.87
C SER B 2 24.25 3.06 11.94
N VAL B 3 24.96 2.11 12.52
CA VAL B 3 25.57 1.03 11.76
C VAL B 3 24.70 -0.22 11.85
N GLU B 4 24.18 -0.47 13.04
CA GLU B 4 23.32 -1.64 13.27
C GLU B 4 21.96 -1.43 12.62
N LYS B 5 21.24 -2.52 12.39
CA LYS B 5 19.92 -2.46 11.77
C LYS B 5 18.87 -3.08 12.69
N LEU B 6 19.05 -2.90 14.00
CA LEU B 6 18.13 -3.44 14.97
C LEU B 6 16.86 -2.60 15.03
N THR B 7 15.76 -3.23 15.41
CA THR B 7 14.46 -2.56 15.52
C THR B 7 13.88 -2.23 14.13
N ALA B 8 14.61 -2.58 13.07
CA ALA B 8 14.16 -2.31 11.72
C ALA B 8 12.95 -3.19 11.38
N ASP B 9 13.07 -4.47 11.67
CA ASP B 9 11.98 -5.42 11.40
C ASP B 9 10.80 -5.16 12.32
N ALA B 10 11.11 -4.83 13.58
CA ALA B 10 10.09 -4.54 14.57
C ALA B 10 9.27 -3.33 14.15
N GLU B 11 9.96 -2.32 13.62
CA GLU B 11 9.31 -1.11 13.17
C GLU B 11 8.42 -1.39 11.97
N LEU B 12 8.92 -2.21 11.04
CA LEU B 12 8.16 -2.58 9.85
C LEU B 12 6.88 -3.29 10.24
N GLN B 13 7.00 -4.16 11.25
CA GLN B 13 5.85 -4.90 11.76
C GLN B 13 4.80 -3.93 12.29
N ARG B 14 5.25 -2.96 13.09
CA ARG B 14 4.37 -1.96 13.66
C ARG B 14 3.71 -1.11 12.58
N LEU B 15 4.48 -0.79 11.54
CA LEU B 15 3.96 0.00 10.43
C LEU B 15 2.76 -0.70 9.81
N LYS B 16 2.82 -2.03 9.74
CA LYS B 16 1.72 -2.83 9.20
C LYS B 16 0.55 -2.80 10.17
N ASN B 17 0.85 -2.83 11.46
CA ASN B 17 -0.18 -2.79 12.50
C ASN B 17 -0.92 -1.46 12.44
N GLU B 18 -0.19 -0.41 12.06
CA GLU B 18 -0.79 0.92 11.94
C GLU B 18 -1.62 1.00 10.67
N ARG B 19 -1.11 0.38 9.61
CA ARG B 19 -1.80 0.37 8.32
C ARG B 19 -3.13 -0.37 8.40
N HIS B 20 -3.15 -1.49 9.14
CA HIS B 20 -4.37 -2.27 9.27
C HIS B 20 -5.44 -1.44 9.99
N GLU B 21 -5.00 -0.63 10.95
CA GLU B 21 -5.91 0.22 11.70
C GLU B 21 -6.40 1.37 10.82
N GLU B 22 -5.59 1.74 9.83
CA GLU B 22 -5.94 2.82 8.92
C GLU B 22 -6.89 2.31 7.85
N ALA B 23 -6.53 1.17 7.25
CA ALA B 23 -7.33 0.56 6.19
C ALA B 23 -8.74 0.23 6.66
N GLU B 24 -8.83 -0.38 7.83
CA GLU B 24 -10.12 -0.76 8.38
C GLU B 24 -10.89 0.47 8.85
N LEU B 25 -10.17 1.53 9.21
CA LEU B 25 -10.83 2.76 9.64
C LEU B 25 -11.39 3.48 8.42
N GLU B 26 -10.66 3.38 7.31
CA GLU B 26 -11.11 3.98 6.05
C GLU B 26 -12.45 3.40 5.65
N ARG B 27 -12.71 2.16 6.05
CA ARG B 27 -13.97 1.52 5.77
C ARG B 27 -15.07 2.27 6.51
N LEU B 28 -14.85 2.50 7.80
CA LEU B 28 -15.79 3.24 8.64
C LEU B 28 -15.95 4.66 8.09
N LYS B 29 -14.84 5.21 7.61
CA LYS B 29 -14.82 6.54 7.01
C LYS B 29 -15.78 6.59 5.84
N SER B 30 -15.72 5.58 4.99
CA SER B 30 -16.63 5.49 3.84
C SER B 30 -18.06 5.31 4.32
N GLU B 31 -18.25 4.43 5.30
CA GLU B 31 -19.57 4.17 5.88
C GLU B 31 -20.20 5.42 6.49
N ALA B 32 -19.38 6.45 6.76
CA ALA B 32 -19.88 7.69 7.33
C ALA B 32 -20.84 8.36 6.35
N ALA B 33 -20.58 8.19 5.07
CA ALA B 33 -21.42 8.73 4.02
C ALA B 33 -22.84 8.17 4.12
N ASP B 34 -22.98 6.85 4.05
CA ASP B 34 -24.29 6.21 4.14
C ASP B 34 -24.61 5.85 5.59
N HIS B 35 -25.39 6.71 6.23
CA HIS B 35 -25.78 6.50 7.63
C HIS B 35 -26.67 5.28 7.77
N ASP B 36 -27.39 4.93 6.71
CA ASP B 36 -28.30 3.79 6.72
C ASP B 36 -27.54 2.50 7.00
N LYS B 37 -26.30 2.44 6.55
CA LYS B 37 -25.47 1.26 6.77
C LYS B 37 -24.71 1.42 8.09
N LYS B 38 -24.44 2.66 8.45
CA LYS B 38 -23.70 2.98 9.67
C LYS B 38 -24.55 2.82 10.94
N GLU B 39 -25.74 2.24 10.81
CA GLU B 39 -26.60 2.04 11.96
C GLU B 39 -26.01 0.98 12.90
N ALA B 40 -25.87 -0.24 12.40
CA ALA B 40 -25.30 -1.34 13.18
C ALA B 40 -23.80 -1.42 12.97
N GLU B 41 -23.36 -0.75 11.91
CA GLU B 41 -21.98 -0.75 11.46
C GLU B 41 -21.15 0.39 12.04
N ARG B 42 -21.78 1.31 12.78
CA ARG B 42 -21.06 2.51 13.25
C ARG B 42 -19.70 2.20 13.87
N LYS B 43 -19.65 1.43 14.96
CA LYS B 43 -18.40 1.03 15.61
C LYS B 43 -17.76 2.21 16.34
N ALA B 44 -17.40 3.25 15.60
CA ALA B 44 -16.74 4.43 16.19
C ALA B 44 -17.66 5.14 17.17
N LEU B 45 -18.95 5.03 16.96
CA LEU B 45 -19.92 5.67 17.84
C LEU B 45 -19.92 5.01 19.21
N GLU B 46 -19.49 3.75 19.27
CA GLU B 46 -19.41 3.01 20.52
C GLU B 46 -18.12 3.37 21.23
N ASP B 47 -17.24 4.03 20.50
CA ASP B 47 -15.96 4.47 21.03
C ASP B 47 -16.11 5.90 21.53
N LYS B 48 -16.75 6.72 20.70
CA LYS B 48 -17.00 8.11 21.03
C LYS B 48 -17.71 8.24 22.37
N LEU B 49 -18.72 7.40 22.59
CA LEU B 49 -19.47 7.40 23.83
C LEU B 49 -18.56 7.38 25.06
N ALA B 50 -18.59 8.46 25.82
CA ALA B 50 -17.77 8.62 27.01
C ALA B 50 -18.41 9.66 27.92
N ASP B 51 -18.93 9.21 29.05
CA ASP B 51 -19.57 10.12 29.99
C ASP B 51 -18.58 10.58 31.05
N TYR B 52 -19.06 11.40 31.97
CA TYR B 52 -18.22 11.91 33.04
C TYR B 52 -18.28 10.98 34.24
N TYR A 1 0.69 -2.50 -33.91
CA TYR A 1 0.17 -3.61 -34.74
C TYR A 1 0.25 -4.93 -33.98
N VAL A 2 1.46 -5.42 -33.78
CA VAL A 2 1.68 -6.65 -33.04
C VAL A 2 2.31 -6.35 -31.68
N GLU A 3 1.47 -6.12 -30.69
CA GLU A 3 1.94 -5.78 -29.36
C GLU A 3 2.01 -7.04 -28.48
N PHE A 4 3.19 -7.62 -28.40
CA PHE A 4 3.42 -8.81 -27.59
C PHE A 4 4.36 -8.47 -26.44
N SER A 5 3.88 -8.57 -25.21
CA SER A 5 4.70 -8.26 -24.05
C SER A 5 4.26 -9.07 -22.83
N GLU A 6 4.96 -10.16 -22.56
CA GLU A 6 4.67 -11.01 -21.43
C GLU A 6 5.96 -11.43 -20.73
N GLU A 7 6.28 -10.75 -19.64
CA GLU A 7 7.48 -11.06 -18.88
C GLU A 7 7.16 -12.01 -17.73
N CYS A 8 8.18 -12.70 -17.23
CA CYS A 8 7.99 -13.63 -16.12
C CYS A 8 8.59 -13.07 -14.84
N MET A 9 7.77 -13.02 -13.81
CA MET A 9 8.18 -12.50 -12.51
C MET A 9 8.60 -13.60 -11.55
N HIS A 10 9.25 -13.21 -10.45
CA HIS A 10 9.69 -14.15 -9.43
C HIS A 10 8.49 -14.87 -8.83
N GLY A 11 7.49 -14.12 -8.43
CA GLY A 11 6.32 -14.73 -7.86
C GLY A 11 5.62 -13.89 -6.81
N SER A 12 6.39 -13.37 -5.85
CA SER A 12 5.79 -12.58 -4.77
C SER A 12 5.97 -11.06 -4.97
N GLY A 13 6.71 -10.67 -6.00
CA GLY A 13 6.94 -9.26 -6.25
C GLY A 13 7.97 -8.64 -5.33
N GLU A 14 8.42 -9.42 -4.35
CA GLU A 14 9.43 -8.95 -3.38
C GLU A 14 10.72 -8.54 -4.07
N ASN A 15 11.05 -9.21 -5.17
CA ASN A 15 12.27 -8.90 -5.91
C ASN A 15 11.96 -8.07 -7.16
N TYR A 16 10.77 -7.50 -7.21
CA TYR A 16 10.36 -6.69 -8.35
C TYR A 16 10.76 -5.23 -8.20
N ASP A 17 11.58 -4.74 -9.13
CA ASP A 17 12.04 -3.36 -9.11
C ASP A 17 11.69 -2.69 -10.44
N GLY A 18 10.40 -2.50 -10.67
CA GLY A 18 9.96 -1.90 -11.92
C GLY A 18 9.85 -0.39 -11.86
N LYS A 19 9.81 0.22 -13.04
CA LYS A 19 9.71 1.67 -13.18
C LYS A 19 8.25 2.09 -13.25
N ILE A 20 7.41 1.37 -12.53
CA ILE A 20 5.99 1.64 -12.51
C ILE A 20 5.67 2.68 -11.45
N SER A 21 5.08 3.79 -11.88
CA SER A 21 4.73 4.88 -10.97
C SER A 21 3.23 5.17 -11.03
N LYS A 22 2.50 4.31 -11.73
CA LYS A 22 1.07 4.46 -11.87
C LYS A 22 0.38 3.20 -11.39
N THR A 23 -0.85 3.34 -10.93
CA THR A 23 -1.61 2.20 -10.46
C THR A 23 -2.53 1.72 -11.57
N MET A 24 -3.32 0.70 -11.31
CA MET A 24 -4.24 0.18 -12.31
C MET A 24 -5.44 1.12 -12.44
N SER A 25 -5.74 1.86 -11.38
CA SER A 25 -6.85 2.79 -11.39
C SER A 25 -6.45 4.21 -11.85
N GLY A 26 -5.39 4.34 -12.64
CA GLY A 26 -4.97 5.66 -13.11
C GLY A 26 -4.39 6.59 -12.04
N LEU A 27 -4.47 6.20 -10.79
CA LEU A 27 -3.97 7.05 -9.70
C LEU A 27 -2.45 7.15 -9.71
N GLU A 28 -1.94 8.38 -9.64
CA GLU A 28 -0.50 8.63 -9.65
C GLU A 28 0.10 8.32 -8.28
N CYS A 29 1.15 7.52 -8.27
CA CYS A 29 1.81 7.14 -7.04
C CYS A 29 2.53 8.31 -6.37
N GLN A 30 2.43 8.34 -5.04
CA GLN A 30 3.06 9.36 -4.23
C GLN A 30 4.54 9.02 -3.97
N ALA A 31 5.38 10.04 -3.92
CA ALA A 31 6.81 9.85 -3.71
C ALA A 31 7.12 9.36 -2.31
N TRP A 32 7.96 8.35 -2.22
CA TRP A 32 8.34 7.75 -0.95
C TRP A 32 9.17 8.71 -0.08
N ASP A 33 10.24 9.26 -0.64
CA ASP A 33 11.10 10.18 0.12
C ASP A 33 10.54 11.59 0.24
N SER A 34 9.41 11.85 -0.40
CA SER A 34 8.80 13.17 -0.33
C SER A 34 7.64 13.21 0.65
N GLN A 35 7.49 14.33 1.34
CA GLN A 35 6.40 14.51 2.30
C GLN A 35 5.12 14.89 1.57
N SER A 36 4.01 14.32 2.00
CA SER A 36 2.72 14.54 1.39
C SER A 36 1.63 14.47 2.45
N PRO A 37 0.48 15.15 2.23
CA PRO A 37 -0.66 15.13 3.18
C PRO A 37 -0.91 13.73 3.75
N HIS A 38 -0.67 12.73 2.93
CA HIS A 38 -0.84 11.35 3.35
C HIS A 38 0.46 10.88 4.00
N ALA A 39 0.49 10.92 5.33
CA ALA A 39 1.68 10.52 6.08
C ALA A 39 1.99 9.05 5.87
N HIS A 40 3.26 8.68 5.94
CA HIS A 40 3.67 7.30 5.73
C HIS A 40 4.88 6.96 6.58
N GLY A 41 4.83 5.81 7.22
CA GLY A 41 5.93 5.36 8.07
C GLY A 41 6.98 4.57 7.30
N TYR A 42 6.75 4.37 6.01
CA TYR A 42 7.68 3.61 5.19
C TYR A 42 8.74 4.54 4.58
N ILE A 43 9.58 5.08 5.44
CA ILE A 43 10.65 5.99 5.02
C ILE A 43 11.78 5.23 4.30
N PRO A 44 12.14 5.68 3.08
CA PRO A 44 13.20 5.06 2.26
C PRO A 44 14.54 5.02 2.97
N SER A 45 14.77 5.99 3.83
CA SER A 45 16.02 6.09 4.58
C SER A 45 16.16 4.95 5.59
N LYS A 46 15.05 4.28 5.89
CA LYS A 46 15.05 3.17 6.83
C LYS A 46 15.45 1.87 6.13
N PHE A 47 14.80 1.58 5.02
CA PHE A 47 15.07 0.35 4.28
C PHE A 47 15.63 0.66 2.88
N PRO A 48 16.94 0.92 2.78
CA PRO A 48 17.57 1.22 1.48
C PRO A 48 17.84 -0.05 0.67
N ASN A 49 17.62 -1.20 1.31
CA ASN A 49 17.84 -2.50 0.68
C ASN A 49 16.67 -2.89 -0.22
N LYS A 50 15.60 -2.12 -0.16
CA LYS A 50 14.42 -2.41 -0.97
C LYS A 50 14.34 -1.51 -2.20
N ASN A 51 15.39 -0.68 -2.38
CA ASN A 51 15.46 0.24 -3.51
C ASN A 51 14.25 1.16 -3.57
N LEU A 52 14.01 1.85 -2.46
CA LEU A 52 12.89 2.77 -2.37
C LEU A 52 13.28 4.09 -3.01
N LYS A 53 12.97 4.26 -4.29
CA LYS A 53 13.33 5.48 -5.01
C LYS A 53 12.14 6.10 -5.72
N LYS A 54 12.20 7.42 -5.88
CA LYS A 54 11.18 8.22 -6.55
C LYS A 54 9.78 7.91 -6.01
N ASN A 55 8.99 7.21 -6.81
CA ASN A 55 7.63 6.87 -6.44
C ASN A 55 7.22 5.59 -7.15
N TYR A 56 8.17 4.68 -7.30
CA TYR A 56 7.91 3.41 -7.96
C TYR A 56 7.20 2.44 -7.02
N CYS A 57 6.39 1.56 -7.59
CA CYS A 57 5.66 0.57 -6.80
C CYS A 57 6.56 -0.62 -6.52
N ARG A 58 6.78 -0.91 -5.24
CA ARG A 58 7.63 -2.01 -4.83
C ARG A 58 7.00 -2.73 -3.64
N ASN A 59 7.62 -3.81 -3.20
CA ASN A 59 7.12 -4.56 -2.04
C ASN A 59 8.14 -4.42 -0.90
N PRO A 60 7.97 -3.38 -0.07
CA PRO A 60 8.91 -3.12 1.02
C PRO A 60 8.64 -3.93 2.29
N ASP A 61 7.40 -4.35 2.51
CA ASP A 61 7.06 -5.09 3.72
C ASP A 61 7.16 -6.60 3.49
N ARG A 62 7.39 -6.99 2.23
CA ARG A 62 7.49 -8.41 1.86
C ARG A 62 6.13 -9.08 2.06
N ASP A 63 5.08 -8.29 1.87
CA ASP A 63 3.72 -8.80 2.03
C ASP A 63 3.21 -9.48 0.75
N LEU A 64 1.89 -9.53 0.64
CA LEU A 64 1.21 -10.19 -0.49
C LEU A 64 1.76 -9.80 -1.86
N ARG A 65 1.94 -8.50 -2.08
CA ARG A 65 2.47 -8.03 -3.36
C ARG A 65 2.79 -6.54 -3.29
N PRO A 66 3.59 -6.03 -4.26
CA PRO A 66 3.96 -4.62 -4.32
C PRO A 66 2.79 -3.65 -4.25
N TRP A 67 3.03 -2.49 -3.68
CA TRP A 67 2.04 -1.46 -3.52
C TRP A 67 2.71 -0.12 -3.32
N CYS A 68 1.95 0.96 -3.33
CA CYS A 68 2.49 2.29 -3.13
C CYS A 68 1.41 3.27 -2.74
N PHE A 69 1.82 4.42 -2.23
CA PHE A 69 0.91 5.48 -1.82
C PHE A 69 0.41 6.23 -3.03
N THR A 70 -0.73 6.88 -2.90
CA THR A 70 -1.32 7.58 -4.03
C THR A 70 -1.53 9.06 -3.71
N THR A 71 -1.30 9.90 -4.70
CA THR A 71 -1.48 11.36 -4.53
C THR A 71 -2.95 11.75 -4.65
N ASP A 72 -3.83 10.84 -4.29
CA ASP A 72 -5.27 11.07 -4.36
C ASP A 72 -5.85 11.13 -2.96
N PRO A 73 -6.57 12.21 -2.63
CA PRO A 73 -7.16 12.41 -1.28
C PRO A 73 -8.16 11.32 -0.87
N ASN A 74 -8.56 10.48 -1.81
CA ASN A 74 -9.52 9.42 -1.52
C ASN A 74 -8.81 8.16 -1.01
N LYS A 75 -7.81 7.70 -1.73
CA LYS A 75 -7.06 6.51 -1.32
C LYS A 75 -5.65 6.88 -0.93
N ARG A 76 -5.23 6.48 0.26
CA ARG A 76 -3.90 6.78 0.76
C ARG A 76 -2.86 5.96 0.01
N TRP A 77 -3.22 4.73 -0.31
CA TRP A 77 -2.35 3.82 -1.05
C TRP A 77 -3.18 2.77 -1.78
N GLU A 78 -2.58 2.16 -2.79
CA GLU A 78 -3.26 1.15 -3.59
C GLU A 78 -2.31 0.04 -4.04
N TYR A 79 -2.88 -1.12 -4.31
CA TYR A 79 -2.11 -2.27 -4.77
C TYR A 79 -1.95 -2.28 -6.29
N CYS A 80 -0.95 -2.99 -6.78
CA CYS A 80 -0.69 -3.08 -8.21
C CYS A 80 -0.69 -4.53 -8.67
N ASP A 81 -1.39 -4.80 -9.78
CA ASP A 81 -1.47 -6.15 -10.33
C ASP A 81 -0.32 -6.38 -11.30
N ILE A 82 0.50 -7.37 -10.98
CA ILE A 82 1.67 -7.71 -11.79
C ILE A 82 1.61 -9.19 -12.17
N PRO A 83 1.94 -9.53 -13.44
CA PRO A 83 1.95 -10.92 -13.93
C PRO A 83 2.72 -11.86 -13.01
N ARG A 84 2.08 -12.94 -12.60
CA ARG A 84 2.68 -13.91 -11.69
C ARG A 84 3.21 -15.11 -12.47
N CYS A 85 4.24 -15.75 -11.93
CA CYS A 85 4.83 -16.92 -12.59
C CYS A 85 4.00 -18.16 -12.29
N ALA A 86 3.59 -18.85 -13.35
CA ALA A 86 2.78 -20.05 -13.20
C ALA A 86 3.67 -21.26 -12.97
N ALA A 87 4.89 -21.19 -13.50
CA ALA A 87 5.85 -22.27 -13.36
C ALA A 87 6.91 -21.92 -12.31
N GLY B 1 21.15 7.06 7.98
CA GLY B 1 21.24 8.01 6.84
C GLY B 1 20.60 7.45 5.59
N SER B 2 21.38 6.67 4.83
CA SER B 2 20.87 6.08 3.60
C SER B 2 21.48 4.71 3.34
N VAL B 3 22.12 4.14 4.36
CA VAL B 3 22.75 2.82 4.20
C VAL B 3 22.46 1.91 5.39
N GLU B 4 22.36 2.48 6.57
CA GLU B 4 22.10 1.72 7.78
C GLU B 4 20.63 1.35 7.89
N LYS B 5 20.36 0.11 8.26
CA LYS B 5 19.00 -0.37 8.42
C LYS B 5 18.89 -1.25 9.66
N LEU B 6 19.53 -0.82 10.74
CA LEU B 6 19.50 -1.57 11.99
C LEU B 6 18.12 -1.43 12.64
N THR B 7 17.61 -2.55 13.14
CA THR B 7 16.30 -2.61 13.78
C THR B 7 15.20 -2.28 12.76
N ALA B 8 15.47 -2.59 11.50
CA ALA B 8 14.52 -2.35 10.43
C ALA B 8 13.34 -3.31 10.49
N ASP B 9 13.65 -4.59 10.69
CA ASP B 9 12.63 -5.63 10.76
C ASP B 9 11.59 -5.33 11.83
N ALA B 10 12.04 -4.89 12.99
CA ALA B 10 11.15 -4.57 14.09
C ALA B 10 10.26 -3.37 13.74
N GLU B 11 10.87 -2.36 13.13
CA GLU B 11 10.14 -1.16 12.77
C GLU B 11 9.12 -1.45 11.66
N LEU B 12 9.53 -2.26 10.69
CA LEU B 12 8.67 -2.62 9.57
C LEU B 12 7.38 -3.28 10.05
N GLN B 13 7.53 -4.17 11.03
CA GLN B 13 6.40 -4.89 11.59
C GLN B 13 5.39 -3.89 12.17
N ARG B 14 5.90 -2.88 12.88
CA ARG B 14 5.06 -1.86 13.49
C ARG B 14 4.39 -1.02 12.42
N LEU B 15 5.10 -0.74 11.34
CA LEU B 15 4.56 0.03 10.23
C LEU B 15 3.32 -0.66 9.67
N LYS B 16 3.40 -1.97 9.54
CA LYS B 16 2.28 -2.76 9.04
C LYS B 16 1.13 -2.69 10.04
N ASN B 17 1.47 -2.73 11.32
CA ASN B 17 0.48 -2.65 12.41
C ASN B 17 -0.29 -1.34 12.33
N GLU B 18 0.38 -0.30 11.85
CA GLU B 18 -0.23 1.02 11.75
C GLU B 18 -0.99 1.16 10.43
N ARG B 19 -0.48 0.56 9.38
CA ARG B 19 -1.11 0.66 8.06
C ARG B 19 -2.39 -0.18 8.03
N HIS B 20 -2.38 -1.31 8.74
CA HIS B 20 -3.57 -2.16 8.80
C HIS B 20 -4.69 -1.42 9.51
N GLU B 21 -4.36 -0.75 10.62
CA GLU B 21 -5.33 0.03 11.37
C GLU B 21 -5.77 1.25 10.55
N GLU B 22 -4.95 1.61 9.57
CA GLU B 22 -5.22 2.73 8.71
C GLU B 22 -6.27 2.36 7.67
N ALA B 23 -6.01 1.27 6.96
CA ALA B 23 -6.91 0.79 5.93
C ALA B 23 -8.27 0.43 6.52
N GLU B 24 -8.26 -0.16 7.72
CA GLU B 24 -9.49 -0.54 8.38
C GLU B 24 -10.25 0.70 8.85
N LEU B 25 -9.53 1.77 9.11
CA LEU B 25 -10.16 3.01 9.55
C LEU B 25 -10.77 3.73 8.35
N GLU B 26 -10.13 3.59 7.20
CA GLU B 26 -10.62 4.17 5.96
C GLU B 26 -12.02 3.65 5.65
N ARG B 27 -12.29 2.43 6.09
CA ARG B 27 -13.61 1.83 5.91
C ARG B 27 -14.63 2.63 6.70
N LEU B 28 -14.25 2.97 7.94
CA LEU B 28 -15.11 3.76 8.81
C LEU B 28 -15.25 5.17 8.24
N LYS B 29 -14.14 5.67 7.67
CA LYS B 29 -14.12 6.99 7.05
C LYS B 29 -15.20 7.06 5.96
N SER B 30 -15.34 5.97 5.22
CA SER B 30 -16.34 5.89 4.17
C SER B 30 -17.74 6.00 4.78
N GLU B 31 -17.93 5.34 5.92
CA GLU B 31 -19.21 5.38 6.63
C GLU B 31 -19.50 6.78 7.16
N ALA B 32 -18.44 7.51 7.50
CA ALA B 32 -18.57 8.86 8.02
C ALA B 32 -18.97 9.83 6.91
N ALA B 33 -18.34 9.65 5.75
CA ALA B 33 -18.62 10.49 4.58
C ALA B 33 -20.11 10.52 4.24
N ASP B 34 -20.74 9.34 4.26
CA ASP B 34 -22.16 9.25 3.94
C ASP B 34 -22.86 8.28 4.90
N HIS B 35 -23.84 8.80 5.62
CA HIS B 35 -24.60 8.00 6.57
C HIS B 35 -25.45 6.96 5.83
N ASP B 36 -25.70 7.21 4.56
CA ASP B 36 -26.47 6.29 3.75
C ASP B 36 -25.56 5.12 3.37
N LYS B 37 -24.32 5.46 3.01
CA LYS B 37 -23.32 4.46 2.67
C LYS B 37 -23.08 3.56 3.86
N LYS B 38 -22.94 4.20 5.03
CA LYS B 38 -22.75 3.49 6.29
C LYS B 38 -23.72 2.32 6.44
N GLU B 39 -24.97 2.49 6.01
CA GLU B 39 -25.95 1.43 6.10
C GLU B 39 -25.88 0.54 4.86
N ALA B 40 -25.51 1.15 3.73
CA ALA B 40 -25.37 0.45 2.46
C ALA B 40 -24.39 -0.70 2.61
N GLU B 41 -23.32 -0.46 3.39
CA GLU B 41 -22.28 -1.46 3.70
C GLU B 41 -22.80 -2.84 4.10
N ARG B 42 -24.11 -2.99 4.31
CA ARG B 42 -24.70 -4.28 4.69
C ARG B 42 -24.24 -5.42 3.75
N LYS B 43 -23.70 -5.06 2.59
CA LYS B 43 -23.19 -6.06 1.64
C LYS B 43 -21.77 -6.44 2.03
N ALA B 44 -21.56 -6.50 3.34
CA ALA B 44 -20.25 -6.80 3.90
C ALA B 44 -19.98 -8.30 3.84
N LEU B 45 -20.99 -9.09 4.18
CA LEU B 45 -20.88 -10.54 4.16
C LEU B 45 -20.40 -11.05 2.81
N GLU B 46 -20.96 -10.49 1.75
CA GLU B 46 -20.60 -10.88 0.39
C GLU B 46 -19.19 -10.38 0.05
N ASP B 47 -18.98 -9.07 0.21
CA ASP B 47 -17.69 -8.44 -0.07
C ASP B 47 -16.54 -9.15 0.67
N LYS B 48 -16.76 -9.42 1.96
CA LYS B 48 -15.76 -10.09 2.78
C LYS B 48 -15.59 -11.55 2.38
N LEU B 49 -16.66 -12.31 2.44
CA LEU B 49 -16.62 -13.73 2.10
C LEU B 49 -16.77 -13.93 0.59
N ALA B 50 -15.97 -13.21 -0.18
CA ALA B 50 -16.01 -13.29 -1.63
C ALA B 50 -15.26 -14.52 -2.13
N ASP B 51 -13.98 -14.60 -1.79
CA ASP B 51 -13.15 -15.72 -2.21
C ASP B 51 -12.78 -16.58 -1.00
N TYR B 52 -12.45 -17.84 -1.26
CA TYR B 52 -12.09 -18.77 -0.20
C TYR B 52 -10.58 -18.85 -0.05
N TYR A 1 0.69 -0.57 -29.86
CA TYR A 1 1.44 -1.84 -29.87
C TYR A 1 0.60 -2.97 -29.30
N VAL A 2 1.07 -3.58 -28.21
CA VAL A 2 0.33 -4.67 -27.59
C VAL A 2 -0.12 -4.29 -26.19
N GLU A 3 -1.24 -4.86 -25.77
CA GLU A 3 -1.79 -4.57 -24.45
C GLU A 3 -1.64 -5.77 -23.54
N PHE A 4 -0.75 -6.69 -23.91
CA PHE A 4 -0.51 -7.89 -23.15
C PHE A 4 0.95 -7.99 -22.70
N SER A 5 1.18 -8.63 -21.57
CA SER A 5 2.52 -8.78 -21.05
C SER A 5 3.16 -10.08 -21.58
N GLU A 6 4.44 -9.99 -21.93
CA GLU A 6 5.16 -11.14 -22.46
C GLU A 6 6.34 -11.48 -21.57
N GLU A 7 6.60 -10.60 -20.61
CA GLU A 7 7.69 -10.78 -19.67
C GLU A 7 7.29 -11.72 -18.53
N CYS A 8 8.26 -12.44 -17.98
CA CYS A 8 7.98 -13.37 -16.90
C CYS A 8 8.54 -12.82 -15.59
N MET A 9 7.67 -12.76 -14.59
CA MET A 9 8.05 -12.25 -13.28
C MET A 9 8.43 -13.37 -12.33
N HIS A 10 9.01 -13.00 -11.18
CA HIS A 10 9.43 -13.97 -10.18
C HIS A 10 8.24 -14.72 -9.59
N GLY A 11 7.31 -13.99 -8.97
CA GLY A 11 6.16 -14.64 -8.39
C GLY A 11 5.32 -13.76 -7.48
N SER A 12 5.91 -13.31 -6.37
CA SER A 12 5.17 -12.50 -5.40
C SER A 12 5.48 -11.01 -5.52
N GLY A 13 6.38 -10.64 -6.42
CA GLY A 13 6.73 -9.24 -6.59
C GLY A 13 7.68 -8.71 -5.52
N GLU A 14 8.07 -9.57 -4.59
CA GLU A 14 8.97 -9.19 -3.50
C GLU A 14 10.31 -8.66 -4.02
N ASN A 15 10.70 -9.10 -5.20
CA ASN A 15 11.95 -8.65 -5.81
C ASN A 15 11.70 -7.91 -7.12
N TYR A 16 10.49 -7.42 -7.28
CA TYR A 16 10.11 -6.70 -8.51
C TYR A 16 10.55 -5.25 -8.42
N ASP A 17 11.43 -4.85 -9.34
CA ASP A 17 11.93 -3.48 -9.37
C ASP A 17 11.63 -2.89 -10.75
N GLY A 18 10.37 -2.50 -10.95
CA GLY A 18 9.99 -1.93 -12.23
C GLY A 18 9.75 -0.45 -12.18
N LYS A 19 9.79 0.19 -13.35
CA LYS A 19 9.57 1.63 -13.46
C LYS A 19 8.09 1.94 -13.53
N ILE A 20 7.36 1.43 -12.56
CA ILE A 20 5.92 1.63 -12.48
C ILE A 20 5.61 2.74 -11.47
N SER A 21 5.05 3.84 -11.97
CA SER A 21 4.73 4.98 -11.13
C SER A 21 3.22 5.20 -11.03
N LYS A 22 2.45 4.34 -11.69
CA LYS A 22 1.01 4.45 -11.67
C LYS A 22 0.40 3.17 -11.10
N THR A 23 -0.83 3.30 -10.62
CA THR A 23 -1.55 2.16 -10.08
C THR A 23 -2.50 1.63 -11.14
N MET A 24 -3.12 0.48 -10.88
CA MET A 24 -4.05 -0.11 -11.83
C MET A 24 -5.26 0.80 -12.04
N SER A 25 -5.58 1.60 -11.03
CA SER A 25 -6.71 2.51 -11.08
C SER A 25 -6.34 3.89 -11.63
N GLY A 26 -5.30 3.98 -12.46
CA GLY A 26 -4.89 5.26 -13.04
C GLY A 26 -4.29 6.29 -12.07
N LEU A 27 -4.35 6.02 -10.77
CA LEU A 27 -3.84 6.96 -9.78
C LEU A 27 -2.30 6.98 -9.76
N GLU A 28 -1.74 8.19 -9.77
CA GLU A 28 -0.30 8.37 -9.73
C GLU A 28 0.23 8.11 -8.32
N CYS A 29 1.29 7.32 -8.25
CA CYS A 29 1.90 6.97 -6.99
C CYS A 29 2.63 8.15 -6.33
N GLN A 30 2.51 8.22 -5.01
CA GLN A 30 3.17 9.24 -4.20
C GLN A 30 4.60 8.80 -3.91
N ALA A 31 5.53 9.75 -3.91
CA ALA A 31 6.94 9.44 -3.68
C ALA A 31 7.22 9.05 -2.23
N TRP A 32 8.06 8.04 -2.06
CA TRP A 32 8.44 7.56 -0.74
C TRP A 32 9.12 8.64 0.12
N ASP A 33 10.13 9.28 -0.44
CA ASP A 33 10.88 10.31 0.30
C ASP A 33 10.16 11.66 0.35
N SER A 34 9.04 11.78 -0.33
CA SER A 34 8.33 13.06 -0.34
C SER A 34 7.35 13.16 0.82
N GLN A 35 7.34 14.31 1.47
CA GLN A 35 6.44 14.56 2.58
C GLN A 35 5.16 15.19 2.05
N SER A 36 4.27 14.33 1.60
CA SER A 36 2.99 14.73 1.05
C SER A 36 1.94 14.73 2.15
N PRO A 37 0.86 15.54 2.00
CA PRO A 37 -0.25 15.61 2.98
C PRO A 37 -0.60 14.25 3.57
N HIS A 38 -0.42 13.20 2.77
CA HIS A 38 -0.67 11.84 3.23
C HIS A 38 0.60 11.34 3.90
N ALA A 39 0.63 11.44 5.23
CA ALA A 39 1.79 11.03 6.02
C ALA A 39 2.01 9.53 5.97
N HIS A 40 3.26 9.11 6.06
CA HIS A 40 3.60 7.69 6.00
C HIS A 40 4.88 7.40 6.78
N GLY A 41 4.96 6.18 7.32
CA GLY A 41 6.12 5.78 8.08
C GLY A 41 7.14 5.01 7.25
N TYR A 42 6.85 4.82 5.97
CA TYR A 42 7.75 4.07 5.10
C TYR A 42 8.86 4.95 4.53
N ILE A 43 9.68 5.49 5.41
CA ILE A 43 10.80 6.35 5.01
C ILE A 43 11.93 5.51 4.39
N PRO A 44 12.37 5.87 3.17
CA PRO A 44 13.45 5.14 2.46
C PRO A 44 14.76 5.09 3.24
N SER A 45 14.92 6.02 4.18
CA SER A 45 16.12 6.08 4.99
C SER A 45 16.19 4.92 5.97
N LYS A 46 15.09 4.19 6.11
CA LYS A 46 15.04 3.06 7.02
C LYS A 46 15.44 1.77 6.31
N PHE A 47 14.77 1.45 5.21
CA PHE A 47 15.08 0.24 4.45
C PHE A 47 15.49 0.57 3.01
N PRO A 48 16.76 0.93 2.80
CA PRO A 48 17.27 1.26 1.45
C PRO A 48 17.57 0.00 0.64
N ASN A 49 17.41 -1.14 1.27
CA ASN A 49 17.67 -2.43 0.64
C ASN A 49 16.54 -2.83 -0.32
N LYS A 50 15.42 -2.14 -0.25
CA LYS A 50 14.30 -2.44 -1.13
C LYS A 50 14.21 -1.46 -2.28
N ASN A 51 15.23 -0.60 -2.39
CA ASN A 51 15.33 0.40 -3.46
C ASN A 51 14.08 1.29 -3.52
N LEU A 52 13.85 2.05 -2.45
CA LEU A 52 12.71 2.95 -2.37
C LEU A 52 13.02 4.24 -3.12
N LYS A 53 13.22 4.15 -4.43
CA LYS A 53 13.56 5.31 -5.24
C LYS A 53 12.36 5.94 -5.93
N LYS A 54 12.47 7.25 -6.14
CA LYS A 54 11.44 8.06 -6.81
C LYS A 54 10.05 7.84 -6.22
N ASN A 55 9.17 7.26 -7.02
CA ASN A 55 7.80 7.00 -6.63
C ASN A 55 7.31 5.71 -7.27
N TYR A 56 8.22 4.78 -7.43
CA TYR A 56 7.90 3.50 -8.05
C TYR A 56 7.22 2.57 -7.06
N CYS A 57 6.40 1.68 -7.59
CA CYS A 57 5.68 0.70 -6.79
C CYS A 57 6.59 -0.46 -6.45
N ARG A 58 6.78 -0.71 -5.16
CA ARG A 58 7.65 -1.79 -4.72
C ARG A 58 6.98 -2.59 -3.60
N ASN A 59 7.66 -3.63 -3.16
CA ASN A 59 7.17 -4.46 -2.07
C ASN A 59 8.21 -4.43 -0.96
N PRO A 60 8.03 -3.56 0.03
CA PRO A 60 8.98 -3.37 1.11
C PRO A 60 8.81 -4.30 2.31
N ASP A 61 7.60 -4.77 2.59
CA ASP A 61 7.37 -5.61 3.76
C ASP A 61 7.38 -7.09 3.42
N ARG A 62 7.56 -7.45 2.15
CA ARG A 62 7.58 -8.85 1.72
C ARG A 62 6.19 -9.47 1.91
N ASP A 63 5.18 -8.64 1.73
CA ASP A 63 3.79 -9.06 1.89
C ASP A 63 3.24 -9.72 0.61
N LEU A 64 1.91 -9.76 0.53
CA LEU A 64 1.20 -10.40 -0.58
C LEU A 64 1.67 -9.92 -1.96
N ARG A 65 1.79 -8.61 -2.14
CA ARG A 65 2.22 -8.08 -3.43
C ARG A 65 2.59 -6.60 -3.33
N PRO A 66 3.38 -6.10 -4.30
CA PRO A 66 3.80 -4.70 -4.33
C PRO A 66 2.63 -3.74 -4.26
N TRP A 67 2.87 -2.58 -3.68
CA TRP A 67 1.86 -1.56 -3.52
C TRP A 67 2.53 -0.21 -3.36
N CYS A 68 1.75 0.86 -3.34
CA CYS A 68 2.30 2.18 -3.19
C CYS A 68 1.24 3.18 -2.76
N PHE A 69 1.69 4.31 -2.25
CA PHE A 69 0.81 5.37 -1.81
C PHE A 69 0.28 6.13 -3.02
N THR A 70 -0.87 6.76 -2.88
CA THR A 70 -1.49 7.46 -3.99
C THR A 70 -1.74 8.93 -3.68
N THR A 71 -1.54 9.78 -4.70
CA THR A 71 -1.76 11.21 -4.55
C THR A 71 -3.24 11.57 -4.67
N ASP A 72 -4.10 10.72 -4.11
CA ASP A 72 -5.53 10.94 -4.15
C ASP A 72 -6.08 11.13 -2.74
N PRO A 73 -6.96 12.13 -2.52
CA PRO A 73 -7.53 12.42 -1.19
C PRO A 73 -8.50 11.34 -0.71
N ASN A 74 -8.86 10.40 -1.58
CA ASN A 74 -9.79 9.35 -1.20
C ASN A 74 -9.07 8.09 -0.73
N LYS A 75 -7.99 7.71 -1.42
CA LYS A 75 -7.25 6.51 -1.06
C LYS A 75 -5.80 6.86 -0.73
N ARG A 76 -5.32 6.38 0.41
CA ARG A 76 -3.95 6.63 0.82
C ARG A 76 -2.99 5.75 0.03
N TRP A 77 -3.41 4.54 -0.29
CA TRP A 77 -2.58 3.61 -1.05
C TRP A 77 -3.46 2.62 -1.80
N GLU A 78 -2.85 1.93 -2.75
CA GLU A 78 -3.57 0.94 -3.55
C GLU A 78 -2.67 -0.21 -3.96
N TYR A 79 -3.28 -1.36 -4.24
CA TYR A 79 -2.55 -2.55 -4.66
C TYR A 79 -2.43 -2.59 -6.18
N CYS A 80 -1.35 -3.18 -6.67
CA CYS A 80 -1.13 -3.28 -8.10
C CYS A 80 -0.94 -4.75 -8.49
N ASP A 81 -1.53 -5.15 -9.62
CA ASP A 81 -1.42 -6.52 -10.09
C ASP A 81 -0.37 -6.65 -11.18
N ILE A 82 0.61 -7.49 -10.93
CA ILE A 82 1.70 -7.73 -11.88
C ILE A 82 1.67 -9.20 -12.31
N PRO A 83 1.87 -9.48 -13.61
CA PRO A 83 1.87 -10.86 -14.15
C PRO A 83 2.70 -11.81 -13.29
N ARG A 84 2.11 -12.94 -12.91
CA ARG A 84 2.78 -13.92 -12.09
C ARG A 84 3.31 -15.07 -12.93
N CYS A 85 4.35 -15.73 -12.45
CA CYS A 85 4.94 -16.83 -13.19
C CYS A 85 4.14 -18.10 -12.95
N ALA A 86 3.51 -18.60 -14.02
CA ALA A 86 2.72 -19.82 -13.94
C ALA A 86 3.61 -21.02 -13.70
N ALA A 87 4.72 -21.07 -14.43
CA ALA A 87 5.67 -22.15 -14.31
C ALA A 87 6.67 -21.83 -13.21
N GLY B 1 15.55 12.55 17.79
CA GLY B 1 15.87 13.57 16.76
C GLY B 1 14.74 13.73 15.75
N SER B 2 15.10 13.88 14.50
CA SER B 2 14.11 14.05 13.43
C SER B 2 13.42 12.72 13.14
N VAL B 3 14.20 11.70 12.87
CA VAL B 3 13.67 10.37 12.57
C VAL B 3 14.38 9.31 13.39
N GLU B 4 13.64 8.29 13.83
CA GLU B 4 14.21 7.21 14.61
C GLU B 4 14.05 5.89 13.87
N LYS B 5 15.05 5.03 13.95
CA LYS B 5 14.99 3.73 13.29
C LYS B 5 15.65 2.65 14.12
N LEU B 6 14.94 2.19 15.15
CA LEU B 6 15.46 1.15 16.04
C LEU B 6 14.98 -0.23 15.59
N THR B 7 15.92 -1.06 15.13
CA THR B 7 15.62 -2.41 14.68
C THR B 7 14.75 -2.42 13.41
N ALA B 8 15.36 -2.84 12.30
CA ALA B 8 14.67 -2.87 11.01
C ALA B 8 13.44 -3.77 11.01
N ASP B 9 13.62 -5.05 11.35
CA ASP B 9 12.51 -6.02 11.37
C ASP B 9 11.35 -5.56 12.25
N ALA B 10 11.67 -5.03 13.42
CA ALA B 10 10.64 -4.57 14.35
C ALA B 10 9.90 -3.35 13.79
N GLU B 11 10.66 -2.47 13.13
CA GLU B 11 10.09 -1.26 12.56
C GLU B 11 9.13 -1.61 11.42
N LEU B 12 9.57 -2.48 10.52
CA LEU B 12 8.77 -2.90 9.39
C LEU B 12 7.49 -3.58 9.87
N GLN B 13 7.64 -4.42 10.88
CA GLN B 13 6.50 -5.15 11.44
C GLN B 13 5.48 -4.17 12.02
N ARG B 14 5.95 -3.17 12.75
CA ARG B 14 5.07 -2.18 13.35
C ARG B 14 4.46 -1.26 12.30
N LEU B 15 5.23 -0.93 11.26
CA LEU B 15 4.72 -0.09 10.18
C LEU B 15 3.52 -0.77 9.53
N LYS B 16 3.64 -2.08 9.36
CA LYS B 16 2.56 -2.88 8.80
C LYS B 16 1.37 -2.88 9.75
N ASN B 17 1.66 -2.95 11.05
CA ASN B 17 0.62 -2.93 12.08
C ASN B 17 -0.12 -1.60 12.06
N GLU B 18 0.59 -0.55 11.67
CA GLU B 18 0.00 0.78 11.61
C GLU B 18 -0.93 0.87 10.41
N ARG B 19 -0.49 0.30 9.29
CA ARG B 19 -1.29 0.29 8.08
C ARG B 19 -2.51 -0.59 8.27
N HIS B 20 -2.37 -1.63 9.07
CA HIS B 20 -3.48 -2.53 9.38
C HIS B 20 -4.61 -1.75 10.05
N GLU B 21 -4.25 -0.99 11.08
CA GLU B 21 -5.21 -0.18 11.82
C GLU B 21 -5.78 0.93 10.93
N GLU B 22 -5.04 1.27 9.89
CA GLU B 22 -5.43 2.31 8.96
C GLU B 22 -6.37 1.75 7.89
N ALA B 23 -6.04 0.55 7.39
CA ALA B 23 -6.86 -0.11 6.38
C ALA B 23 -8.26 -0.39 6.92
N GLU B 24 -8.34 -0.81 8.17
CA GLU B 24 -9.62 -1.08 8.82
C GLU B 24 -10.37 0.23 9.04
N LEU B 25 -9.61 1.32 9.13
CA LEU B 25 -10.19 2.64 9.34
C LEU B 25 -10.73 3.17 8.02
N GLU B 26 -10.05 2.83 6.92
CA GLU B 26 -10.48 3.23 5.58
C GLU B 26 -11.86 2.64 5.31
N ARG B 27 -12.15 1.50 5.94
CA ARG B 27 -13.44 0.85 5.79
C ARG B 27 -14.50 1.69 6.49
N LEU B 28 -14.11 2.31 7.61
CA LEU B 28 -15.02 3.18 8.37
C LEU B 28 -15.21 4.49 7.61
N LYS B 29 -14.17 4.90 6.90
CA LYS B 29 -14.21 6.12 6.09
C LYS B 29 -15.39 6.06 5.10
N SER B 30 -15.66 4.86 4.61
CA SER B 30 -16.76 4.66 3.67
C SER B 30 -18.10 5.02 4.33
N GLU B 31 -18.24 4.65 5.60
CA GLU B 31 -19.46 4.95 6.35
C GLU B 31 -19.62 6.45 6.54
N ALA B 32 -18.50 7.13 6.76
CA ALA B 32 -18.51 8.58 6.93
C ALA B 32 -18.75 9.27 5.59
N ALA B 33 -18.15 8.71 4.54
CA ALA B 33 -18.30 9.24 3.20
C ALA B 33 -19.77 9.27 2.78
N ASP B 34 -20.42 8.13 2.88
CA ASP B 34 -21.83 8.02 2.51
C ASP B 34 -22.64 7.44 3.67
N HIS B 35 -23.59 8.21 4.16
CA HIS B 35 -24.42 7.81 5.29
C HIS B 35 -25.40 6.70 4.92
N ASP B 36 -25.78 6.63 3.66
CA ASP B 36 -26.69 5.60 3.19
C ASP B 36 -25.99 4.25 3.23
N LYS B 37 -24.77 4.21 2.68
CA LYS B 37 -23.95 3.01 2.69
C LYS B 37 -23.60 2.61 4.12
N LYS B 38 -23.46 3.62 4.98
CA LYS B 38 -23.15 3.41 6.39
C LYS B 38 -24.07 2.37 7.04
N GLU B 39 -25.37 2.47 6.78
CA GLU B 39 -26.33 1.55 7.36
C GLU B 39 -26.20 0.15 6.76
N ALA B 40 -25.71 0.09 5.53
CA ALA B 40 -25.52 -1.18 4.83
C ALA B 40 -24.44 -2.04 5.47
N GLU B 41 -23.34 -1.42 5.90
CA GLU B 41 -22.24 -2.14 6.53
C GLU B 41 -22.67 -2.97 7.74
N ARG B 42 -23.85 -2.68 8.27
CA ARG B 42 -24.40 -3.41 9.42
C ARG B 42 -24.65 -4.88 9.04
N LYS B 43 -24.59 -5.15 7.74
CA LYS B 43 -24.79 -6.49 7.22
C LYS B 43 -23.54 -7.34 7.53
N ALA B 44 -23.53 -7.94 8.72
CA ALA B 44 -22.39 -8.74 9.16
C ALA B 44 -22.42 -10.15 8.60
N LEU B 45 -23.58 -10.58 8.13
CA LEU B 45 -23.74 -11.93 7.56
C LEU B 45 -22.76 -12.19 6.42
N GLU B 46 -22.73 -11.30 5.43
CA GLU B 46 -21.84 -11.44 4.29
C GLU B 46 -20.41 -11.10 4.69
N ASP B 47 -20.29 -10.20 5.65
CA ASP B 47 -18.99 -9.75 6.14
C ASP B 47 -18.23 -10.91 6.81
N LYS B 48 -18.82 -11.44 7.88
CA LYS B 48 -18.20 -12.55 8.61
C LYS B 48 -18.09 -13.80 7.73
N LEU B 49 -19.18 -14.15 7.06
CA LEU B 49 -19.19 -15.32 6.20
C LEU B 49 -18.96 -14.93 4.74
N ALA B 50 -17.70 -14.65 4.42
CA ALA B 50 -17.32 -14.27 3.07
C ALA B 50 -17.06 -15.51 2.22
N ASP B 51 -17.98 -15.78 1.30
CA ASP B 51 -17.87 -16.95 0.43
C ASP B 51 -16.94 -16.68 -0.74
N TYR B 52 -16.93 -15.46 -1.23
CA TYR B 52 -16.10 -15.07 -2.36
C TYR B 52 -14.79 -14.46 -1.88
N TYR A 1 4.36 0.75 -30.54
CA TYR A 1 5.75 0.28 -30.63
C TYR A 1 5.92 -1.04 -29.89
N VAL A 2 5.89 -1.00 -28.57
CA VAL A 2 6.03 -2.20 -27.77
C VAL A 2 4.83 -2.36 -26.84
N GLU A 3 3.69 -2.68 -27.44
CA GLU A 3 2.46 -2.86 -26.68
C GLU A 3 2.06 -4.34 -26.67
N PHE A 4 2.61 -5.10 -27.61
CA PHE A 4 2.30 -6.52 -27.72
C PHE A 4 3.50 -7.37 -27.29
N SER A 5 4.02 -7.09 -26.09
CA SER A 5 5.16 -7.83 -25.57
C SER A 5 4.95 -8.18 -24.10
N GLU A 6 4.66 -9.44 -23.82
CA GLU A 6 4.45 -9.87 -22.44
C GLU A 6 5.68 -10.61 -21.92
N GLU A 7 6.11 -10.25 -20.72
CA GLU A 7 7.28 -10.86 -20.11
C GLU A 7 6.90 -11.75 -18.93
N CYS A 8 7.88 -12.45 -18.39
CA CYS A 8 7.64 -13.32 -17.26
C CYS A 8 8.24 -12.73 -15.99
N MET A 9 7.41 -12.61 -14.97
CA MET A 9 7.85 -12.05 -13.69
C MET A 9 8.30 -13.15 -12.72
N HIS A 10 8.94 -12.72 -11.63
CA HIS A 10 9.42 -13.64 -10.61
C HIS A 10 8.24 -14.41 -10.01
N GLY A 11 7.28 -13.68 -9.49
CA GLY A 11 6.12 -14.33 -8.90
C GLY A 11 5.44 -13.52 -7.83
N SER A 12 6.19 -13.03 -6.85
CA SER A 12 5.61 -12.27 -5.75
C SER A 12 5.78 -10.75 -5.92
N GLY A 13 6.58 -10.34 -6.90
CA GLY A 13 6.81 -8.92 -7.10
C GLY A 13 7.86 -8.32 -6.17
N GLU A 14 8.21 -9.08 -5.14
CA GLU A 14 9.20 -8.64 -4.16
C GLU A 14 10.55 -8.33 -4.82
N ASN A 15 10.88 -9.06 -5.88
CA ASN A 15 12.14 -8.88 -6.57
C ASN A 15 11.96 -8.05 -7.84
N TYR A 16 10.85 -7.33 -7.94
CA TYR A 16 10.58 -6.51 -9.11
C TYR A 16 10.97 -5.05 -8.88
N ASP A 17 11.76 -4.49 -9.79
CA ASP A 17 12.20 -3.10 -9.70
C ASP A 17 11.86 -2.40 -11.00
N GLY A 18 10.58 -2.14 -11.21
CA GLY A 18 10.15 -1.48 -12.43
C GLY A 18 9.91 0.00 -12.23
N LYS A 19 9.81 0.72 -13.34
CA LYS A 19 9.58 2.15 -13.30
C LYS A 19 8.09 2.47 -13.44
N ILE A 20 7.29 1.71 -12.70
CA ILE A 20 5.85 1.90 -12.73
C ILE A 20 5.42 2.81 -11.58
N SER A 21 4.83 3.95 -11.93
CA SER A 21 4.38 4.92 -10.93
C SER A 21 2.87 5.11 -11.00
N LYS A 22 2.23 4.27 -11.80
CA LYS A 22 0.78 4.33 -11.97
C LYS A 22 0.15 3.06 -11.42
N THR A 23 -1.06 3.19 -10.91
CA THR A 23 -1.78 2.05 -10.38
C THR A 23 -2.79 1.58 -11.41
N MET A 24 -3.63 0.61 -11.05
CA MET A 24 -4.63 0.12 -11.99
C MET A 24 -5.76 1.13 -12.17
N SER A 25 -5.99 1.95 -11.16
CA SER A 25 -7.03 2.97 -11.22
C SER A 25 -6.50 4.33 -11.73
N GLY A 26 -5.42 4.34 -12.50
CA GLY A 26 -4.88 5.61 -12.99
C GLY A 26 -4.26 6.52 -11.94
N LEU A 27 -4.40 6.17 -10.67
CA LEU A 27 -3.86 7.00 -9.59
C LEU A 27 -2.33 7.01 -9.60
N GLU A 28 -1.77 8.21 -9.57
CA GLU A 28 -0.32 8.39 -9.59
C GLU A 28 0.26 8.18 -8.19
N CYS A 29 1.33 7.39 -8.13
CA CYS A 29 1.99 7.07 -6.87
C CYS A 29 2.75 8.27 -6.29
N GLN A 30 2.56 8.47 -4.99
CA GLN A 30 3.23 9.54 -4.25
C GLN A 30 4.71 9.21 -4.08
N ALA A 31 5.56 10.23 -4.12
CA ALA A 31 6.99 10.03 -3.96
C ALA A 31 7.30 9.58 -2.53
N TRP A 32 8.08 8.52 -2.42
CA TRP A 32 8.44 7.95 -1.12
C TRP A 32 9.27 8.91 -0.28
N ASP A 33 10.34 9.43 -0.86
CA ASP A 33 11.23 10.35 -0.15
C ASP A 33 10.61 11.74 0.10
N SER A 34 9.44 11.99 -0.46
CA SER A 34 8.79 13.27 -0.27
C SER A 34 7.63 13.18 0.72
N GLN A 35 7.57 14.15 1.63
CA GLN A 35 6.52 14.18 2.63
C GLN A 35 5.30 14.91 2.07
N SER A 36 4.32 14.14 1.66
CA SER A 36 3.08 14.67 1.10
C SER A 36 2.07 14.85 2.21
N PRO A 37 1.04 15.71 2.01
CA PRO A 37 -0.04 15.94 2.99
C PRO A 37 -0.42 14.67 3.76
N HIS A 38 -0.29 13.52 3.10
CA HIS A 38 -0.57 12.24 3.74
C HIS A 38 0.74 11.71 4.34
N ALA A 39 0.77 11.64 5.67
CA ALA A 39 1.95 11.16 6.37
C ALA A 39 2.17 9.67 6.13
N HIS A 40 3.42 9.24 6.07
CA HIS A 40 3.73 7.85 5.83
C HIS A 40 4.94 7.42 6.67
N GLY A 41 4.84 6.23 7.24
CA GLY A 41 5.90 5.69 8.07
C GLY A 41 6.93 4.89 7.31
N TYR A 42 6.74 4.74 6.00
CA TYR A 42 7.67 3.96 5.20
C TYR A 42 8.79 4.85 4.64
N ILE A 43 9.62 5.35 5.54
CA ILE A 43 10.74 6.20 5.17
C ILE A 43 11.84 5.39 4.49
N PRO A 44 12.25 5.79 3.28
CA PRO A 44 13.30 5.10 2.51
C PRO A 44 14.63 5.00 3.25
N SER A 45 14.88 5.96 4.13
CA SER A 45 16.12 5.99 4.90
C SER A 45 16.16 4.87 5.94
N LYS A 46 15.01 4.24 6.17
CA LYS A 46 14.94 3.15 7.12
C LYS A 46 15.28 1.83 6.46
N PHE A 47 14.68 1.58 5.30
CA PHE A 47 14.95 0.36 4.55
C PHE A 47 15.40 0.71 3.12
N PRO A 48 16.64 1.20 2.96
CA PRO A 48 17.17 1.57 1.64
C PRO A 48 17.63 0.36 0.85
N ASN A 49 17.59 -0.80 1.49
CA ASN A 49 18.00 -2.05 0.86
C ASN A 49 16.91 -2.61 -0.05
N LYS A 50 15.78 -1.93 -0.12
CA LYS A 50 14.67 -2.39 -0.94
C LYS A 50 14.52 -1.55 -2.22
N ASN A 51 15.48 -0.64 -2.44
CA ASN A 51 15.47 0.22 -3.62
C ASN A 51 14.24 1.13 -3.65
N LEU A 52 13.98 1.78 -2.53
CA LEU A 52 12.84 2.68 -2.42
C LEU A 52 13.21 4.03 -3.01
N LYS A 53 13.10 4.16 -4.33
CA LYS A 53 13.46 5.40 -5.01
C LYS A 53 12.29 5.98 -5.81
N LYS A 54 12.37 7.27 -6.09
CA LYS A 54 11.38 8.00 -6.86
C LYS A 54 9.96 7.83 -6.31
N ASN A 55 9.09 7.22 -7.11
CA ASN A 55 7.70 7.00 -6.73
C ASN A 55 7.17 5.75 -7.42
N TYR A 56 8.04 4.76 -7.53
CA TYR A 56 7.66 3.50 -8.16
C TYR A 56 7.01 2.56 -7.14
N CYS A 57 6.24 1.61 -7.64
CA CYS A 57 5.55 0.65 -6.79
C CYS A 57 6.46 -0.52 -6.48
N ARG A 58 6.73 -0.75 -5.19
CA ARG A 58 7.61 -1.83 -4.79
C ARG A 58 7.01 -2.59 -3.61
N ASN A 59 7.66 -3.69 -3.25
CA ASN A 59 7.24 -4.51 -2.12
C ASN A 59 8.41 -4.66 -1.17
N PRO A 60 8.58 -3.70 -0.26
CA PRO A 60 9.68 -3.71 0.70
C PRO A 60 9.40 -4.48 1.98
N ASP A 61 8.16 -4.93 2.17
CA ASP A 61 7.79 -5.65 3.38
C ASP A 61 7.62 -7.16 3.12
N ARG A 62 7.61 -7.54 1.84
CA ARG A 62 7.44 -8.94 1.43
C ARG A 62 6.01 -9.43 1.65
N ASP A 63 5.08 -8.49 1.72
CA ASP A 63 3.67 -8.84 1.90
C ASP A 63 3.09 -9.51 0.65
N LEU A 64 1.78 -9.75 0.68
CA LEU A 64 1.06 -10.44 -0.38
C LEU A 64 1.38 -9.92 -1.78
N ARG A 65 1.34 -8.60 -1.97
CA ARG A 65 1.63 -8.04 -3.29
C ARG A 65 2.09 -6.58 -3.21
N PRO A 66 2.96 -6.16 -4.16
CA PRO A 66 3.50 -4.80 -4.21
C PRO A 66 2.41 -3.73 -4.16
N TRP A 67 2.75 -2.59 -3.59
CA TRP A 67 1.82 -1.49 -3.44
C TRP A 67 2.57 -0.19 -3.28
N CYS A 68 1.84 0.91 -3.29
CA CYS A 68 2.44 2.22 -3.12
C CYS A 68 1.39 3.23 -2.71
N PHE A 69 1.85 4.36 -2.19
CA PHE A 69 0.97 5.43 -1.78
C PHE A 69 0.47 6.19 -3.00
N THR A 70 -0.67 6.81 -2.88
CA THR A 70 -1.25 7.53 -4.00
C THR A 70 -1.48 8.99 -3.65
N THR A 71 -1.22 9.86 -4.61
CA THR A 71 -1.38 11.30 -4.41
C THR A 71 -2.85 11.73 -4.55
N ASP A 72 -3.75 10.91 -4.02
CA ASP A 72 -5.18 11.18 -4.07
C ASP A 72 -5.71 11.35 -2.65
N PRO A 73 -6.35 12.50 -2.37
CA PRO A 73 -6.90 12.80 -1.03
C PRO A 73 -7.94 11.80 -0.53
N ASN A 74 -8.47 10.97 -1.43
CA ASN A 74 -9.48 9.99 -1.06
C ASN A 74 -8.89 8.59 -0.93
N LYS A 75 -7.80 8.35 -1.63
CA LYS A 75 -7.14 7.04 -1.60
C LYS A 75 -5.68 7.21 -1.16
N ARG A 76 -5.39 6.78 0.07
CA ARG A 76 -4.02 6.88 0.60
C ARG A 76 -3.06 5.93 -0.12
N TRP A 77 -3.53 4.74 -0.45
CA TRP A 77 -2.69 3.77 -1.14
C TRP A 77 -3.56 2.83 -1.98
N GLU A 78 -2.94 2.21 -2.98
CA GLU A 78 -3.64 1.28 -3.86
C GLU A 78 -2.72 0.16 -4.31
N TYR A 79 -3.30 -0.99 -4.61
CA TYR A 79 -2.54 -2.15 -5.07
C TYR A 79 -2.24 -2.04 -6.57
N CYS A 80 -1.17 -2.68 -6.99
CA CYS A 80 -0.80 -2.68 -8.40
C CYS A 80 -0.77 -4.11 -8.92
N ASP A 81 -1.49 -4.37 -10.01
CA ASP A 81 -1.54 -5.70 -10.57
C ASP A 81 -0.41 -5.91 -11.56
N ILE A 82 0.42 -6.91 -11.28
CA ILE A 82 1.55 -7.23 -12.14
C ILE A 82 1.47 -8.70 -12.53
N PRO A 83 1.68 -9.03 -13.83
CA PRO A 83 1.64 -10.40 -14.35
C PRO A 83 2.37 -11.41 -13.46
N ARG A 84 1.67 -12.48 -13.09
CA ARG A 84 2.23 -13.51 -12.23
C ARG A 84 2.84 -14.64 -13.07
N CYS A 85 3.87 -15.28 -12.54
CA CYS A 85 4.53 -16.37 -13.25
C CYS A 85 3.75 -17.66 -13.04
N ALA A 86 3.18 -18.17 -14.11
CA ALA A 86 2.41 -19.41 -14.04
C ALA A 86 3.34 -20.60 -14.20
N ALA A 87 3.82 -20.80 -15.42
CA ALA A 87 4.72 -21.90 -15.71
C ALA A 87 5.86 -21.40 -16.59
N GLY B 1 19.69 -0.17 11.76
CA GLY B 1 18.38 -0.49 11.14
C GLY B 1 18.25 0.14 9.77
N SER B 2 18.86 -0.48 8.76
CA SER B 2 18.79 0.04 7.40
C SER B 2 19.00 -1.08 6.38
N VAL B 3 20.09 -1.81 6.52
CA VAL B 3 20.41 -2.89 5.59
C VAL B 3 20.26 -4.25 6.27
N GLU B 4 20.40 -4.25 7.59
CA GLU B 4 20.30 -5.49 8.37
C GLU B 4 18.83 -5.78 8.69
N LYS B 5 18.54 -7.03 9.01
CA LYS B 5 17.17 -7.41 9.35
C LYS B 5 16.87 -7.10 10.81
N LEU B 6 17.92 -7.08 11.63
CA LEU B 6 17.76 -6.80 13.06
C LEU B 6 17.22 -5.39 13.25
N THR B 7 16.21 -5.27 14.12
CA THR B 7 15.56 -3.99 14.41
C THR B 7 14.63 -3.58 13.28
N ALA B 8 15.11 -3.70 12.04
CA ALA B 8 14.33 -3.34 10.87
C ALA B 8 13.09 -4.22 10.73
N ASP B 9 13.29 -5.54 10.86
CA ASP B 9 12.20 -6.51 10.76
C ASP B 9 11.06 -6.15 11.72
N ALA B 10 11.41 -5.80 12.95
CA ALA B 10 10.43 -5.44 13.96
C ALA B 10 9.70 -4.16 13.58
N GLU B 11 10.46 -3.19 13.07
CA GLU B 11 9.90 -1.91 12.68
C GLU B 11 8.97 -2.07 11.48
N LEU B 12 9.39 -2.93 10.56
CA LEU B 12 8.62 -3.21 9.35
C LEU B 12 7.32 -3.91 9.71
N GLN B 13 7.41 -4.86 10.63
CA GLN B 13 6.24 -5.60 11.09
C GLN B 13 5.25 -4.67 11.78
N ARG B 14 5.78 -3.80 12.64
CA ARG B 14 4.93 -2.85 13.35
C ARG B 14 4.25 -1.90 12.38
N LEU B 15 4.98 -1.50 11.33
CA LEU B 15 4.43 -0.61 10.31
C LEU B 15 3.18 -1.23 9.70
N LYS B 16 3.19 -2.55 9.54
CA LYS B 16 2.05 -3.26 8.99
C LYS B 16 0.86 -3.15 9.96
N ASN B 17 1.16 -3.25 11.25
CA ASN B 17 0.14 -3.14 12.30
C ASN B 17 -0.51 -1.76 12.26
N GLU B 18 0.27 -0.76 11.86
CA GLU B 18 -0.21 0.61 11.80
C GLU B 18 -1.03 0.80 10.54
N ARG B 19 -0.55 0.22 9.44
CA ARG B 19 -1.21 0.32 8.15
C ARG B 19 -2.50 -0.49 8.08
N HIS B 20 -2.54 -1.64 8.76
CA HIS B 20 -3.73 -2.46 8.76
C HIS B 20 -4.89 -1.67 9.36
N GLU B 21 -4.60 -0.95 10.44
CA GLU B 21 -5.58 -0.13 11.11
C GLU B 21 -5.97 1.07 10.24
N GLU B 22 -5.10 1.38 9.28
CA GLU B 22 -5.34 2.51 8.38
C GLU B 22 -6.29 2.08 7.26
N ALA B 23 -5.97 0.94 6.63
CA ALA B 23 -6.78 0.41 5.55
C ALA B 23 -8.19 0.08 6.02
N GLU B 24 -8.28 -0.49 7.22
CA GLU B 24 -9.57 -0.86 7.78
C GLU B 24 -10.32 0.40 8.25
N LEU B 25 -9.58 1.48 8.47
CA LEU B 25 -10.19 2.74 8.87
C LEU B 25 -10.78 3.42 7.65
N GLU B 26 -10.19 3.16 6.49
CA GLU B 26 -10.67 3.70 5.23
C GLU B 26 -12.14 3.31 5.03
N ARG B 27 -12.51 2.14 5.56
CA ARG B 27 -13.89 1.68 5.48
C ARG B 27 -14.77 2.62 6.30
N LEU B 28 -14.30 2.96 7.50
CA LEU B 28 -15.04 3.87 8.37
C LEU B 28 -15.11 5.25 7.71
N LYS B 29 -14.01 5.63 7.06
CA LYS B 29 -13.93 6.90 6.35
C LYS B 29 -15.03 6.97 5.29
N SER B 30 -15.29 5.83 4.66
CA SER B 30 -16.33 5.73 3.65
C SER B 30 -17.71 5.88 4.32
N GLU B 31 -17.87 5.21 5.46
CA GLU B 31 -19.11 5.25 6.23
C GLU B 31 -19.39 6.67 6.75
N ALA B 32 -18.35 7.46 6.93
CA ALA B 32 -18.49 8.83 7.39
C ALA B 32 -19.04 9.71 6.27
N ALA B 33 -18.55 9.47 5.06
CA ALA B 33 -19.00 10.20 3.90
C ALA B 33 -20.49 10.00 3.69
N ASP B 34 -20.89 8.76 3.49
CA ASP B 34 -22.29 8.42 3.31
C ASP B 34 -22.84 7.73 4.55
N HIS B 35 -23.70 8.44 5.28
CA HIS B 35 -24.29 7.92 6.51
C HIS B 35 -25.20 6.73 6.24
N ASP B 36 -25.53 6.51 4.98
CA ASP B 36 -26.39 5.39 4.60
C ASP B 36 -25.59 4.09 4.54
N LYS B 37 -24.39 4.11 5.12
CA LYS B 37 -23.53 2.94 5.14
C LYS B 37 -23.60 2.23 6.50
N LYS B 38 -24.33 2.83 7.44
CA LYS B 38 -24.53 2.23 8.76
C LYS B 38 -25.77 1.36 8.67
N GLU B 39 -25.64 0.32 7.86
CA GLU B 39 -26.72 -0.58 7.51
C GLU B 39 -27.03 -1.73 8.47
N ALA B 40 -26.22 -2.07 9.51
CA ALA B 40 -26.74 -3.28 10.15
C ALA B 40 -27.55 -2.94 11.42
N GLU B 41 -26.91 -2.92 12.59
CA GLU B 41 -27.63 -2.47 13.78
C GLU B 41 -27.19 -1.09 14.24
N ARG B 42 -26.07 -1.05 14.97
CA ARG B 42 -25.47 0.18 15.43
C ARG B 42 -24.16 0.43 14.69
N LYS B 43 -23.30 -0.58 14.83
CA LYS B 43 -21.97 -0.59 14.26
C LYS B 43 -21.47 -2.04 14.17
N ALA B 44 -20.57 -2.32 13.25
CA ALA B 44 -20.04 -3.67 13.11
C ALA B 44 -18.67 -3.78 13.77
N LEU B 45 -18.24 -2.68 14.37
CA LEU B 45 -16.94 -2.60 15.05
C LEU B 45 -16.84 -3.56 16.23
N GLU B 46 -17.96 -3.99 16.78
CA GLU B 46 -17.95 -4.90 17.92
C GLU B 46 -18.38 -6.30 17.52
N ASP B 47 -19.18 -6.40 16.46
CA ASP B 47 -19.66 -7.69 15.99
C ASP B 47 -18.61 -8.42 15.18
N LYS B 48 -18.24 -7.83 14.04
CA LYS B 48 -17.24 -8.41 13.16
C LYS B 48 -15.86 -8.42 13.79
N LEU B 49 -15.35 -7.24 14.10
CA LEU B 49 -14.04 -7.11 14.71
C LEU B 49 -14.18 -6.84 16.20
N ALA B 50 -13.06 -6.63 16.87
CA ALA B 50 -13.06 -6.34 18.28
C ALA B 50 -13.11 -4.83 18.50
N ASP B 51 -14.09 -4.37 19.26
CA ASP B 51 -14.25 -2.94 19.53
C ASP B 51 -13.19 -2.46 20.51
N TYR B 52 -13.01 -1.15 20.59
CA TYR B 52 -12.02 -0.56 21.47
C TYR B 52 -12.71 0.16 22.62
N TYR A 1 3.59 0.27 -26.34
CA TYR A 1 4.30 -0.39 -27.47
C TYR A 1 3.37 -1.37 -28.18
N VAL A 2 3.03 -2.46 -27.49
CA VAL A 2 2.17 -3.48 -28.05
C VAL A 2 0.89 -3.64 -27.25
N GLU A 3 -0.02 -4.47 -27.75
CA GLU A 3 -1.30 -4.69 -27.09
C GLU A 3 -1.15 -5.65 -25.92
N PHE A 4 -0.27 -6.63 -26.07
CA PHE A 4 -0.04 -7.62 -25.03
C PHE A 4 1.26 -7.31 -24.29
N SER A 5 1.75 -8.24 -23.49
CA SER A 5 2.98 -8.05 -22.74
C SER A 5 3.67 -9.37 -22.46
N GLU A 6 4.87 -9.54 -23.01
CA GLU A 6 5.63 -10.76 -22.81
C GLU A 6 6.75 -10.54 -21.80
N GLU A 7 6.40 -10.48 -20.53
CA GLU A 7 7.39 -10.27 -19.48
C GLU A 7 7.12 -11.20 -18.31
N CYS A 8 8.18 -11.80 -17.79
CA CYS A 8 8.06 -12.73 -16.68
C CYS A 8 8.70 -12.16 -15.41
N MET A 9 7.91 -12.14 -14.35
CA MET A 9 8.37 -11.65 -13.07
C MET A 9 8.76 -12.82 -12.16
N HIS A 10 9.41 -12.52 -11.04
CA HIS A 10 9.83 -13.57 -10.11
C HIS A 10 8.63 -14.31 -9.57
N GLY A 11 7.63 -13.59 -9.08
CA GLY A 11 6.45 -14.25 -8.56
C GLY A 11 5.71 -13.47 -7.50
N SER A 12 6.40 -13.02 -6.45
CA SER A 12 5.76 -12.29 -5.36
C SER A 12 5.96 -10.78 -5.45
N GLY A 13 6.75 -10.33 -6.42
CA GLY A 13 7.02 -8.90 -6.55
C GLY A 13 8.02 -8.38 -5.54
N GLU A 14 8.42 -9.25 -4.60
CA GLU A 14 9.37 -8.89 -3.55
C GLU A 14 10.71 -8.40 -4.13
N ASN A 15 11.07 -8.88 -5.31
CA ASN A 15 12.32 -8.48 -5.94
C ASN A 15 12.06 -7.74 -7.25
N TYR A 16 10.86 -7.20 -7.39
CA TYR A 16 10.50 -6.47 -8.59
C TYR A 16 10.98 -5.02 -8.48
N ASP A 17 11.83 -4.60 -9.40
CA ASP A 17 12.36 -3.24 -9.39
C ASP A 17 11.99 -2.57 -10.71
N GLY A 18 10.70 -2.30 -10.88
CA GLY A 18 10.22 -1.69 -12.10
C GLY A 18 10.01 -0.19 -11.98
N LYS A 19 9.77 0.45 -13.12
CA LYS A 19 9.56 1.88 -13.16
C LYS A 19 8.07 2.21 -13.28
N ILE A 20 7.26 1.43 -12.58
CA ILE A 20 5.83 1.62 -12.59
C ILE A 20 5.41 2.57 -11.49
N SER A 21 4.78 3.68 -11.86
CA SER A 21 4.35 4.68 -10.91
C SER A 21 2.84 4.92 -10.98
N LYS A 22 2.14 4.03 -11.66
CA LYS A 22 0.70 4.15 -11.80
C LYS A 22 0.03 2.84 -11.42
N THR A 23 -1.20 2.94 -10.93
CA THR A 23 -1.94 1.76 -10.52
C THR A 23 -2.83 1.29 -11.67
N MET A 24 -3.71 0.34 -11.40
CA MET A 24 -4.62 -0.16 -12.43
C MET A 24 -5.76 0.84 -12.63
N SER A 25 -6.04 1.62 -11.61
CA SER A 25 -7.11 2.62 -11.67
C SER A 25 -6.59 4.01 -12.06
N GLY A 26 -5.47 4.08 -12.77
CA GLY A 26 -4.92 5.38 -13.17
C GLY A 26 -4.36 6.23 -12.05
N LEU A 27 -4.42 5.72 -10.82
CA LEU A 27 -3.94 6.48 -9.67
C LEU A 27 -2.42 6.67 -9.73
N GLU A 28 -2.00 7.93 -9.63
CA GLU A 28 -0.58 8.28 -9.67
C GLU A 28 0.06 8.05 -8.30
N CYS A 29 1.16 7.35 -8.28
CA CYS A 29 1.87 7.04 -7.04
C CYS A 29 2.60 8.25 -6.47
N GLN A 30 2.44 8.44 -5.17
CA GLN A 30 3.10 9.51 -4.43
C GLN A 30 4.56 9.16 -4.19
N ALA A 31 5.44 10.15 -4.26
CA ALA A 31 6.86 9.93 -4.05
C ALA A 31 7.13 9.50 -2.61
N TRP A 32 7.87 8.41 -2.45
CA TRP A 32 8.18 7.84 -1.15
C TRP A 32 8.90 8.83 -0.23
N ASP A 33 9.96 9.44 -0.72
CA ASP A 33 10.74 10.40 0.08
C ASP A 33 10.09 11.80 0.13
N SER A 34 8.89 11.92 -0.42
CA SER A 34 8.18 13.19 -0.42
C SER A 34 7.12 13.23 0.68
N GLN A 35 7.10 14.33 1.44
CA GLN A 35 6.14 14.50 2.50
C GLN A 35 4.80 14.98 1.93
N SER A 36 3.96 14.01 1.64
CA SER A 36 2.64 14.26 1.08
C SER A 36 1.62 14.37 2.20
N PRO A 37 0.48 15.07 1.96
CA PRO A 37 -0.60 15.22 2.94
C PRO A 37 -0.93 13.91 3.66
N HIS A 38 -0.69 12.80 2.98
CA HIS A 38 -0.91 11.48 3.55
C HIS A 38 0.37 11.02 4.23
N ALA A 39 0.38 11.02 5.55
CA ALA A 39 1.56 10.62 6.31
C ALA A 39 1.85 9.14 6.11
N HIS A 40 3.12 8.77 6.13
CA HIS A 40 3.52 7.39 5.94
C HIS A 40 4.75 7.04 6.76
N GLY A 41 4.76 5.83 7.29
CA GLY A 41 5.87 5.37 8.11
C GLY A 41 6.94 4.62 7.34
N TYR A 42 6.79 4.54 6.03
CA TYR A 42 7.76 3.80 5.21
C TYR A 42 8.77 4.73 4.54
N ILE A 43 9.56 5.42 5.37
CA ILE A 43 10.58 6.33 4.88
C ILE A 43 11.75 5.54 4.28
N PRO A 44 12.18 5.88 3.05
CA PRO A 44 13.29 5.20 2.36
C PRO A 44 14.59 5.15 3.17
N SER A 45 14.75 6.09 4.10
CA SER A 45 15.95 6.15 4.94
C SER A 45 16.01 4.97 5.92
N LYS A 46 14.92 4.21 6.00
CA LYS A 46 14.86 3.07 6.90
C LYS A 46 15.34 1.80 6.21
N PHE A 47 14.77 1.49 5.05
CA PHE A 47 15.16 0.28 4.31
C PHE A 47 15.66 0.64 2.91
N PRO A 48 16.95 0.98 2.78
CA PRO A 48 17.56 1.33 1.49
C PRO A 48 17.89 0.09 0.66
N ASN A 49 17.77 -1.07 1.29
CA ASN A 49 18.08 -2.35 0.64
C ASN A 49 16.99 -2.76 -0.34
N LYS A 50 15.84 -2.10 -0.27
CA LYS A 50 14.73 -2.43 -1.16
C LYS A 50 14.70 -1.49 -2.37
N ASN A 51 15.63 -0.53 -2.37
CA ASN A 51 15.74 0.46 -3.45
C ASN A 51 14.49 1.33 -3.54
N LEU A 52 14.19 2.02 -2.45
CA LEU A 52 13.03 2.90 -2.38
C LEU A 52 13.36 4.23 -3.03
N LYS A 53 13.12 4.34 -4.33
CA LYS A 53 13.42 5.56 -5.06
C LYS A 53 12.22 6.07 -5.86
N LYS A 54 12.21 7.38 -6.09
CA LYS A 54 11.17 8.05 -6.87
C LYS A 54 9.76 7.81 -6.31
N ASN A 55 8.93 7.18 -7.13
CA ASN A 55 7.56 6.91 -6.76
C ASN A 55 7.09 5.62 -7.43
N TYR A 56 8.01 4.67 -7.54
CA TYR A 56 7.70 3.40 -8.15
C TYR A 56 7.03 2.46 -7.15
N CYS A 57 6.26 1.52 -7.67
CA CYS A 57 5.54 0.56 -6.84
C CYS A 57 6.48 -0.58 -6.46
N ARG A 58 6.68 -0.78 -5.16
CA ARG A 58 7.58 -1.82 -4.69
C ARG A 58 6.97 -2.58 -3.50
N ASN A 59 7.57 -3.72 -3.17
CA ASN A 59 7.11 -4.52 -2.04
C ASN A 59 8.18 -4.48 -0.95
N PRO A 60 8.01 -3.61 0.04
CA PRO A 60 8.97 -3.44 1.12
C PRO A 60 8.73 -4.30 2.36
N ASP A 61 7.53 -4.86 2.52
CA ASP A 61 7.22 -5.67 3.70
C ASP A 61 7.26 -7.17 3.41
N ARG A 62 7.33 -7.55 2.13
CA ARG A 62 7.31 -8.96 1.72
C ARG A 62 5.90 -9.51 1.86
N ASP A 63 4.96 -8.59 1.87
CA ASP A 63 3.55 -8.92 2.01
C ASP A 63 2.97 -9.54 0.73
N LEU A 64 1.64 -9.53 0.63
CA LEU A 64 0.93 -10.13 -0.50
C LEU A 64 1.49 -9.72 -1.86
N ARG A 65 1.70 -8.43 -2.05
CA ARG A 65 2.23 -7.95 -3.31
C ARG A 65 2.66 -6.48 -3.22
N PRO A 66 3.47 -6.01 -4.18
CA PRO A 66 3.93 -4.61 -4.21
C PRO A 66 2.78 -3.61 -4.13
N TRP A 67 3.05 -2.49 -3.51
CA TRP A 67 2.05 -1.44 -3.31
C TRP A 67 2.75 -0.11 -3.17
N CYS A 68 1.99 0.95 -3.25
CA CYS A 68 2.56 2.28 -3.12
C CYS A 68 1.50 3.29 -2.71
N PHE A 69 1.96 4.42 -2.22
CA PHE A 69 1.07 5.49 -1.81
C PHE A 69 0.56 6.24 -3.02
N THR A 70 -0.58 6.89 -2.90
CA THR A 70 -1.17 7.57 -4.04
C THR A 70 -1.56 9.00 -3.71
N THR A 71 -1.48 9.86 -4.72
CA THR A 71 -1.83 11.27 -4.56
C THR A 71 -3.34 11.51 -4.57
N ASP A 72 -4.12 10.51 -4.17
CA ASP A 72 -5.56 10.65 -4.15
C ASP A 72 -6.05 10.72 -2.71
N PRO A 73 -6.72 11.83 -2.34
CA PRO A 73 -7.23 12.07 -0.98
C PRO A 73 -8.13 10.96 -0.41
N ASN A 74 -8.63 10.08 -1.27
CA ASN A 74 -9.52 9.01 -0.82
C ASN A 74 -8.78 7.66 -0.78
N LYS A 75 -7.70 7.57 -1.55
CA LYS A 75 -6.91 6.35 -1.61
C LYS A 75 -5.47 6.64 -1.21
N ARG A 76 -5.15 6.41 0.06
CA ARG A 76 -3.81 6.68 0.57
C ARG A 76 -2.77 5.77 -0.08
N TRP A 77 -3.16 4.53 -0.33
CA TRP A 77 -2.29 3.56 -0.97
C TRP A 77 -3.14 2.48 -1.63
N GLU A 78 -2.54 1.73 -2.53
CA GLU A 78 -3.24 0.68 -3.25
C GLU A 78 -2.29 -0.41 -3.72
N TYR A 79 -2.86 -1.56 -4.05
CA TYR A 79 -2.09 -2.70 -4.53
C TYR A 79 -2.00 -2.66 -6.05
N CYS A 80 -0.82 -3.00 -6.59
CA CYS A 80 -0.63 -2.99 -8.04
C CYS A 80 -0.59 -4.41 -8.56
N ASP A 81 -1.25 -4.65 -9.68
CA ASP A 81 -1.28 -5.99 -10.27
C ASP A 81 -0.12 -6.19 -11.23
N ILE A 82 0.78 -7.10 -10.87
CA ILE A 82 1.93 -7.41 -11.68
C ILE A 82 1.97 -8.92 -11.96
N PRO A 83 2.20 -9.32 -13.23
CA PRO A 83 2.24 -10.72 -13.64
C PRO A 83 3.02 -11.64 -12.70
N ARG A 84 2.39 -12.75 -12.32
CA ARG A 84 2.99 -13.73 -11.43
C ARG A 84 3.47 -14.94 -12.22
N CYS A 85 4.46 -15.65 -11.70
CA CYS A 85 5.02 -16.81 -12.39
C CYS A 85 4.31 -18.09 -11.97
N ALA A 86 3.80 -18.82 -12.95
CA ALA A 86 3.11 -20.06 -12.67
C ALA A 86 4.03 -21.25 -12.97
N ALA A 87 4.35 -21.44 -14.24
CA ALA A 87 5.23 -22.51 -14.66
C ALA A 87 6.62 -21.97 -14.89
N GLY B 1 15.61 5.80 10.04
CA GLY B 1 17.04 5.41 9.98
C GLY B 1 17.23 3.92 9.84
N SER B 2 18.49 3.48 9.81
CA SER B 2 18.81 2.06 9.66
C SER B 2 19.05 1.35 10.99
N VAL B 3 19.94 1.89 11.81
CA VAL B 3 20.26 1.25 13.09
C VAL B 3 19.62 1.95 14.28
N GLU B 4 19.04 3.12 14.06
CA GLU B 4 18.40 3.87 15.14
C GLU B 4 17.10 3.21 15.58
N LYS B 5 16.38 2.59 14.64
CA LYS B 5 15.13 1.93 14.96
C LYS B 5 15.41 0.59 15.62
N LEU B 6 14.57 0.20 16.57
CA LEU B 6 14.75 -1.05 17.29
C LEU B 6 13.90 -2.17 16.67
N THR B 7 14.59 -3.18 16.15
CA THR B 7 13.96 -4.34 15.55
C THR B 7 13.12 -3.97 14.32
N ALA B 8 13.72 -4.12 13.14
CA ALA B 8 13.05 -3.82 11.89
C ALA B 8 11.76 -4.61 11.72
N ASP B 9 11.84 -5.90 12.06
CA ASP B 9 10.69 -6.80 11.95
C ASP B 9 9.51 -6.34 12.80
N ALA B 10 9.79 -5.99 14.05
CA ALA B 10 8.73 -5.56 14.97
C ALA B 10 8.09 -4.26 14.50
N GLU B 11 8.91 -3.36 14.00
CA GLU B 11 8.43 -2.07 13.53
C GLU B 11 7.60 -2.24 12.25
N LEU B 12 8.07 -3.11 11.36
CA LEU B 12 7.38 -3.36 10.10
C LEU B 12 6.05 -4.06 10.36
N GLN B 13 6.02 -4.93 11.37
CA GLN B 13 4.80 -5.64 11.70
C GLN B 13 3.78 -4.66 12.26
N ARG B 14 4.24 -3.75 13.09
CA ARG B 14 3.36 -2.74 13.68
C ARG B 14 2.86 -1.79 12.60
N LEU B 15 3.72 -1.47 11.64
CA LEU B 15 3.34 -0.60 10.53
C LEU B 15 2.22 -1.24 9.73
N LYS B 16 2.26 -2.57 9.66
CA LYS B 16 1.24 -3.34 8.96
C LYS B 16 -0.07 -3.18 9.69
N ASN B 17 0.00 -3.19 11.02
CA ASN B 17 -1.17 -3.04 11.87
C ASN B 17 -1.71 -1.62 11.77
N GLU B 18 -0.84 -0.69 11.39
CA GLU B 18 -1.21 0.71 11.24
C GLU B 18 -1.95 0.92 9.94
N ARG B 19 -1.42 0.34 8.86
CA ARG B 19 -2.03 0.47 7.55
C ARG B 19 -3.34 -0.34 7.49
N HIS B 20 -3.34 -1.47 8.19
CA HIS B 20 -4.51 -2.34 8.25
C HIS B 20 -5.70 -1.58 8.86
N GLU B 21 -5.46 -0.95 10.01
CA GLU B 21 -6.50 -0.18 10.67
C GLU B 21 -6.81 1.09 9.90
N GLU B 22 -5.87 1.49 9.05
CA GLU B 22 -6.01 2.69 8.24
C GLU B 22 -6.95 2.44 7.06
N ALA B 23 -6.66 1.39 6.30
CA ALA B 23 -7.47 1.05 5.14
C ALA B 23 -8.91 0.75 5.54
N GLU B 24 -9.08 0.06 6.67
CA GLU B 24 -10.41 -0.29 7.14
C GLU B 24 -11.14 0.94 7.69
N LEU B 25 -10.36 1.95 8.08
CA LEU B 25 -10.94 3.18 8.59
C LEU B 25 -11.47 4.01 7.43
N GLU B 26 -10.72 3.98 6.32
CA GLU B 26 -11.11 4.68 5.12
C GLU B 26 -12.40 4.08 4.58
N ARG B 27 -12.61 2.80 4.86
CA ARG B 27 -13.82 2.12 4.43
C ARG B 27 -15.03 2.73 5.11
N LEU B 28 -14.87 3.07 6.38
CA LEU B 28 -15.94 3.70 7.15
C LEU B 28 -16.06 5.18 6.76
N LYS B 29 -14.95 5.76 6.34
CA LYS B 29 -14.93 7.16 5.90
C LYS B 29 -15.86 7.34 4.71
N SER B 30 -15.95 6.32 3.86
CA SER B 30 -16.81 6.35 2.70
C SER B 30 -18.27 6.69 3.07
N GLU B 31 -18.65 6.36 4.30
CA GLU B 31 -20.00 6.63 4.79
C GLU B 31 -20.26 8.14 4.92
N ALA B 32 -19.18 8.92 4.97
CA ALA B 32 -19.31 10.37 5.09
C ALA B 32 -19.86 10.97 3.80
N ALA B 33 -19.51 10.33 2.68
CA ALA B 33 -19.98 10.77 1.37
C ALA B 33 -21.50 10.75 1.31
N ASP B 34 -22.08 9.58 1.58
CA ASP B 34 -23.53 9.44 1.58
C ASP B 34 -23.97 8.69 2.84
N HIS B 35 -24.94 9.25 3.55
CA HIS B 35 -25.43 8.65 4.78
C HIS B 35 -26.32 7.43 4.53
N ASP B 36 -26.85 7.29 3.31
CA ASP B 36 -27.73 6.18 3.00
C ASP B 36 -26.95 4.87 2.94
N LYS B 37 -25.76 4.92 2.35
CA LYS B 37 -24.92 3.73 2.25
C LYS B 37 -24.25 3.40 3.58
N LYS B 38 -24.41 4.29 4.56
CA LYS B 38 -23.83 4.10 5.88
C LYS B 38 -24.44 2.89 6.58
N GLU B 39 -25.58 2.44 6.08
CA GLU B 39 -26.26 1.30 6.65
C GLU B 39 -25.55 0.01 6.24
N ALA B 40 -25.17 -0.07 4.97
CA ALA B 40 -24.50 -1.24 4.43
C ALA B 40 -23.01 -1.22 4.74
N GLU B 41 -22.37 -0.09 4.46
CA GLU B 41 -20.93 0.08 4.70
C GLU B 41 -20.55 -0.32 6.11
N ARG B 42 -21.30 0.20 7.10
CA ARG B 42 -21.10 -0.11 8.52
C ARG B 42 -20.98 -1.59 8.85
N LYS B 43 -21.33 -2.48 7.91
CA LYS B 43 -21.26 -3.94 8.11
C LYS B 43 -19.92 -4.37 8.72
N ALA B 44 -18.89 -3.52 8.61
CA ALA B 44 -17.58 -3.82 9.17
C ALA B 44 -17.68 -4.20 10.64
N LEU B 45 -18.62 -3.55 11.34
CA LEU B 45 -18.86 -3.84 12.76
C LEU B 45 -19.15 -5.32 12.96
N GLU B 46 -19.90 -5.92 12.04
CA GLU B 46 -20.23 -7.33 12.11
C GLU B 46 -18.98 -8.17 11.98
N ASP B 47 -18.09 -7.76 11.09
CA ASP B 47 -16.82 -8.44 10.87
C ASP B 47 -16.00 -8.50 12.16
N LYS B 48 -16.03 -7.42 12.92
CA LYS B 48 -15.28 -7.34 14.18
C LYS B 48 -16.01 -8.10 15.30
N LEU B 49 -17.25 -8.49 15.06
CA LEU B 49 -18.04 -9.21 16.05
C LEU B 49 -17.60 -10.67 16.16
N ALA B 50 -16.77 -11.12 15.22
CA ALA B 50 -16.29 -12.49 15.23
C ALA B 50 -15.13 -12.65 16.20
N ASP B 51 -13.95 -12.21 15.79
CA ASP B 51 -12.75 -12.31 16.62
C ASP B 51 -11.72 -11.29 16.14
N TYR B 52 -10.45 -11.52 16.45
CA TYR B 52 -9.40 -10.61 16.02
C TYR B 52 -8.66 -11.19 14.83
N TYR A 1 -7.55 1.70 -23.23
CA TYR A 1 -6.87 0.42 -22.95
C TYR A 1 -5.74 0.63 -21.96
N VAL A 2 -5.29 -0.45 -21.33
CA VAL A 2 -4.20 -0.36 -20.36
C VAL A 2 -2.91 -0.91 -20.95
N GLU A 3 -1.86 -0.93 -20.14
CA GLU A 3 -0.56 -1.42 -20.58
C GLU A 3 -0.49 -2.94 -20.44
N PHE A 4 0.10 -3.59 -21.42
CA PHE A 4 0.24 -5.04 -21.40
C PHE A 4 1.71 -5.41 -21.22
N SER A 5 1.96 -6.41 -20.40
CA SER A 5 3.32 -6.86 -20.15
C SER A 5 3.45 -8.35 -20.49
N GLU A 6 4.50 -8.70 -21.24
CA GLU A 6 4.71 -10.09 -21.64
C GLU A 6 5.98 -10.67 -21.00
N GLU A 7 6.78 -9.81 -20.37
CA GLU A 7 8.00 -10.26 -19.71
C GLU A 7 7.69 -11.23 -18.57
N CYS A 8 8.70 -11.93 -18.07
CA CYS A 8 8.48 -12.89 -17.01
C CYS A 8 8.99 -12.35 -15.67
N MET A 9 8.10 -12.37 -14.69
CA MET A 9 8.42 -11.89 -13.36
C MET A 9 8.83 -13.04 -12.45
N HIS A 10 9.36 -12.70 -11.27
CA HIS A 10 9.80 -13.69 -10.30
C HIS A 10 8.62 -14.45 -9.70
N GLY A 11 7.61 -13.73 -9.22
CA GLY A 11 6.45 -14.40 -8.65
C GLY A 11 5.61 -13.53 -7.75
N SER A 12 6.19 -13.00 -6.68
CA SER A 12 5.44 -12.19 -5.73
C SER A 12 5.66 -10.69 -5.94
N GLY A 13 6.50 -10.32 -6.89
CA GLY A 13 6.75 -8.90 -7.14
C GLY A 13 7.69 -8.25 -6.14
N GLU A 14 7.99 -8.97 -5.05
CA GLU A 14 8.87 -8.45 -4.01
C GLU A 14 10.26 -8.16 -4.55
N ASN A 15 10.76 -9.04 -5.41
CA ASN A 15 12.08 -8.87 -5.99
C ASN A 15 12.02 -8.12 -7.31
N TYR A 16 10.92 -7.43 -7.56
CA TYR A 16 10.77 -6.68 -8.80
C TYR A 16 11.05 -5.20 -8.57
N ASP A 17 11.87 -4.63 -9.44
CA ASP A 17 12.24 -3.23 -9.37
C ASP A 17 11.99 -2.57 -10.72
N GLY A 18 10.74 -2.27 -10.99
CA GLY A 18 10.39 -1.66 -12.26
C GLY A 18 10.08 -0.19 -12.13
N LYS A 19 10.08 0.51 -13.26
CA LYS A 19 9.80 1.93 -13.29
C LYS A 19 8.30 2.20 -13.38
N ILE A 20 7.55 1.51 -12.54
CA ILE A 20 6.11 1.66 -12.50
C ILE A 20 5.71 2.66 -11.42
N SER A 21 5.17 3.80 -11.84
CA SER A 21 4.76 4.83 -10.90
C SER A 21 3.25 5.05 -10.98
N LYS A 22 2.58 4.26 -11.80
CA LYS A 22 1.14 4.35 -11.96
C LYS A 22 0.48 3.10 -11.43
N THR A 23 -0.74 3.24 -10.93
CA THR A 23 -1.48 2.10 -10.40
C THR A 23 -2.44 1.61 -11.45
N MET A 24 -3.15 0.52 -11.15
CA MET A 24 -4.10 -0.04 -12.09
C MET A 24 -5.27 0.93 -12.31
N SER A 25 -5.58 1.70 -11.28
CA SER A 25 -6.68 2.67 -11.33
C SER A 25 -6.24 4.05 -11.83
N GLY A 26 -5.15 4.14 -12.61
CA GLY A 26 -4.70 5.43 -13.12
C GLY A 26 -4.13 6.39 -12.08
N LEU A 27 -4.15 6.01 -10.82
CA LEU A 27 -3.65 6.90 -9.77
C LEU A 27 -2.12 6.87 -9.69
N GLU A 28 -1.53 8.07 -9.70
CA GLU A 28 -0.07 8.20 -9.61
C GLU A 28 0.43 7.90 -8.20
N CYS A 29 1.52 7.15 -8.14
CA CYS A 29 2.13 6.78 -6.87
C CYS A 29 2.80 7.98 -6.20
N GLN A 30 2.64 8.04 -4.89
CA GLN A 30 3.22 9.09 -4.07
C GLN A 30 4.72 8.83 -3.88
N ALA A 31 5.50 9.90 -3.76
CA ALA A 31 6.94 9.77 -3.57
C ALA A 31 7.25 9.29 -2.15
N TRP A 32 8.13 8.31 -2.04
CA TRP A 32 8.48 7.74 -0.74
C TRP A 32 9.32 8.69 0.12
N ASP A 33 10.41 9.20 -0.42
CA ASP A 33 11.28 10.11 0.32
C ASP A 33 10.66 11.50 0.54
N SER A 34 9.61 11.81 -0.20
CA SER A 34 8.97 13.11 -0.09
C SER A 34 7.76 13.07 0.83
N GLN A 35 7.71 14.00 1.77
CA GLN A 35 6.60 14.06 2.71
C GLN A 35 5.40 14.73 2.05
N SER A 36 4.38 13.94 1.80
CA SER A 36 3.17 14.41 1.14
C SER A 36 2.01 14.36 2.13
N PRO A 37 0.95 15.19 1.91
CA PRO A 37 -0.24 15.25 2.76
C PRO A 37 -0.61 13.91 3.38
N HIS A 38 -0.56 12.85 2.59
CA HIS A 38 -0.84 11.52 3.08
C HIS A 38 0.40 10.99 3.78
N ALA A 39 0.36 11.00 5.11
CA ALA A 39 1.49 10.57 5.92
C ALA A 39 1.78 9.08 5.71
N HIS A 40 3.07 8.73 5.74
CA HIS A 40 3.49 7.35 5.54
C HIS A 40 4.70 7.04 6.42
N GLY A 41 4.72 5.83 6.95
CA GLY A 41 5.82 5.41 7.80
C GLY A 41 6.89 4.65 7.06
N TYR A 42 6.73 4.49 5.76
CA TYR A 42 7.70 3.76 4.94
C TYR A 42 8.75 4.67 4.32
N ILE A 43 9.55 5.30 5.18
CA ILE A 43 10.61 6.19 4.73
C ILE A 43 11.78 5.38 4.15
N PRO A 44 12.25 5.72 2.95
CA PRO A 44 13.36 5.02 2.26
C PRO A 44 14.64 4.94 3.08
N SER A 45 14.84 5.93 3.94
CA SER A 45 16.02 6.01 4.79
C SER A 45 16.08 4.87 5.81
N LYS A 46 14.98 4.13 5.94
CA LYS A 46 14.93 3.02 6.89
C LYS A 46 15.44 1.73 6.26
N PHE A 47 14.87 1.34 5.12
CA PHE A 47 15.28 0.11 4.44
C PHE A 47 15.76 0.40 3.01
N PRO A 48 17.04 0.78 2.85
CA PRO A 48 17.61 1.09 1.53
C PRO A 48 17.88 -0.18 0.72
N ASN A 49 17.64 -1.33 1.33
CA ASN A 49 17.86 -2.62 0.67
C ASN A 49 16.74 -2.94 -0.30
N LYS A 50 15.66 -2.17 -0.25
CA LYS A 50 14.53 -2.40 -1.13
C LYS A 50 14.51 -1.38 -2.26
N ASN A 51 15.54 -0.53 -2.30
CA ASN A 51 15.69 0.49 -3.33
C ASN A 51 14.45 1.38 -3.44
N LEU A 52 14.14 2.09 -2.36
CA LEU A 52 12.98 2.99 -2.35
C LEU A 52 13.36 4.30 -3.02
N LYS A 53 13.15 4.41 -4.33
CA LYS A 53 13.52 5.62 -5.05
C LYS A 53 12.34 6.23 -5.79
N LYS A 54 12.38 7.55 -5.92
CA LYS A 54 11.38 8.34 -6.62
C LYS A 54 9.96 8.09 -6.08
N ASN A 55 9.15 7.42 -6.90
CA ASN A 55 7.76 7.13 -6.54
C ASN A 55 7.33 5.85 -7.24
N TYR A 56 8.25 4.92 -7.34
CA TYR A 56 7.96 3.64 -7.98
C TYR A 56 7.22 2.71 -7.03
N CYS A 57 6.42 1.82 -7.59
CA CYS A 57 5.64 0.87 -6.81
C CYS A 57 6.51 -0.35 -6.50
N ARG A 58 6.60 -0.72 -5.24
CA ARG A 58 7.41 -1.87 -4.85
C ARG A 58 6.88 -2.52 -3.58
N ASN A 59 7.46 -3.65 -3.20
CA ASN A 59 7.05 -4.35 -2.00
C ASN A 59 8.21 -4.46 -1.02
N PRO A 60 8.29 -3.54 -0.07
CA PRO A 60 9.36 -3.52 0.92
C PRO A 60 9.02 -4.22 2.23
N ASP A 61 7.76 -4.62 2.40
CA ASP A 61 7.34 -5.26 3.66
C ASP A 61 7.29 -6.79 3.54
N ARG A 62 7.48 -7.30 2.32
CA ARG A 62 7.44 -8.76 2.07
C ARG A 62 6.02 -9.32 2.24
N ASP A 63 5.04 -8.44 2.11
CA ASP A 63 3.64 -8.84 2.22
C ASP A 63 3.17 -9.60 0.98
N LEU A 64 1.85 -9.61 0.76
CA LEU A 64 1.25 -10.35 -0.37
C LEU A 64 1.80 -9.91 -1.73
N ARG A 65 1.86 -8.60 -1.98
CA ARG A 65 2.36 -8.10 -3.27
C ARG A 65 2.55 -6.58 -3.26
N PRO A 66 3.39 -6.06 -4.20
CA PRO A 66 3.69 -4.63 -4.33
C PRO A 66 2.48 -3.71 -4.24
N TRP A 67 2.70 -2.57 -3.62
CA TRP A 67 1.68 -1.56 -3.42
C TRP A 67 2.36 -0.24 -3.17
N CYS A 68 1.61 0.85 -3.20
CA CYS A 68 2.18 2.16 -2.96
C CYS A 68 1.11 3.18 -2.64
N PHE A 69 1.54 4.30 -2.08
CA PHE A 69 0.64 5.39 -1.73
C PHE A 69 0.26 6.15 -2.98
N THR A 70 -0.87 6.82 -2.95
CA THR A 70 -1.33 7.54 -4.13
C THR A 70 -1.64 9.00 -3.81
N THR A 71 -1.39 9.88 -4.77
CA THR A 71 -1.63 11.30 -4.60
C THR A 71 -3.11 11.66 -4.76
N ASP A 72 -4.00 10.79 -4.29
CA ASP A 72 -5.43 11.03 -4.40
C ASP A 72 -6.05 11.15 -3.01
N PRO A 73 -6.81 12.24 -2.76
CA PRO A 73 -7.44 12.49 -1.44
C PRO A 73 -8.45 11.42 -1.02
N ASN A 74 -8.86 10.56 -1.95
CA ASN A 74 -9.83 9.51 -1.62
C ASN A 74 -9.13 8.17 -1.40
N LYS A 75 -7.97 8.00 -2.02
CA LYS A 75 -7.21 6.76 -1.90
C LYS A 75 -5.80 7.03 -1.39
N ARG A 76 -5.54 6.69 -0.13
CA ARG A 76 -4.22 6.90 0.45
C ARG A 76 -3.18 6.05 -0.26
N TRP A 77 -3.58 4.83 -0.61
CA TRP A 77 -2.70 3.90 -1.31
C TRP A 77 -3.51 2.93 -2.14
N GLU A 78 -2.84 2.26 -3.07
CA GLU A 78 -3.51 1.31 -3.95
C GLU A 78 -2.61 0.14 -4.30
N TYR A 79 -3.22 -0.89 -4.87
CA TYR A 79 -2.51 -2.09 -5.28
C TYR A 79 -2.24 -2.11 -6.78
N CYS A 80 -1.11 -2.68 -7.17
CA CYS A 80 -0.73 -2.77 -8.57
C CYS A 80 -0.65 -4.23 -8.98
N ASP A 81 -1.31 -4.58 -10.07
CA ASP A 81 -1.28 -5.96 -10.54
C ASP A 81 -0.09 -6.20 -11.45
N ILE A 82 0.78 -7.10 -11.03
CA ILE A 82 1.97 -7.44 -11.79
C ILE A 82 1.94 -8.93 -12.08
N PRO A 83 2.16 -9.33 -13.37
CA PRO A 83 2.16 -10.73 -13.79
C PRO A 83 3.00 -11.64 -12.90
N ARG A 84 2.44 -12.79 -12.57
CA ARG A 84 3.10 -13.78 -11.73
C ARG A 84 3.76 -14.86 -12.60
N CYS A 85 4.79 -15.49 -12.06
CA CYS A 85 5.51 -16.54 -12.79
C CYS A 85 4.66 -17.81 -12.83
N ALA A 86 5.03 -18.74 -13.70
CA ALA A 86 4.31 -19.99 -13.83
C ALA A 86 4.56 -20.90 -12.64
N ALA A 87 3.49 -21.23 -11.92
CA ALA A 87 3.59 -22.08 -10.75
C ALA A 87 2.39 -23.03 -10.68
N GLY B 1 15.63 7.23 10.56
CA GLY B 1 16.55 7.50 9.43
C GLY B 1 17.55 6.38 9.24
N SER B 2 18.63 6.66 8.54
CA SER B 2 19.67 5.67 8.29
C SER B 2 20.45 5.33 9.55
N VAL B 3 20.43 6.24 10.51
CA VAL B 3 21.14 6.02 11.77
C VAL B 3 20.25 5.22 12.72
N GLU B 4 19.08 5.77 13.00
CA GLU B 4 18.12 5.11 13.88
C GLU B 4 17.34 4.06 13.11
N LYS B 5 17.86 2.84 13.10
CA LYS B 5 17.23 1.73 12.40
C LYS B 5 17.18 0.50 13.30
N LEU B 6 17.06 0.73 14.60
CA LEU B 6 17.01 -0.36 15.56
C LEU B 6 15.67 -1.07 15.51
N THR B 7 15.70 -2.39 15.63
CA THR B 7 14.49 -3.22 15.59
C THR B 7 13.71 -2.96 14.29
N ALA B 8 14.44 -3.01 13.18
CA ALA B 8 13.86 -2.77 11.86
C ALA B 8 12.69 -3.68 11.54
N ASP B 9 12.84 -4.97 11.85
CA ASP B 9 11.79 -5.96 11.58
C ASP B 9 10.52 -5.65 12.37
N ALA B 10 10.69 -5.34 13.65
CA ALA B 10 9.55 -5.03 14.51
C ALA B 10 8.89 -3.73 14.09
N GLU B 11 9.73 -2.78 13.68
CA GLU B 11 9.26 -1.48 13.24
C GLU B 11 8.35 -1.62 12.03
N LEU B 12 8.85 -2.33 11.01
CA LEU B 12 8.09 -2.55 9.79
C LEU B 12 6.83 -3.35 10.08
N GLN B 13 6.95 -4.33 10.97
CA GLN B 13 5.82 -5.16 11.34
C GLN B 13 4.75 -4.33 12.03
N ARG B 14 5.17 -3.46 12.95
CA ARG B 14 4.24 -2.61 13.67
C ARG B 14 3.61 -1.61 12.70
N LEU B 15 4.40 -1.12 11.74
CA LEU B 15 3.90 -0.19 10.73
C LEU B 15 2.78 -0.87 9.95
N LYS B 16 2.96 -2.15 9.68
CA LYS B 16 1.96 -2.95 8.97
C LYS B 16 0.67 -2.99 9.79
N ASN B 17 0.84 -3.14 11.09
CA ASN B 17 -0.29 -3.17 12.03
C ASN B 17 -1.01 -1.83 12.06
N GLU B 18 -0.26 -0.77 11.81
CA GLU B 18 -0.81 0.58 11.81
C GLU B 18 -1.62 0.78 10.54
N ARG B 19 -1.08 0.29 9.42
CA ARG B 19 -1.76 0.40 8.13
C ARG B 19 -3.04 -0.44 8.12
N HIS B 20 -3.03 -1.51 8.91
CA HIS B 20 -4.19 -2.38 9.05
C HIS B 20 -5.38 -1.58 9.56
N GLU B 21 -5.15 -0.83 10.63
CA GLU B 21 -6.18 -0.01 11.25
C GLU B 21 -6.58 1.13 10.32
N GLU B 22 -5.71 1.46 9.39
CA GLU B 22 -5.96 2.53 8.45
C GLU B 22 -6.91 2.06 7.36
N ALA B 23 -6.58 0.91 6.77
CA ALA B 23 -7.39 0.32 5.70
C ALA B 23 -8.80 0.02 6.17
N GLU B 24 -8.91 -0.60 7.35
CA GLU B 24 -10.21 -0.96 7.90
C GLU B 24 -11.02 0.28 8.29
N LEU B 25 -10.32 1.37 8.60
CA LEU B 25 -11.00 2.60 8.98
C LEU B 25 -11.58 3.29 7.75
N GLU B 26 -10.84 3.22 6.64
CA GLU B 26 -11.29 3.80 5.39
C GLU B 26 -12.61 3.17 4.94
N ARG B 27 -12.79 1.89 5.30
CA ARG B 27 -14.02 1.18 4.97
C ARG B 27 -15.20 1.83 5.66
N LEU B 28 -15.01 2.19 6.92
CA LEU B 28 -16.07 2.85 7.69
C LEU B 28 -16.27 4.26 7.16
N LYS B 29 -15.18 4.87 6.70
CA LYS B 29 -15.23 6.22 6.13
C LYS B 29 -16.16 6.23 4.91
N SER B 30 -16.15 5.13 4.17
CA SER B 30 -16.99 4.98 2.99
C SER B 30 -18.47 5.04 3.40
N GLU B 31 -18.79 4.43 4.54
CA GLU B 31 -20.15 4.43 5.06
C GLU B 31 -20.51 5.81 5.59
N ALA B 32 -19.52 6.48 6.16
CA ALA B 32 -19.73 7.81 6.70
C ALA B 32 -20.05 8.79 5.57
N ALA B 33 -19.32 8.62 4.46
CA ALA B 33 -19.51 9.44 3.28
C ALA B 33 -20.93 9.29 2.74
N ASP B 34 -21.36 8.06 2.52
CA ASP B 34 -22.71 7.82 2.01
C ASP B 34 -23.58 7.19 3.08
N HIS B 35 -24.53 7.97 3.58
CA HIS B 35 -25.43 7.51 4.62
C HIS B 35 -26.33 6.36 4.16
N ASP B 36 -26.53 6.26 2.85
CA ASP B 36 -27.36 5.19 2.29
C ASP B 36 -26.70 3.84 2.51
N LYS B 37 -25.46 3.72 2.04
CA LYS B 37 -24.68 2.50 2.17
C LYS B 37 -24.53 2.11 3.64
N LYS B 38 -24.29 3.11 4.49
CA LYS B 38 -24.15 2.90 5.92
C LYS B 38 -25.29 2.06 6.50
N GLU B 39 -26.53 2.40 6.16
CA GLU B 39 -27.67 1.67 6.67
C GLU B 39 -27.82 0.32 5.98
N ALA B 40 -27.61 0.30 4.68
CA ALA B 40 -27.72 -0.92 3.90
C ALA B 40 -26.83 -2.03 4.44
N GLU B 41 -25.58 -1.68 4.76
CA GLU B 41 -24.62 -2.65 5.29
C GLU B 41 -24.94 -3.03 6.74
N ARG B 42 -25.79 -2.24 7.38
CA ARG B 42 -26.18 -2.48 8.77
C ARG B 42 -27.39 -3.40 8.81
N LYS B 43 -28.31 -3.15 7.88
CA LYS B 43 -29.56 -3.92 7.75
C LYS B 43 -29.32 -5.43 7.90
N ALA B 44 -28.32 -5.95 7.18
CA ALA B 44 -27.99 -7.38 7.25
C ALA B 44 -27.79 -7.86 8.68
N LEU B 45 -27.18 -7.03 9.51
CA LEU B 45 -26.92 -7.37 10.90
C LEU B 45 -28.21 -7.40 11.71
N GLU B 46 -29.13 -6.50 11.36
CA GLU B 46 -30.42 -6.39 12.04
C GLU B 46 -31.27 -7.64 11.79
N ASP B 47 -31.03 -8.29 10.66
CA ASP B 47 -31.76 -9.51 10.31
C ASP B 47 -31.13 -10.68 11.04
N LYS B 48 -29.80 -10.71 11.00
CA LYS B 48 -29.02 -11.75 11.65
C LYS B 48 -29.27 -11.76 13.16
N LEU B 49 -28.87 -10.71 13.84
CA LEU B 49 -29.07 -10.62 15.28
C LEU B 49 -30.34 -9.83 15.60
N ALA B 50 -31.47 -10.45 15.32
CA ALA B 50 -32.76 -9.82 15.58
C ALA B 50 -33.33 -10.31 16.91
N ASP B 51 -33.70 -9.37 17.77
CA ASP B 51 -34.23 -9.73 19.08
C ASP B 51 -35.68 -9.25 19.22
N TYR B 52 -36.31 -9.66 20.31
CA TYR B 52 -37.68 -9.28 20.57
C TYR B 52 -37.75 -8.51 21.88
#